data_2XCI
#
_entry.id   2XCI
#
_cell.length_a   132.500
_cell.length_b   45.820
_cell.length_c   144.070
_cell.angle_alpha   90.00
_cell.angle_beta   97.23
_cell.angle_gamma   90.00
#
_symmetry.space_group_name_H-M   'P 1 21 1'
#
loop_
_entity.id
_entity.type
_entity.pdbx_description
1 polymer '3-DEOXY-D-MANNO-2-OCTULOSONIC ACID TRANSFERASE'
2 non-polymer 'TETRAETHYLENE GLYCOL'
3 non-polymer GLYCEROL
4 non-polymer 'NICKEL (II) ION'
5 non-polymer 'CHLORIDE ION'
6 non-polymer BETA-MERCAPTOETHANOL
7 water water
#
_entity_poly.entity_id   1
_entity_poly.type   'polypeptide(L)'
_entity_poly.pdbx_seq_one_letter_code
;MGHHHHHHHHHHSSGHIEGRHMQFEVLKRFFPKESLKNCKGALWVHTASIGEFNTFLPILKELKREHRILLTYFSPRARE
YLKTKSDFYDCLHPLPLDNPFSVKRFEELSKPKALIVVEREFWPSLIIFTKVPKILVNAYAKGSLIEKILSKKFDLIIMR
TQEDVEKFKTFGAKRVFSCGNLKFICQKGKGIKLKGEFIVAGSIHTGEVEIILKAFKEIKKTYSSLKLILVPRHIENAKI
FEKKARDFGFKTSFFENLEGDVILVDRFGILKELYPVGKIAIVGGTFVNIGGHNLLEPTCWGIPVIYGPYTHKVNDLKEF
LEKEGAGFEVKNETELVTKLTELLSVKKEIKVEEKSREIKGCYLEKLREFLRGL
;
_entity_poly.pdbx_strand_id   A,B,C,D
#
loop_
_chem_comp.id
_chem_comp.type
_chem_comp.name
_chem_comp.formula
BME non-polymer BETA-MERCAPTOETHANOL 'C2 H6 O S'
CL non-polymer 'CHLORIDE ION' 'Cl -1'
GOL non-polymer GLYCEROL 'C3 H8 O3'
NI non-polymer 'NICKEL (II) ION' 'Ni 2'
PG4 non-polymer 'TETRAETHYLENE GLYCOL' 'C8 H18 O5'
#
# COMPACT_ATOMS: atom_id res chain seq x y z
N ARG A 20 14.58 -12.92 -39.03
CA ARG A 20 14.52 -11.63 -38.36
C ARG A 20 13.14 -10.98 -38.43
N HIS A 21 12.93 -10.15 -39.45
CA HIS A 21 11.72 -9.32 -39.50
C HIS A 21 11.69 -8.38 -38.30
N MET A 22 12.77 -8.41 -37.52
CA MET A 22 12.89 -7.55 -36.35
C MET A 22 13.54 -6.24 -36.73
N GLN A 23 13.12 -5.15 -36.08
CA GLN A 23 13.72 -3.85 -36.36
C GLN A 23 14.90 -3.59 -35.44
N PHE A 24 16.08 -3.45 -36.03
CA PHE A 24 17.28 -3.11 -35.26
C PHE A 24 17.41 -1.61 -35.02
N GLU A 25 16.65 -0.82 -35.76
CA GLU A 25 16.62 0.63 -35.58
C GLU A 25 18.01 1.24 -35.49
N VAL A 26 18.88 0.87 -36.42
CA VAL A 26 20.26 1.33 -36.40
C VAL A 26 20.33 2.84 -36.62
N LEU A 27 19.53 3.31 -37.56
CA LEU A 27 19.54 4.71 -37.93
C LEU A 27 19.16 5.58 -36.74
N LYS A 28 18.15 5.13 -36.00
CA LYS A 28 17.63 5.83 -34.83
C LYS A 28 18.66 5.86 -33.70
N ARG A 29 19.34 4.75 -33.50
CA ARG A 29 20.39 4.67 -32.49
C ARG A 29 21.56 5.61 -32.84
N PHE A 30 21.85 5.70 -34.12
CA PHE A 30 23.01 6.46 -34.57
C PHE A 30 22.71 7.95 -34.54
N PHE A 31 21.49 8.26 -34.93
CA PHE A 31 21.04 9.61 -35.09
C PHE A 31 19.68 9.72 -34.41
N PRO A 32 19.70 9.87 -33.08
CA PRO A 32 18.45 9.86 -32.30
C PRO A 32 17.39 10.81 -32.86
N LYS A 33 16.15 10.39 -32.74
CA LYS A 33 15.03 11.07 -33.38
C LYS A 33 14.80 12.48 -32.87
N GLU A 34 14.54 13.40 -33.78
CA GLU A 34 14.41 14.81 -33.43
C GLU A 34 13.27 14.97 -32.44
N SER A 35 12.22 14.19 -32.63
CA SER A 35 11.03 14.28 -31.79
C SER A 35 11.33 14.04 -30.31
N LEU A 36 12.51 13.51 -29.98
CA LEU A 36 12.92 13.39 -28.58
C LEU A 36 12.77 14.74 -27.87
N LYS A 37 12.81 15.82 -28.64
CA LYS A 37 12.60 17.16 -28.11
C LYS A 37 11.36 17.20 -27.25
N ASN A 38 10.27 16.67 -27.78
CA ASN A 38 8.96 16.73 -27.13
C ASN A 38 8.90 15.95 -25.83
N CYS A 39 10.06 15.57 -25.30
CA CYS A 39 10.13 14.81 -24.07
C CYS A 39 11.18 15.40 -23.12
N LYS A 40 11.39 16.70 -23.24
CA LYS A 40 12.42 17.39 -22.48
C LYS A 40 12.15 17.44 -20.98
N GLY A 41 13.22 17.23 -20.20
CA GLY A 41 13.14 17.34 -18.76
C GLY A 41 12.60 16.09 -18.12
N ALA A 42 12.52 15.00 -18.89
CA ALA A 42 11.97 13.75 -18.39
C ALA A 42 13.01 13.00 -17.56
N LEU A 43 12.52 12.05 -16.77
CA LEU A 43 13.39 11.05 -16.17
C LEU A 43 13.67 9.96 -17.20
N TRP A 44 14.94 9.63 -17.38
CA TRP A 44 15.40 8.67 -18.39
C TRP A 44 15.70 7.35 -17.70
N VAL A 45 14.96 6.32 -18.08
CA VAL A 45 15.14 5.00 -17.48
C VAL A 45 15.62 4.06 -18.58
N HIS A 46 16.75 3.39 -18.36
CA HIS A 46 17.26 2.45 -19.33
C HIS A 46 17.15 1.00 -18.85
N THR A 47 16.37 0.21 -19.59
CA THR A 47 16.23 -1.22 -19.33
C THR A 47 16.69 -1.99 -20.55
N ALA A 48 17.86 -2.62 -20.44
CA ALA A 48 18.52 -3.24 -21.58
C ALA A 48 17.53 -4.09 -22.39
N SER A 49 16.77 -4.94 -21.68
CA SER A 49 15.79 -5.81 -22.35
C SER A 49 14.60 -6.10 -21.44
N ILE A 50 13.76 -7.03 -21.84
CA ILE A 50 12.54 -7.36 -21.11
C ILE A 50 12.82 -7.67 -19.64
N GLY A 51 13.86 -8.44 -19.35
CA GLY A 51 14.08 -8.85 -17.97
C GLY A 51 14.28 -7.66 -17.04
N GLU A 52 15.15 -6.75 -17.46
CA GLU A 52 15.43 -5.59 -16.65
C GLU A 52 14.19 -4.76 -16.49
N PHE A 53 13.42 -4.65 -17.56
CA PHE A 53 12.22 -3.84 -17.46
C PHE A 53 11.28 -4.40 -16.40
N ASN A 54 11.02 -5.70 -16.48
CA ASN A 54 10.15 -6.34 -15.49
C ASN A 54 10.71 -6.25 -14.08
N THR A 55 12.02 -6.36 -13.96
CA THR A 55 12.66 -6.22 -12.66
C THR A 55 12.43 -4.83 -12.06
N PHE A 56 12.51 -3.79 -12.88
CA PHE A 56 12.38 -2.42 -12.38
C PHE A 56 10.92 -1.96 -12.32
N LEU A 57 10.03 -2.69 -12.99
CA LEU A 57 8.64 -2.26 -13.11
C LEU A 57 7.95 -1.73 -11.84
N PRO A 58 8.18 -2.39 -10.68
CA PRO A 58 7.45 -1.92 -9.49
C PRO A 58 7.90 -0.51 -9.07
N ILE A 59 9.18 -0.20 -9.29
CA ILE A 59 9.69 1.13 -8.98
C ILE A 59 9.23 2.14 -10.03
N LEU A 60 9.31 1.74 -11.30
CA LEU A 60 8.88 2.60 -12.40
C LEU A 60 7.43 3.02 -12.22
N LYS A 61 6.57 2.07 -11.81
CA LYS A 61 5.17 2.38 -11.57
C LYS A 61 4.99 3.55 -10.61
N GLU A 62 5.81 3.61 -9.58
CA GLU A 62 5.71 4.72 -8.63
C GLU A 62 6.36 6.00 -9.16
N LEU A 63 7.56 5.89 -9.73
CA LEU A 63 8.24 7.07 -10.27
C LEU A 63 7.39 7.71 -11.36
N LYS A 64 6.69 6.89 -12.12
CA LYS A 64 5.87 7.36 -13.21
C LYS A 64 4.77 8.33 -12.76
N ARG A 65 4.46 8.31 -11.47
CA ARG A 65 3.46 9.22 -10.91
C ARG A 65 4.01 10.63 -10.73
N GLU A 66 5.31 10.73 -10.51
CA GLU A 66 5.93 12.00 -10.17
C GLU A 66 6.89 12.52 -11.25
N HIS A 67 7.04 11.78 -12.33
CA HIS A 67 7.96 12.16 -13.38
C HIS A 67 7.45 11.74 -14.75
N ARG A 68 7.71 12.58 -15.75
CA ARG A 68 7.56 12.11 -17.12
C ARG A 68 8.68 11.10 -17.35
N ILE A 69 8.42 10.08 -18.18
CA ILE A 69 9.37 8.99 -18.35
C ILE A 69 9.84 8.82 -19.78
N LEU A 70 11.15 8.87 -19.97
CA LEU A 70 11.78 8.57 -21.24
C LEU A 70 12.43 7.21 -21.07
N LEU A 71 11.96 6.21 -21.82
CA LEU A 71 12.39 4.83 -21.61
C LEU A 71 13.24 4.36 -22.75
N THR A 72 14.43 3.85 -22.46
CA THR A 72 15.23 3.28 -23.53
C THR A 72 15.56 1.83 -23.26
N TYR A 73 15.92 1.11 -24.32
CA TYR A 73 16.22 -0.32 -24.24
C TYR A 73 17.34 -0.56 -25.22
N PHE A 74 18.09 -1.63 -25.00
CA PHE A 74 19.12 -2.01 -25.95
C PHE A 74 18.67 -3.11 -26.92
N SER A 75 18.12 -4.20 -26.41
CA SER A 75 17.79 -5.35 -27.26
C SER A 75 16.66 -5.08 -28.22
N PRO A 76 16.89 -5.34 -29.50
CA PRO A 76 15.82 -5.30 -30.48
C PRO A 76 14.64 -6.19 -30.05
N ARG A 77 14.94 -7.26 -29.31
CA ARG A 77 13.88 -8.19 -28.86
C ARG A 77 12.93 -7.58 -27.84
N ALA A 78 13.25 -6.40 -27.31
CA ALA A 78 12.40 -5.77 -26.31
C ALA A 78 11.37 -4.84 -26.94
N ARG A 79 11.64 -4.37 -28.15
CA ARG A 79 10.81 -3.29 -28.72
C ARG A 79 9.33 -3.61 -28.72
N GLU A 80 8.95 -4.73 -29.34
CA GLU A 80 7.54 -5.09 -29.42
C GLU A 80 6.91 -5.21 -28.03
N TYR A 81 7.58 -5.92 -27.13
CA TYR A 81 7.10 -6.06 -25.77
C TYR A 81 6.87 -4.69 -25.14
N LEU A 82 7.90 -3.82 -25.19
CA LEU A 82 7.81 -2.52 -24.53
C LEU A 82 6.66 -1.67 -25.08
N LYS A 83 6.34 -1.83 -26.36
CA LYS A 83 5.22 -1.07 -26.93
C LYS A 83 3.89 -1.44 -26.26
N THR A 84 3.82 -2.61 -25.64
CA THR A 84 2.60 -3.01 -24.95
C THR A 84 2.60 -2.47 -23.53
N LYS A 85 3.63 -1.72 -23.17
CA LYS A 85 3.77 -1.22 -21.82
C LYS A 85 3.64 0.29 -21.80
N SER A 86 3.02 0.82 -22.84
CA SER A 86 2.93 2.27 -23.02
C SER A 86 2.31 3.00 -21.82
N ASP A 87 1.73 2.26 -20.89
CA ASP A 87 1.12 2.86 -19.70
C ASP A 87 2.16 3.28 -18.66
N PHE A 88 3.37 2.78 -18.81
CA PHE A 88 4.41 3.03 -17.80
C PHE A 88 5.52 3.97 -18.29
N TYR A 89 5.30 4.64 -19.42
CA TYR A 89 6.26 5.60 -19.94
C TYR A 89 5.61 6.64 -20.87
N ASP A 90 6.34 7.71 -21.16
CA ASP A 90 5.86 8.81 -21.98
C ASP A 90 6.54 8.82 -23.33
N CYS A 91 7.80 8.38 -23.37
CA CYS A 91 8.54 8.28 -24.61
C CYS A 91 9.34 6.99 -24.63
N LEU A 92 9.45 6.40 -25.82
CA LEU A 92 10.18 5.15 -26.03
C LEU A 92 11.18 5.32 -27.17
N HIS A 93 12.41 4.85 -26.97
CA HIS A 93 13.45 5.02 -27.96
C HIS A 93 14.58 4.08 -27.60
N PRO A 94 15.22 3.49 -28.62
CA PRO A 94 16.39 2.65 -28.34
C PRO A 94 17.57 3.48 -27.82
N LEU A 95 18.40 2.86 -27.00
CA LEU A 95 19.64 3.47 -26.56
C LEU A 95 20.42 3.95 -27.77
N PRO A 96 21.05 5.13 -27.66
CA PRO A 96 21.91 5.60 -28.74
C PRO A 96 23.13 4.72 -28.88
N LEU A 97 23.67 4.60 -30.08
CA LEU A 97 24.91 3.84 -30.26
C LEU A 97 26.02 4.40 -29.37
N ASP A 98 27.03 3.59 -29.08
CA ASP A 98 28.02 4.02 -28.11
C ASP A 98 29.20 4.84 -28.67
N ASN A 99 28.88 5.97 -29.29
CA ASN A 99 29.92 6.93 -29.70
C ASN A 99 29.55 8.28 -29.15
N PRO A 100 30.55 9.16 -28.90
CA PRO A 100 30.29 10.43 -28.22
C PRO A 100 29.18 11.21 -28.87
N PHE A 101 29.17 11.26 -30.20
CA PHE A 101 28.22 12.12 -30.89
C PHE A 101 26.76 11.66 -30.79
N SER A 102 26.51 10.36 -30.94
CA SER A 102 25.14 9.88 -30.89
C SER A 102 24.58 10.07 -29.48
N VAL A 103 25.42 9.77 -28.51
CA VAL A 103 25.04 9.87 -27.10
C VAL A 103 24.75 11.34 -26.72
N LYS A 104 25.63 12.25 -27.16
CA LYS A 104 25.43 13.66 -26.85
C LYS A 104 24.21 14.18 -27.58
N ARG A 105 24.03 13.78 -28.84
CA ARG A 105 22.80 14.17 -29.54
C ARG A 105 21.55 13.70 -28.79
N PHE A 106 21.55 12.45 -28.33
CA PHE A 106 20.41 11.94 -27.55
C PHE A 106 20.16 12.89 -26.40
N GLU A 107 21.22 13.15 -25.64
CA GLU A 107 21.15 14.00 -24.45
C GLU A 107 20.75 15.47 -24.73
N GLU A 108 21.21 16.00 -25.85
CA GLU A 108 20.92 17.39 -26.18
C GLU A 108 19.45 17.54 -26.54
N LEU A 109 18.95 16.55 -27.28
CA LEU A 109 17.55 16.56 -27.68
C LEU A 109 16.59 16.42 -26.49
N SER A 110 16.91 15.50 -25.58
CA SER A 110 15.95 15.12 -24.55
C SER A 110 16.13 15.85 -23.20
N LYS A 111 17.29 16.46 -23.00
CA LYS A 111 17.57 17.13 -21.72
C LYS A 111 16.93 16.45 -20.50
N PRO A 112 17.33 15.20 -20.24
CA PRO A 112 16.75 14.41 -19.14
C PRO A 112 17.19 14.98 -17.79
N LYS A 113 16.38 14.79 -16.75
CA LYS A 113 16.73 15.31 -15.42
C LYS A 113 17.74 14.38 -14.76
N ALA A 114 17.75 13.13 -15.19
CA ALA A 114 18.60 12.10 -14.61
C ALA A 114 18.40 10.84 -15.44
N LEU A 115 19.30 9.88 -15.24
CA LEU A 115 19.25 8.62 -15.94
C LEU A 115 19.43 7.50 -14.94
N ILE A 116 18.49 6.57 -14.93
CA ILE A 116 18.58 5.40 -14.05
C ILE A 116 18.94 4.23 -14.95
N VAL A 117 20.07 3.60 -14.66
CA VAL A 117 20.47 2.42 -15.41
C VAL A 117 20.15 1.17 -14.56
N VAL A 118 19.42 0.23 -15.16
CA VAL A 118 18.98 -0.92 -14.39
C VAL A 118 20.00 -2.05 -14.51
N GLU A 119 20.63 -2.38 -13.38
CA GLU A 119 21.55 -3.52 -13.27
C GLU A 119 23.01 -3.26 -13.65
N ARG A 120 23.26 -2.93 -14.89
CA ARG A 120 24.66 -2.82 -15.29
C ARG A 120 24.88 -1.96 -16.51
N GLU A 121 24.72 -2.54 -17.69
CA GLU A 121 24.86 -1.74 -18.90
C GLU A 121 26.01 -0.71 -18.82
N PHE A 122 27.23 -1.18 -18.57
CA PHE A 122 28.38 -0.27 -18.59
C PHE A 122 28.76 0.13 -20.01
N TRP A 123 28.00 1.06 -20.58
CA TRP A 123 28.30 1.57 -21.90
C TRP A 123 29.25 2.78 -21.75
N PRO A 124 30.54 2.59 -22.08
CA PRO A 124 31.55 3.63 -21.79
C PRO A 124 31.25 5.00 -22.35
N SER A 125 30.97 5.13 -23.63
CA SER A 125 30.72 6.47 -24.18
C SER A 125 29.49 7.08 -23.54
N LEU A 126 28.46 6.27 -23.32
CA LEU A 126 27.25 6.73 -22.67
C LEU A 126 27.58 7.36 -21.31
N ILE A 127 28.37 6.64 -20.52
CA ILE A 127 28.66 7.02 -19.15
C ILE A 127 29.67 8.19 -19.10
N ILE A 128 30.70 8.13 -19.95
CA ILE A 128 31.75 9.17 -20.00
C ILE A 128 31.31 10.50 -20.61
N PHE A 129 30.59 10.42 -21.72
CA PHE A 129 30.26 11.64 -22.45
C PHE A 129 28.91 12.29 -22.19
N THR A 130 28.08 11.73 -21.30
CA THR A 130 26.88 12.48 -20.95
C THR A 130 27.08 13.24 -19.65
N LYS A 131 26.37 14.34 -19.53
CA LYS A 131 26.46 15.17 -18.33
C LYS A 131 25.30 14.84 -17.39
N VAL A 132 24.28 14.17 -17.91
CA VAL A 132 23.13 13.79 -17.08
C VAL A 132 23.62 13.13 -15.81
N PRO A 133 22.99 13.47 -14.67
CA PRO A 133 23.28 12.74 -13.43
C PRO A 133 22.80 11.29 -13.58
N LYS A 134 23.66 10.34 -13.20
CA LYS A 134 23.44 8.93 -13.48
C LYS A 134 23.32 8.10 -12.22
N ILE A 135 22.38 7.15 -12.25
CA ILE A 135 22.05 6.33 -11.10
C ILE A 135 22.03 4.85 -11.53
N LEU A 136 22.80 4.02 -10.83
CA LEU A 136 22.88 2.58 -11.13
C LEU A 136 22.06 1.84 -10.06
N VAL A 137 21.21 0.91 -10.48
CA VAL A 137 20.29 0.26 -9.55
C VAL A 137 20.38 -1.25 -9.64
N ASN A 138 20.35 -1.90 -8.48
CA ASN A 138 20.37 -3.36 -8.38
C ASN A 138 21.67 -3.97 -8.83
N ALA A 139 22.77 -3.27 -8.57
CA ALA A 139 24.07 -3.69 -9.07
C ALA A 139 24.80 -4.61 -8.09
N TYR A 140 25.77 -5.35 -8.60
CA TYR A 140 26.57 -6.25 -7.80
C TYR A 140 27.97 -6.00 -8.29
N ALA A 141 28.98 -6.46 -7.56
CA ALA A 141 30.35 -6.13 -7.91
C ALA A 141 31.08 -7.38 -8.37
N LYS A 142 31.66 -7.31 -9.56
CA LYS A 142 32.49 -8.39 -10.08
C LYS A 142 33.97 -8.11 -9.81
N GLY A 143 34.27 -6.86 -9.45
CA GLY A 143 35.62 -6.46 -9.09
C GLY A 143 36.54 -6.25 -10.28
N SER A 144 35.96 -6.10 -11.46
CA SER A 144 36.75 -5.97 -12.69
C SER A 144 37.24 -4.53 -12.90
N LEU A 145 38.20 -4.37 -13.79
CA LEU A 145 38.81 -3.07 -14.04
C LEU A 145 37.82 -2.03 -14.58
N ILE A 146 36.88 -2.47 -15.41
CA ILE A 146 35.90 -1.55 -15.98
C ILE A 146 35.01 -0.99 -14.87
N GLU A 147 34.78 -1.78 -13.82
CA GLU A 147 34.05 -1.31 -12.63
C GLU A 147 34.81 -0.20 -11.91
N LYS A 148 36.11 -0.41 -11.69
CA LYS A 148 36.93 0.58 -11.01
C LYS A 148 36.84 1.91 -11.74
N ILE A 149 36.83 1.84 -13.07
CA ILE A 149 36.90 3.02 -13.89
C ILE A 149 35.57 3.76 -14.01
N LEU A 150 34.48 3.02 -14.15
CA LEU A 150 33.22 3.67 -14.45
C LEU A 150 32.33 3.88 -13.22
N SER A 151 32.56 3.11 -12.17
CA SER A 151 31.62 3.14 -11.06
C SER A 151 31.59 4.54 -10.44
N LYS A 152 32.76 5.17 -10.34
CA LYS A 152 32.83 6.50 -9.74
C LYS A 152 32.12 7.57 -10.56
N LYS A 153 31.79 7.28 -11.82
CA LYS A 153 31.06 8.25 -12.66
C LYS A 153 29.56 8.32 -12.39
N PHE A 154 29.05 7.39 -11.58
CA PHE A 154 27.66 7.44 -11.16
C PHE A 154 27.52 8.35 -9.92
N ASP A 155 26.45 9.15 -9.90
CA ASP A 155 26.12 10.02 -8.77
C ASP A 155 25.49 9.26 -7.60
N LEU A 156 24.96 8.09 -7.88
CA LEU A 156 24.29 7.28 -6.88
C LEU A 156 24.26 5.84 -7.38
N ILE A 157 24.61 4.90 -6.51
CA ILE A 157 24.62 3.50 -6.88
C ILE A 157 23.89 2.72 -5.79
N ILE A 158 22.86 1.98 -6.17
CA ILE A 158 22.12 1.14 -5.23
C ILE A 158 22.39 -0.33 -5.52
N MET A 159 22.94 -1.03 -4.54
CA MET A 159 23.47 -2.37 -4.77
C MET A 159 22.68 -3.43 -4.01
N ARG A 160 22.93 -4.69 -4.36
CA ARG A 160 22.19 -5.82 -3.80
C ARG A 160 22.61 -6.18 -2.39
N THR A 161 23.91 -6.20 -2.14
CA THR A 161 24.41 -6.57 -0.83
C THR A 161 25.32 -5.51 -0.24
N GLN A 162 25.46 -5.54 1.09
CA GLN A 162 26.40 -4.64 1.75
C GLN A 162 27.82 -5.05 1.36
N GLU A 163 27.98 -6.29 0.91
CA GLU A 163 29.29 -6.78 0.47
C GLU A 163 29.73 -6.08 -0.82
N ASP A 164 28.79 -5.93 -1.76
CA ASP A 164 29.06 -5.24 -3.00
C ASP A 164 29.38 -3.77 -2.72
N VAL A 165 28.67 -3.19 -1.75
CA VAL A 165 28.89 -1.78 -1.39
C VAL A 165 30.33 -1.55 -0.98
N GLU A 166 30.85 -2.46 -0.16
CA GLU A 166 32.20 -2.33 0.35
C GLU A 166 33.23 -2.35 -0.78
N LYS A 167 33.07 -3.29 -1.72
CA LYS A 167 33.93 -3.31 -2.89
C LYS A 167 33.89 -2.00 -3.68
N PHE A 168 32.69 -1.47 -3.93
CA PHE A 168 32.56 -0.27 -4.76
C PHE A 168 33.07 0.94 -4.01
N LYS A 169 32.87 0.93 -2.70
CA LYS A 169 33.37 1.99 -1.84
C LYS A 169 34.88 2.10 -2.05
N THR A 170 35.54 0.96 -2.15
CA THR A 170 36.99 0.94 -2.36
C THR A 170 37.42 1.35 -3.78
N PHE A 171 36.46 1.50 -4.70
CA PHE A 171 36.76 2.08 -6.01
C PHE A 171 36.53 3.58 -5.96
N GLY A 172 36.34 4.09 -4.75
CA GLY A 172 36.12 5.50 -4.55
C GLY A 172 34.77 5.96 -5.07
N ALA A 173 33.82 5.04 -5.15
CA ALA A 173 32.45 5.45 -5.41
C ALA A 173 31.96 6.09 -4.11
N LYS A 174 31.35 7.26 -4.23
CA LYS A 174 30.65 7.86 -3.09
C LYS A 174 29.16 7.90 -3.43
N ARG A 175 28.34 7.53 -2.46
CA ARG A 175 26.90 7.43 -2.63
C ARG A 175 26.58 6.04 -3.17
N VAL A 176 26.97 5.04 -2.39
CA VAL A 176 26.69 3.66 -2.70
C VAL A 176 26.01 3.06 -1.47
N PHE A 177 24.87 2.42 -1.69
CA PHE A 177 24.06 1.83 -0.62
C PHE A 177 23.59 0.45 -1.07
N SER A 178 23.11 -0.36 -0.14
CA SER A 178 22.43 -1.59 -0.55
C SER A 178 20.99 -1.60 -0.09
N CYS A 179 20.09 -1.89 -1.01
CA CYS A 179 18.68 -1.95 -0.67
C CYS A 179 18.09 -3.34 -0.93
N GLY A 180 18.95 -4.28 -1.30
CA GLY A 180 18.50 -5.62 -1.63
C GLY A 180 18.36 -5.86 -3.12
N ASN A 181 17.85 -7.02 -3.48
CA ASN A 181 17.70 -7.39 -4.88
C ASN A 181 16.29 -7.06 -5.37
N LEU A 182 16.18 -6.15 -6.33
CA LEU A 182 14.88 -5.79 -6.89
C LEU A 182 14.13 -6.99 -7.39
N LYS A 183 14.84 -8.03 -7.80
CA LYS A 183 14.19 -9.20 -8.35
C LYS A 183 13.38 -9.91 -7.27
N PHE A 184 13.62 -9.57 -6.01
CA PHE A 184 12.85 -10.25 -4.96
C PHE A 184 11.58 -9.49 -4.56
N ILE A 185 11.16 -8.53 -5.37
CA ILE A 185 9.95 -7.76 -5.06
C ILE A 185 8.71 -8.51 -5.53
N CYS A 186 7.79 -8.80 -4.60
CA CYS A 186 6.56 -9.49 -4.94
C CYS A 186 5.72 -8.72 -5.96
N GLN A 187 5.19 -9.43 -6.96
CA GLN A 187 4.22 -8.85 -7.87
C GLN A 187 3.04 -9.81 -8.00
N LYS A 188 2.22 -9.83 -6.96
CA LYS A 188 1.24 -10.90 -6.72
C LYS A 188 0.12 -11.01 -7.76
N GLY A 189 -0.68 -9.95 -7.88
CA GLY A 189 -1.87 -10.00 -8.71
C GLY A 189 -3.09 -10.27 -7.85
N LYS A 190 -4.27 -10.23 -8.47
CA LYS A 190 -5.53 -10.35 -7.73
C LYS A 190 -5.63 -11.58 -6.83
N GLY A 191 -5.40 -12.76 -7.40
CA GLY A 191 -5.51 -14.00 -6.64
C GLY A 191 -6.89 -14.61 -6.78
N ILE A 192 -6.98 -15.92 -6.59
CA ILE A 192 -8.25 -16.64 -6.71
C ILE A 192 -8.58 -17.35 -5.39
N LYS A 193 -9.87 -17.56 -5.13
CA LYS A 193 -10.28 -18.28 -3.93
C LYS A 193 -11.15 -19.50 -4.29
N LEU A 194 -10.89 -20.62 -3.61
CA LEU A 194 -11.67 -21.83 -3.80
C LEU A 194 -11.84 -22.55 -2.46
N LYS A 195 -13.00 -23.16 -2.25
CA LYS A 195 -13.20 -23.94 -1.04
C LYS A 195 -12.53 -25.30 -1.17
N GLY A 196 -11.75 -25.66 -0.16
CA GLY A 196 -11.09 -26.94 -0.13
C GLY A 196 -9.69 -26.78 0.42
N GLU A 197 -8.98 -27.87 0.64
CA GLU A 197 -7.56 -27.75 0.93
C GLU A 197 -6.71 -28.22 -0.26
N PHE A 198 -5.76 -27.40 -0.67
CA PHE A 198 -4.98 -27.73 -1.84
C PHE A 198 -3.49 -27.64 -1.60
N ILE A 199 -2.75 -28.38 -2.42
CA ILE A 199 -1.36 -28.15 -2.66
C ILE A 199 -1.32 -27.73 -4.12
N VAL A 200 -0.42 -26.80 -4.47
CA VAL A 200 -0.33 -26.33 -5.84
C VAL A 200 1.04 -26.59 -6.47
N ALA A 201 1.03 -27.39 -7.54
CA ALA A 201 2.24 -27.65 -8.30
C ALA A 201 2.16 -26.87 -9.61
N GLY A 202 3.11 -25.97 -9.83
CA GLY A 202 3.08 -25.11 -11.00
C GLY A 202 4.32 -25.25 -11.85
N SER A 203 4.16 -24.99 -13.15
CA SER A 203 5.28 -25.02 -14.08
C SER A 203 5.97 -26.36 -14.06
N ILE A 204 5.16 -27.41 -14.09
CA ILE A 204 5.63 -28.76 -13.96
C ILE A 204 5.88 -29.30 -15.36
N HIS A 205 7.05 -29.90 -15.59
CA HIS A 205 7.36 -30.61 -16.83
C HIS A 205 6.96 -32.09 -16.76
N THR A 206 6.85 -32.72 -17.93
CA THR A 206 6.48 -34.12 -18.06
C THR A 206 7.30 -35.03 -17.14
N GLY A 207 8.60 -34.75 -17.03
CA GLY A 207 9.49 -35.61 -16.28
C GLY A 207 9.39 -35.43 -14.79
N GLU A 208 8.62 -34.43 -14.37
CA GLU A 208 8.43 -34.16 -12.95
C GLU A 208 7.14 -34.76 -12.42
N VAL A 209 6.25 -35.19 -13.32
CA VAL A 209 4.90 -35.57 -12.89
C VAL A 209 4.87 -36.79 -11.98
N GLU A 210 5.76 -37.74 -12.18
CA GLU A 210 5.67 -38.99 -11.44
C GLU A 210 6.18 -38.89 -9.99
N ILE A 211 7.26 -38.14 -9.75
CA ILE A 211 7.73 -38.02 -8.39
C ILE A 211 6.70 -37.25 -7.60
N ILE A 212 6.07 -36.28 -8.26
CA ILE A 212 5.04 -35.49 -7.63
C ILE A 212 3.82 -36.35 -7.32
N LEU A 213 3.36 -37.13 -8.29
CA LEU A 213 2.21 -38.02 -8.08
C LEU A 213 2.51 -39.14 -7.05
N LYS A 214 3.71 -39.70 -7.10
CA LYS A 214 4.10 -40.71 -6.13
C LYS A 214 4.02 -40.13 -4.72
N ALA A 215 4.58 -38.95 -4.54
CA ALA A 215 4.62 -38.31 -3.24
C ALA A 215 3.21 -37.96 -2.77
N PHE A 216 2.37 -37.47 -3.68
CA PHE A 216 1.01 -37.07 -3.31
C PHE A 216 0.14 -38.28 -2.93
N LYS A 217 0.37 -39.42 -3.60
CA LYS A 217 -0.33 -40.64 -3.25
C LYS A 217 -0.02 -41.02 -1.81
N GLU A 218 1.25 -40.94 -1.44
CA GLU A 218 1.65 -41.24 -0.06
C GLU A 218 0.95 -40.30 0.95
N ILE A 219 0.90 -39.01 0.63
CA ILE A 219 0.30 -37.99 1.50
C ILE A 219 -1.22 -38.17 1.70
N LYS A 220 -1.92 -38.53 0.62
CA LYS A 220 -3.37 -38.71 0.68
C LYS A 220 -3.83 -39.83 1.60
N LYS A 221 -2.95 -40.78 1.89
CA LYS A 221 -3.26 -41.82 2.85
C LYS A 221 -3.66 -41.19 4.18
N THR A 222 -2.98 -40.09 4.50
CA THR A 222 -3.12 -39.41 5.79
C THR A 222 -4.05 -38.20 5.69
N TYR A 223 -3.86 -37.37 4.67
CA TYR A 223 -4.76 -36.27 4.41
C TYR A 223 -5.68 -36.61 3.24
N SER A 224 -6.77 -37.32 3.51
CA SER A 224 -7.61 -37.83 2.43
C SER A 224 -8.42 -36.75 1.70
N SER A 225 -8.60 -35.61 2.36
CA SER A 225 -9.36 -34.51 1.77
C SER A 225 -8.51 -33.59 0.87
N LEU A 226 -7.19 -33.68 0.99
CA LEU A 226 -6.26 -32.84 0.22
C LEU A 226 -6.44 -33.01 -1.28
N LYS A 227 -6.41 -31.90 -2.02
CA LYS A 227 -6.45 -31.93 -3.47
C LYS A 227 -5.19 -31.30 -4.07
N LEU A 228 -4.76 -31.83 -5.21
CA LEU A 228 -3.56 -31.33 -5.86
C LEU A 228 -3.97 -30.61 -7.14
N ILE A 229 -3.69 -29.31 -7.19
CA ILE A 229 -3.88 -28.55 -8.42
C ILE A 229 -2.58 -28.61 -9.20
N LEU A 230 -2.67 -29.10 -10.43
CA LEU A 230 -1.48 -29.44 -11.19
C LEU A 230 -1.44 -28.62 -12.48
N VAL A 231 -0.47 -27.72 -12.57
CA VAL A 231 -0.37 -26.83 -13.71
C VAL A 231 0.87 -27.11 -14.55
N PRO A 232 0.67 -27.73 -15.71
CA PRO A 232 1.83 -28.07 -16.55
C PRO A 232 2.55 -26.81 -17.00
N ARG A 233 3.85 -26.95 -17.18
CA ARG A 233 4.70 -25.95 -17.82
C ARG A 233 4.10 -25.59 -19.18
N HIS A 234 3.77 -26.60 -19.97
CA HIS A 234 3.10 -26.39 -21.25
C HIS A 234 1.76 -27.08 -21.23
N ILE A 235 0.69 -26.33 -21.49
CA ILE A 235 -0.66 -26.90 -21.52
C ILE A 235 -0.83 -28.06 -22.53
N GLU A 236 0.03 -28.10 -23.57
CA GLU A 236 -0.04 -29.18 -24.55
C GLU A 236 0.14 -30.54 -23.87
N ASN A 237 0.66 -30.54 -22.65
CA ASN A 237 0.96 -31.79 -21.97
C ASN A 237 -0.15 -32.16 -20.97
N ALA A 238 -1.23 -31.38 -20.93
CA ALA A 238 -2.27 -31.56 -19.91
C ALA A 238 -3.01 -32.88 -20.03
N LYS A 239 -3.47 -33.19 -21.25
CA LYS A 239 -4.17 -34.45 -21.48
C LYS A 239 -3.28 -35.56 -20.98
N ILE A 240 -2.02 -35.54 -21.40
CA ILE A 240 -1.03 -36.50 -20.94
C ILE A 240 -0.94 -36.57 -19.41
N PHE A 241 -0.79 -35.41 -18.77
CA PHE A 241 -0.75 -35.36 -17.31
C PHE A 241 -1.97 -36.00 -16.64
N GLU A 242 -3.15 -35.67 -17.14
CA GLU A 242 -4.41 -36.19 -16.61
C GLU A 242 -4.44 -37.72 -16.70
N LYS A 243 -3.98 -38.24 -17.83
CA LYS A 243 -3.98 -39.69 -18.00
C LYS A 243 -3.00 -40.36 -17.04
N LYS A 244 -1.84 -39.74 -16.84
CA LYS A 244 -0.87 -40.22 -15.87
C LYS A 244 -1.45 -40.23 -14.44
N ALA A 245 -2.24 -39.20 -14.10
CA ALA A 245 -2.86 -39.14 -12.79
C ALA A 245 -3.83 -40.32 -12.64
N ARG A 246 -4.58 -40.58 -13.71
CA ARG A 246 -5.50 -41.70 -13.72
C ARG A 246 -4.78 -43.04 -13.49
N ASP A 247 -3.64 -43.24 -14.13
CA ASP A 247 -2.85 -44.46 -13.96
C ASP A 247 -2.42 -44.62 -12.49
N PHE A 248 -2.28 -43.50 -11.79
CA PHE A 248 -1.93 -43.59 -10.39
C PHE A 248 -3.15 -43.94 -9.54
N GLY A 249 -4.31 -43.94 -10.18
CA GLY A 249 -5.57 -44.26 -9.53
C GLY A 249 -6.27 -43.06 -8.91
N PHE A 250 -5.83 -41.84 -9.25
CA PHE A 250 -6.48 -40.62 -8.77
C PHE A 250 -7.73 -40.31 -9.58
N LYS A 251 -8.77 -39.81 -8.92
CA LYS A 251 -9.87 -39.20 -9.64
C LYS A 251 -9.35 -37.88 -10.19
N THR A 252 -9.62 -37.58 -11.46
CA THR A 252 -9.08 -36.37 -12.07
C THR A 252 -10.20 -35.40 -12.47
N SER A 253 -9.83 -34.16 -12.74
CA SER A 253 -10.79 -33.17 -13.22
C SER A 253 -10.04 -31.97 -13.78
N PHE A 254 -10.70 -31.25 -14.69
CA PHE A 254 -10.06 -30.09 -15.32
C PHE A 254 -10.56 -28.79 -14.72
N PHE A 255 -9.62 -27.87 -14.56
CA PHE A 255 -9.81 -26.68 -13.74
C PHE A 255 -11.16 -25.98 -13.82
N GLU A 256 -11.64 -25.64 -12.62
CA GLU A 256 -12.92 -25.04 -12.34
C GLU A 256 -13.78 -26.13 -11.75
N ASN A 257 -13.64 -27.33 -12.30
CA ASN A 257 -14.16 -28.52 -11.64
C ASN A 257 -13.17 -28.96 -10.58
N LEU A 258 -13.58 -28.89 -9.32
CA LEU A 258 -12.70 -29.24 -8.22
C LEU A 258 -12.99 -30.65 -7.74
N GLU A 259 -13.60 -31.45 -8.62
CA GLU A 259 -14.00 -32.82 -8.33
C GLU A 259 -12.82 -33.73 -8.02
N GLY A 260 -11.75 -33.57 -8.79
CA GLY A 260 -10.65 -34.50 -8.75
C GLY A 260 -9.83 -34.50 -7.48
N ASP A 261 -9.19 -35.63 -7.19
CA ASP A 261 -8.09 -35.64 -6.25
C ASP A 261 -6.96 -34.82 -6.89
N VAL A 262 -6.79 -35.00 -8.20
CA VAL A 262 -5.83 -34.23 -8.98
C VAL A 262 -6.58 -33.36 -9.97
N ILE A 263 -6.36 -32.06 -9.90
CA ILE A 263 -7.07 -31.13 -10.75
C ILE A 263 -6.09 -30.51 -11.73
N LEU A 264 -6.24 -30.84 -13.02
CA LEU A 264 -5.36 -30.28 -14.03
C LEU A 264 -5.75 -28.87 -14.43
N VAL A 265 -4.76 -28.04 -14.73
CA VAL A 265 -5.04 -26.72 -15.25
C VAL A 265 -4.79 -26.63 -16.75
N ASP A 266 -5.79 -26.12 -17.46
CA ASP A 266 -5.81 -26.18 -18.91
C ASP A 266 -5.63 -24.82 -19.59
N ARG A 267 -5.70 -23.73 -18.83
CA ARG A 267 -5.60 -22.39 -19.41
C ARG A 267 -4.22 -21.74 -19.20
N PHE A 268 -3.75 -21.03 -20.23
CA PHE A 268 -2.52 -20.25 -20.12
C PHE A 268 -2.66 -19.13 -19.10
N GLY A 269 -1.56 -18.79 -18.44
CA GLY A 269 -1.60 -17.86 -17.33
C GLY A 269 -2.20 -18.59 -16.15
N ILE A 270 -3.03 -17.89 -15.37
CA ILE A 270 -3.78 -18.54 -14.31
C ILE A 270 -2.91 -18.91 -13.11
N LEU A 271 -1.72 -19.44 -13.37
CA LEU A 271 -0.90 -20.02 -12.31
C LEU A 271 -0.69 -19.12 -11.09
N LYS A 272 -0.19 -17.91 -11.32
CA LYS A 272 0.13 -17.03 -10.18
C LYS A 272 -1.10 -16.67 -9.36
N GLU A 273 -2.27 -16.67 -9.99
CA GLU A 273 -3.50 -16.35 -9.29
C GLU A 273 -4.01 -17.53 -8.44
N LEU A 274 -3.47 -18.72 -8.69
CA LEU A 274 -3.92 -19.94 -8.04
C LEU A 274 -3.23 -20.22 -6.71
N TYR A 275 -1.97 -19.82 -6.60
CA TYR A 275 -1.15 -20.14 -5.44
C TYR A 275 -1.81 -19.89 -4.07
N PRO A 276 -2.46 -18.72 -3.91
CA PRO A 276 -3.12 -18.37 -2.64
C PRO A 276 -4.07 -19.46 -2.18
N VAL A 277 -4.55 -20.29 -3.11
CA VAL A 277 -5.51 -21.32 -2.77
C VAL A 277 -4.89 -22.45 -1.96
N GLY A 278 -3.56 -22.55 -1.98
CA GLY A 278 -2.88 -23.71 -1.41
C GLY A 278 -2.20 -23.52 -0.07
N LYS A 279 -1.90 -24.63 0.59
CA LYS A 279 -1.17 -24.62 1.85
C LYS A 279 0.31 -24.72 1.56
N ILE A 280 0.65 -25.33 0.44
CA ILE A 280 2.04 -25.49 0.03
C ILE A 280 2.09 -25.46 -1.49
N ALA A 281 3.12 -24.83 -2.04
CA ALA A 281 3.35 -24.87 -3.47
C ALA A 281 4.57 -25.71 -3.83
N ILE A 282 4.52 -26.31 -5.02
CA ILE A 282 5.64 -27.03 -5.58
C ILE A 282 5.88 -26.37 -6.95
N VAL A 283 7.12 -26.01 -7.24
CA VAL A 283 7.42 -25.31 -8.48
C VAL A 283 8.43 -26.14 -9.27
N GLY A 284 8.12 -26.39 -10.52
CA GLY A 284 8.92 -27.30 -11.33
C GLY A 284 10.06 -26.65 -12.09
N GLY A 285 10.56 -27.40 -13.08
CA GLY A 285 11.79 -27.08 -13.77
C GLY A 285 12.93 -27.43 -12.86
N THR A 286 12.63 -28.19 -11.81
CA THR A 286 13.60 -28.41 -10.74
C THR A 286 13.88 -29.86 -10.44
N PHE A 287 12.97 -30.75 -10.83
CA PHE A 287 13.18 -32.17 -10.61
C PHE A 287 13.74 -32.79 -11.89
N VAL A 288 13.67 -32.02 -12.97
CA VAL A 288 14.40 -32.34 -14.20
C VAL A 288 15.47 -31.26 -14.37
N ASN A 289 16.54 -31.58 -15.09
CA ASN A 289 17.67 -30.65 -15.23
C ASN A 289 17.35 -29.40 -16.04
N ILE A 290 16.41 -28.60 -15.56
CA ILE A 290 15.98 -27.44 -16.33
C ILE A 290 16.55 -26.15 -15.76
N GLY A 291 16.67 -26.10 -14.44
CA GLY A 291 17.33 -24.98 -13.80
C GLY A 291 16.41 -24.11 -12.99
N GLY A 292 15.11 -24.39 -13.06
CA GLY A 292 14.14 -23.77 -12.15
C GLY A 292 13.21 -22.74 -12.76
N HIS A 293 11.94 -22.79 -12.41
CA HIS A 293 11.04 -21.70 -12.78
C HIS A 293 10.84 -20.71 -11.61
N ASN A 294 9.68 -20.06 -11.54
CA ASN A 294 9.55 -18.94 -10.63
C ASN A 294 9.20 -19.38 -9.20
N LEU A 295 10.24 -19.64 -8.40
CA LEU A 295 10.05 -20.08 -7.01
C LEU A 295 9.40 -19.01 -6.15
N LEU A 296 9.67 -17.74 -6.47
CA LEU A 296 9.21 -16.63 -5.66
C LEU A 296 7.70 -16.47 -5.51
N GLU A 297 6.94 -16.70 -6.58
CA GLU A 297 5.53 -16.33 -6.62
C GLU A 297 4.69 -16.88 -5.45
N PRO A 298 4.78 -18.20 -5.18
CA PRO A 298 3.96 -18.71 -4.09
C PRO A 298 4.33 -18.04 -2.76
N THR A 299 5.63 -17.83 -2.51
CA THR A 299 6.04 -17.32 -1.21
C THR A 299 5.48 -15.94 -0.93
N CYS A 300 5.14 -15.21 -1.99
CA CYS A 300 4.57 -13.88 -1.82
C CYS A 300 3.20 -13.96 -1.19
N TRP A 301 2.65 -15.16 -1.12
CA TRP A 301 1.37 -15.34 -0.49
C TRP A 301 1.52 -15.89 0.92
N GLY A 302 2.76 -15.87 1.43
CA GLY A 302 3.03 -16.43 2.76
C GLY A 302 2.89 -17.95 2.79
N ILE A 303 3.04 -18.56 1.62
CA ILE A 303 3.02 -20.00 1.41
C ILE A 303 4.44 -20.52 1.15
N PRO A 304 4.81 -21.65 1.78
CA PRO A 304 6.14 -22.23 1.55
C PRO A 304 6.21 -22.92 0.18
N VAL A 305 7.39 -22.89 -0.44
CA VAL A 305 7.58 -23.57 -1.72
C VAL A 305 8.64 -24.67 -1.66
N ILE A 306 8.34 -25.81 -2.28
CA ILE A 306 9.26 -26.94 -2.40
C ILE A 306 9.73 -27.12 -3.85
N TYR A 307 11.00 -27.46 -4.03
CA TYR A 307 11.57 -27.68 -5.35
C TYR A 307 12.60 -28.80 -5.31
N GLY A 308 12.92 -29.34 -6.48
CA GLY A 308 14.01 -30.31 -6.60
C GLY A 308 15.37 -29.62 -6.69
N PRO A 309 16.43 -30.42 -6.98
CA PRO A 309 17.84 -30.04 -6.95
C PRO A 309 18.30 -29.16 -8.11
N TYR A 310 17.53 -29.11 -9.19
CA TYR A 310 17.97 -28.40 -10.38
C TYR A 310 17.48 -26.98 -10.43
N THR A 311 18.05 -26.14 -9.59
CA THR A 311 17.67 -24.74 -9.51
C THR A 311 18.81 -23.84 -10.01
N HIS A 312 19.67 -24.36 -10.88
CA HIS A 312 20.88 -23.62 -11.26
C HIS A 312 20.65 -22.34 -12.06
N LYS A 313 19.45 -22.16 -12.60
CA LYS A 313 19.12 -20.92 -13.30
C LYS A 313 18.41 -19.91 -12.39
N VAL A 314 18.10 -20.32 -11.16
CA VAL A 314 17.47 -19.39 -10.21
C VAL A 314 18.17 -19.46 -8.86
N ASN A 315 19.50 -19.58 -8.90
CA ASN A 315 20.28 -19.81 -7.70
C ASN A 315 20.29 -18.65 -6.69
N ASP A 316 20.22 -17.41 -7.16
CA ASP A 316 20.13 -16.28 -6.23
C ASP A 316 18.81 -16.39 -5.50
N LEU A 317 17.78 -16.75 -6.27
CA LEU A 317 16.44 -16.76 -5.75
C LEU A 317 16.31 -17.92 -4.78
N LYS A 318 16.84 -19.07 -5.17
CA LYS A 318 16.89 -20.23 -4.30
C LYS A 318 17.58 -19.93 -2.97
N GLU A 319 18.71 -19.22 -3.01
CA GLU A 319 19.43 -18.89 -1.78
C GLU A 319 18.64 -17.92 -0.89
N PHE A 320 18.02 -16.93 -1.52
CA PHE A 320 17.18 -15.98 -0.82
C PHE A 320 16.03 -16.69 -0.10
N LEU A 321 15.39 -17.62 -0.79
CA LEU A 321 14.26 -18.35 -0.19
C LEU A 321 14.69 -19.22 0.98
N GLU A 322 15.86 -19.86 0.86
CA GLU A 322 16.34 -20.72 1.94
C GLU A 322 16.65 -19.94 3.20
N LYS A 323 17.42 -18.88 3.07
CA LYS A 323 17.72 -18.01 4.19
C LYS A 323 16.44 -17.45 4.81
N GLU A 324 15.44 -17.21 3.97
CA GLU A 324 14.17 -16.67 4.44
C GLU A 324 13.26 -17.73 5.11
N GLY A 325 13.72 -18.98 5.07
CA GLY A 325 12.95 -20.09 5.62
C GLY A 325 11.69 -20.44 4.85
N ALA A 326 11.66 -20.19 3.54
CA ALA A 326 10.42 -20.30 2.77
C ALA A 326 10.58 -21.26 1.60
N GLY A 327 11.81 -21.70 1.36
CA GLY A 327 12.10 -22.57 0.25
C GLY A 327 12.81 -23.85 0.71
N PHE A 328 12.36 -24.97 0.19
CA PHE A 328 12.88 -26.25 0.64
C PHE A 328 13.29 -27.13 -0.54
N GLU A 329 14.57 -27.46 -0.60
CA GLU A 329 15.06 -28.37 -1.63
C GLU A 329 14.87 -29.83 -1.25
N VAL A 330 14.28 -30.59 -2.16
CA VAL A 330 14.05 -32.02 -1.95
C VAL A 330 14.68 -32.80 -3.10
N LYS A 331 15.33 -33.91 -2.77
CA LYS A 331 16.14 -34.63 -3.75
C LYS A 331 15.46 -35.88 -4.31
N ASN A 332 14.59 -36.49 -3.50
CA ASN A 332 13.87 -37.69 -3.90
C ASN A 332 12.44 -37.72 -3.39
N GLU A 333 11.67 -38.74 -3.81
CA GLU A 333 10.27 -38.85 -3.43
C GLU A 333 10.07 -38.90 -1.92
N THR A 334 11.04 -39.47 -1.20
CA THR A 334 10.91 -39.60 0.25
C THR A 334 11.01 -38.25 0.95
N GLU A 335 12.05 -37.48 0.61
CA GLU A 335 12.22 -36.16 1.19
C GLU A 335 11.04 -35.26 0.85
N LEU A 336 10.47 -35.47 -0.33
CA LEU A 336 9.29 -34.73 -0.76
C LEU A 336 8.10 -35.05 0.12
N VAL A 337 7.87 -36.35 0.36
CA VAL A 337 6.81 -36.76 1.26
C VAL A 337 7.13 -36.23 2.66
N THR A 338 8.36 -36.41 3.09
CA THR A 338 8.77 -35.89 4.39
C THR A 338 8.50 -34.39 4.53
N LYS A 339 8.95 -33.59 3.57
CA LYS A 339 8.81 -32.14 3.67
C LYS A 339 7.34 -31.71 3.59
N LEU A 340 6.59 -32.31 2.65
CA LEU A 340 5.15 -32.07 2.58
C LEU A 340 4.43 -32.34 3.91
N THR A 341 4.76 -33.47 4.54
CA THR A 341 4.09 -33.82 5.79
C THR A 341 4.42 -32.83 6.91
N GLU A 342 5.70 -32.51 7.04
CA GLU A 342 6.14 -31.49 7.98
C GLU A 342 5.34 -30.20 7.81
N LEU A 343 5.26 -29.71 6.57
CA LEU A 343 4.57 -28.44 6.29
C LEU A 343 3.07 -28.53 6.45
N LEU A 344 2.51 -29.73 6.30
CA LEU A 344 1.09 -29.94 6.56
C LEU A 344 0.74 -30.06 8.03
N SER A 345 1.67 -30.58 8.84
CA SER A 345 1.37 -30.78 10.25
C SER A 345 1.68 -29.54 11.09
N VAL A 346 2.70 -28.78 10.70
CA VAL A 346 3.03 -27.52 11.39
C VAL A 346 3.15 -26.40 10.38
N LYS A 347 2.30 -25.39 10.50
CA LYS A 347 2.27 -24.36 9.45
C LYS A 347 3.49 -23.47 9.53
N LYS A 348 4.20 -23.35 8.41
CA LYS A 348 5.42 -22.55 8.33
C LYS A 348 5.12 -21.08 8.09
N GLU A 349 5.60 -20.23 8.98
CA GLU A 349 5.45 -18.80 8.83
C GLU A 349 6.35 -18.25 7.74
N ILE A 350 5.77 -17.44 6.87
CA ILE A 350 6.50 -16.93 5.73
C ILE A 350 6.49 -15.39 5.69
N LYS A 351 7.67 -14.77 5.61
CA LYS A 351 7.81 -13.30 5.68
C LYS A 351 8.44 -12.67 4.45
N VAL A 352 8.30 -13.35 3.31
CA VAL A 352 8.83 -12.87 2.05
C VAL A 352 8.20 -11.53 1.62
N GLU A 353 6.89 -11.43 1.77
CA GLU A 353 6.15 -10.21 1.44
C GLU A 353 6.66 -9.02 2.24
N GLU A 354 6.88 -9.25 3.54
CA GLU A 354 7.49 -8.26 4.41
C GLU A 354 8.83 -7.77 3.85
N LYS A 355 9.65 -8.72 3.42
CA LYS A 355 10.98 -8.42 2.90
C LYS A 355 10.88 -7.60 1.61
N SER A 356 9.89 -7.96 0.80
CA SER A 356 9.60 -7.31 -0.47
C SER A 356 9.21 -5.82 -0.31
N ARG A 357 8.32 -5.51 0.63
CA ARG A 357 7.94 -4.12 0.88
C ARG A 357 9.16 -3.30 1.31
N GLU A 358 10.04 -3.95 2.06
CA GLU A 358 11.29 -3.39 2.55
C GLU A 358 12.25 -3.02 1.43
N ILE A 359 12.51 -3.99 0.57
CA ILE A 359 13.39 -3.74 -0.57
C ILE A 359 12.82 -2.63 -1.44
N LYS A 360 11.54 -2.74 -1.75
CA LYS A 360 10.89 -1.74 -2.60
C LYS A 360 10.96 -0.34 -1.98
N GLY A 361 10.52 -0.22 -0.74
CA GLY A 361 10.52 1.05 -0.05
C GLY A 361 11.90 1.65 0.04
N CYS A 362 12.91 0.83 0.24
CA CYS A 362 14.27 1.34 0.34
C CYS A 362 14.66 1.97 -1.00
N TYR A 363 14.59 1.19 -2.08
CA TYR A 363 14.90 1.71 -3.41
C TYR A 363 14.15 2.99 -3.69
N LEU A 364 12.84 2.95 -3.47
CA LEU A 364 11.99 4.08 -3.79
C LEU A 364 12.33 5.30 -2.91
N GLU A 365 12.66 5.06 -1.64
CA GLU A 365 13.08 6.16 -0.76
C GLU A 365 14.31 6.88 -1.31
N LYS A 366 15.35 6.12 -1.63
CA LYS A 366 16.62 6.68 -2.06
C LYS A 366 16.43 7.45 -3.36
N LEU A 367 15.69 6.84 -4.29
CA LEU A 367 15.51 7.43 -5.60
C LEU A 367 14.80 8.78 -5.50
N ARG A 368 13.66 8.80 -4.81
CA ARG A 368 12.84 9.99 -4.65
C ARG A 368 13.63 11.12 -4.01
N GLU A 369 14.54 10.77 -3.12
CA GLU A 369 15.32 11.73 -2.38
C GLU A 369 16.38 12.33 -3.29
N PHE A 370 17.00 11.48 -4.10
CA PHE A 370 17.97 11.95 -5.08
C PHE A 370 17.31 12.88 -6.09
N LEU A 371 16.13 12.51 -6.56
CA LEU A 371 15.43 13.26 -7.59
C LEU A 371 14.78 14.55 -7.07
N ARG A 372 14.56 14.64 -5.77
CA ARG A 372 13.95 15.83 -5.19
C ARG A 372 14.84 17.04 -5.44
N GLY A 373 16.13 16.90 -5.12
CA GLY A 373 17.10 17.96 -5.35
C GLY A 373 18.49 17.38 -5.28
N MET B 22 -21.87 28.63 16.04
CA MET B 22 -21.41 29.16 17.33
C MET B 22 -20.53 30.40 17.15
N GLN B 23 -20.65 31.35 18.07
CA GLN B 23 -20.02 32.66 17.90
C GLN B 23 -18.65 32.76 18.54
N PHE B 24 -17.62 32.97 17.73
CA PHE B 24 -16.28 33.16 18.28
C PHE B 24 -16.03 34.60 18.75
N GLU B 25 -16.87 35.53 18.30
CA GLU B 25 -16.80 36.93 18.73
C GLU B 25 -15.41 37.54 18.53
N VAL B 26 -14.77 37.18 17.42
CA VAL B 26 -13.40 37.62 17.14
C VAL B 26 -13.29 39.13 17.09
N LEU B 27 -14.25 39.77 16.42
CA LEU B 27 -14.22 41.22 16.25
C LEU B 27 -14.31 41.92 17.61
N LYS B 28 -15.10 41.37 18.51
CA LYS B 28 -15.29 41.97 19.81
C LYS B 28 -14.07 41.81 20.69
N ARG B 29 -13.41 40.66 20.59
CA ARG B 29 -12.18 40.40 21.33
C ARG B 29 -11.05 41.32 20.84
N PHE B 30 -10.98 41.54 19.53
CA PHE B 30 -9.93 42.36 18.91
C PHE B 30 -10.14 43.84 19.21
N PHE B 31 -11.40 44.25 19.10
CA PHE B 31 -11.79 45.63 19.30
C PHE B 31 -12.97 45.67 20.27
N PRO B 32 -12.68 45.67 21.59
CA PRO B 32 -13.74 45.59 22.60
C PRO B 32 -14.85 46.61 22.43
N LYS B 33 -16.05 46.22 22.80
CA LYS B 33 -17.24 47.04 22.60
C LYS B 33 -17.25 48.36 23.37
N GLU B 34 -17.68 49.42 22.71
CA GLU B 34 -17.77 50.76 23.30
C GLU B 34 -18.63 50.74 24.56
N SER B 35 -19.66 49.91 24.56
CA SER B 35 -20.59 49.87 25.68
C SER B 35 -19.95 49.38 26.97
N LEU B 36 -18.72 48.89 26.89
CA LEU B 36 -17.97 48.59 28.10
C LEU B 36 -17.91 49.85 28.99
N LYS B 37 -18.02 51.01 28.34
CA LYS B 37 -18.09 52.30 29.03
C LYS B 37 -19.10 52.29 30.16
N ASN B 38 -20.12 51.44 30.03
CA ASN B 38 -21.21 51.41 30.98
C ASN B 38 -20.84 50.71 32.28
N CYS B 39 -19.80 49.89 32.22
CA CYS B 39 -19.34 49.16 33.40
C CYS B 39 -18.15 49.83 34.09
N LYS B 40 -18.03 51.14 33.89
CA LYS B 40 -16.94 51.92 34.46
C LYS B 40 -16.85 51.72 35.97
N GLY B 41 -15.69 51.27 36.45
CA GLY B 41 -15.47 51.08 37.88
C GLY B 41 -15.93 49.75 38.45
N ALA B 42 -16.26 48.79 37.59
CA ALA B 42 -16.77 47.52 38.11
C ALA B 42 -15.61 46.62 38.54
N LEU B 43 -15.95 45.58 39.26
CA LEU B 43 -15.01 44.51 39.56
C LEU B 43 -15.02 43.59 38.35
N TRP B 44 -13.83 43.33 37.81
CA TRP B 44 -13.67 42.52 36.60
C TRP B 44 -13.40 41.09 37.03
N VAL B 45 -14.31 40.19 36.67
CA VAL B 45 -14.13 38.77 36.98
C VAL B 45 -13.94 37.97 35.67
N HIS B 46 -12.84 37.23 35.60
CA HIS B 46 -12.58 36.45 34.42
C HIS B 46 -12.64 34.96 34.71
N THR B 47 -13.58 34.29 34.06
CA THR B 47 -13.75 32.85 34.18
C THR B 47 -13.59 32.25 32.77
N ALA B 48 -12.49 31.54 32.53
CA ALA B 48 -12.18 31.08 31.19
C ALA B 48 -13.38 30.37 30.57
N SER B 49 -13.99 29.45 31.32
CA SER B 49 -15.17 28.77 30.80
C SER B 49 -16.18 28.43 31.87
N ILE B 50 -17.10 27.53 31.54
CA ILE B 50 -18.17 27.13 32.43
C ILE B 50 -17.64 26.58 33.73
N GLY B 51 -16.59 25.77 33.66
CA GLY B 51 -16.03 25.15 34.84
C GLY B 51 -15.55 26.18 35.87
N GLU B 52 -14.70 27.09 35.42
CA GLU B 52 -14.19 28.12 36.30
C GLU B 52 -15.33 28.92 36.89
N PHE B 53 -16.34 29.24 36.07
CA PHE B 53 -17.41 30.08 36.60
C PHE B 53 -18.19 29.36 37.71
N ASN B 54 -18.51 28.09 37.48
CA ASN B 54 -19.17 27.31 38.54
C ASN B 54 -18.35 27.23 39.82
N THR B 55 -17.05 26.98 39.71
CA THR B 55 -16.17 26.96 40.87
C THR B 55 -16.20 28.27 41.67
N PHE B 56 -16.28 29.39 40.98
CA PHE B 56 -16.13 30.69 41.64
C PHE B 56 -17.49 31.23 42.09
N LEU B 57 -18.56 30.67 41.55
CA LEU B 57 -19.92 31.17 41.82
C LEU B 57 -20.24 31.50 43.29
N PRO B 58 -19.81 30.65 44.24
CA PRO B 58 -20.21 30.94 45.62
C PRO B 58 -19.57 32.24 46.10
N ILE B 59 -18.37 32.52 45.61
CA ILE B 59 -17.70 33.78 45.93
C ILE B 59 -18.32 34.94 45.16
N LEU B 60 -18.59 34.72 43.88
CA LEU B 60 -19.18 35.76 43.05
C LEU B 60 -20.54 36.24 43.59
N LYS B 61 -21.36 35.30 44.05
CA LYS B 61 -22.67 35.64 44.61
C LYS B 61 -22.55 36.69 45.69
N GLU B 62 -21.54 36.57 46.54
CA GLU B 62 -21.39 37.50 47.65
C GLU B 62 -20.80 38.81 47.14
N LEU B 63 -19.89 38.72 46.18
CA LEU B 63 -19.24 39.93 45.66
C LEU B 63 -20.24 40.79 44.91
N LYS B 64 -21.15 40.15 44.18
CA LYS B 64 -22.19 40.85 43.42
C LYS B 64 -23.03 41.77 44.31
N ARG B 65 -23.13 41.42 45.60
CA ARG B 65 -23.90 42.22 46.55
C ARG B 65 -23.23 43.55 46.87
N GLU B 66 -21.91 43.65 46.65
CA GLU B 66 -21.16 44.85 47.02
C GLU B 66 -20.51 45.57 45.83
N HIS B 67 -20.37 44.86 44.72
CA HIS B 67 -19.71 45.40 43.53
C HIS B 67 -20.51 45.18 42.26
N ARG B 68 -20.43 46.15 41.35
CA ARG B 68 -20.88 45.91 39.99
C ARG B 68 -19.89 44.95 39.36
N ILE B 69 -20.38 44.06 38.51
CA ILE B 69 -19.56 42.97 38.02
C ILE B 69 -19.41 43.02 36.51
N LEU B 70 -18.17 43.03 36.05
CA LEU B 70 -17.88 42.89 34.63
C LEU B 70 -17.32 41.49 34.49
N LEU B 71 -18.06 40.61 33.82
CA LEU B 71 -17.65 39.22 33.67
C LEU B 71 -17.09 38.92 32.26
N THR B 72 -15.90 38.32 32.19
CA THR B 72 -15.40 37.88 30.91
C THR B 72 -15.11 36.38 30.88
N TYR B 73 -14.95 35.85 29.68
CA TYR B 73 -14.74 34.40 29.50
C TYR B 73 -13.91 34.24 28.24
N PHE B 74 -13.18 33.13 28.16
CA PHE B 74 -12.43 32.88 26.93
C PHE B 74 -13.12 31.91 25.96
N SER B 75 -13.60 30.77 26.46
CA SER B 75 -14.18 29.75 25.58
C SER B 75 -15.47 30.19 24.90
N PRO B 76 -15.54 30.05 23.58
CA PRO B 76 -16.81 30.33 22.91
C PRO B 76 -17.94 29.43 23.41
N ARG B 77 -17.57 28.31 24.04
CA ARG B 77 -18.60 27.37 24.48
C ARG B 77 -19.31 27.85 25.73
N ALA B 78 -18.72 28.83 26.42
CA ALA B 78 -19.32 29.31 27.65
C ALA B 78 -20.34 30.43 27.44
N ARG B 79 -20.34 31.06 26.27
CA ARG B 79 -21.17 32.25 26.04
C ARG B 79 -22.66 32.02 26.31
N GLU B 80 -23.22 30.96 25.70
CA GLU B 80 -24.67 30.74 25.85
C GLU B 80 -25.03 30.45 27.30
N TYR B 81 -24.22 29.62 27.95
CA TYR B 81 -24.42 29.29 29.34
C TYR B 81 -24.40 30.53 30.23
N LEU B 82 -23.36 31.35 30.09
CA LEU B 82 -23.22 32.55 30.91
C LEU B 82 -24.35 33.54 30.69
N LYS B 83 -24.91 33.55 29.49
CA LYS B 83 -26.04 34.43 29.23
C LYS B 83 -27.22 34.10 30.13
N THR B 84 -27.32 32.84 30.55
CA THR B 84 -28.43 32.42 31.42
C THR B 84 -28.14 32.79 32.88
N LYS B 85 -26.91 33.18 33.16
CA LYS B 85 -26.50 33.50 34.53
C LYS B 85 -26.45 35.01 34.77
N SER B 86 -27.23 35.75 34.00
CA SER B 86 -27.26 37.20 34.07
C SER B 86 -27.58 37.73 35.47
N ASP B 87 -28.06 36.85 36.34
CA ASP B 87 -28.35 37.24 37.71
C ASP B 87 -27.08 37.68 38.43
N PHE B 88 -25.95 37.05 38.10
CA PHE B 88 -24.72 37.25 38.85
C PHE B 88 -23.68 38.21 38.24
N TYR B 89 -24.07 38.98 37.23
CA TYR B 89 -23.17 40.00 36.69
C TYR B 89 -23.97 41.16 36.11
N ASP B 90 -23.26 42.24 35.78
CA ASP B 90 -23.91 43.41 35.20
C ASP B 90 -23.52 43.55 33.72
N CYS B 91 -22.30 43.17 33.38
CA CYS B 91 -21.86 43.19 31.99
C CYS B 91 -21.13 41.91 31.62
N LEU B 92 -21.40 41.40 30.44
CA LEU B 92 -20.73 40.21 29.95
C LEU B 92 -20.00 40.51 28.65
N HIS B 93 -18.74 40.09 28.56
CA HIS B 93 -17.94 40.37 27.37
C HIS B 93 -16.83 39.33 27.27
N PRO B 94 -16.53 38.88 26.06
CA PRO B 94 -15.39 37.99 25.86
C PRO B 94 -14.08 38.66 26.24
N LEU B 95 -13.12 37.86 26.72
CA LEU B 95 -11.80 38.35 27.01
C LEU B 95 -11.18 38.98 25.76
N PRO B 96 -10.50 40.13 25.93
CA PRO B 96 -9.80 40.70 24.77
C PRO B 96 -8.70 39.78 24.22
N LEU B 97 -8.46 39.82 22.91
CA LEU B 97 -7.32 39.12 22.30
C LEU B 97 -6.02 39.53 22.98
N ASP B 98 -5.05 38.60 23.04
CA ASP B 98 -3.86 38.89 23.79
C ASP B 98 -2.84 39.76 23.01
N ASN B 99 -3.21 40.98 22.66
CA ASN B 99 -2.23 41.95 22.15
C ASN B 99 -2.32 43.26 22.95
N PRO B 100 -1.19 43.96 23.11
CA PRO B 100 -1.15 45.20 23.90
C PRO B 100 -2.37 46.08 23.67
N PHE B 101 -2.70 46.28 22.41
CA PHE B 101 -3.74 47.24 22.06
C PHE B 101 -5.18 46.85 22.34
N SER B 102 -5.54 45.60 22.08
CA SER B 102 -6.88 45.13 22.42
C SER B 102 -7.07 45.13 23.93
N VAL B 103 -6.08 44.63 24.63
CA VAL B 103 -6.15 44.58 26.07
C VAL B 103 -6.24 46.00 26.67
N LYS B 104 -5.42 46.93 26.20
CA LYS B 104 -5.48 48.27 26.74
C LYS B 104 -6.81 48.95 26.41
N ARG B 105 -7.31 48.76 25.19
CA ARG B 105 -8.63 49.34 24.89
C ARG B 105 -9.70 48.83 25.88
N PHE B 106 -9.62 47.55 26.22
CA PHE B 106 -10.63 46.96 27.10
C PHE B 106 -10.60 47.66 28.47
N GLU B 107 -9.40 47.73 29.04
CA GLU B 107 -9.17 48.42 30.30
C GLU B 107 -9.53 49.92 30.28
N GLU B 108 -9.22 50.62 29.19
CA GLU B 108 -9.48 52.06 29.12
C GLU B 108 -10.96 52.35 29.02
N LEU B 109 -11.70 51.47 28.37
CA LEU B 109 -13.14 51.66 28.28
C LEU B 109 -13.84 51.37 29.61
N SER B 110 -13.45 50.27 30.25
CA SER B 110 -14.21 49.77 31.40
C SER B 110 -13.66 50.30 32.73
N LYS B 111 -12.38 50.67 32.73
CA LYS B 111 -11.74 51.19 33.93
C LYS B 111 -12.13 50.38 35.18
N PRO B 112 -11.79 49.09 35.20
CA PRO B 112 -12.20 48.20 36.30
C PRO B 112 -11.49 48.62 37.58
N LYS B 113 -12.07 48.34 38.74
CA LYS B 113 -11.41 48.67 39.99
C LYS B 113 -10.36 47.60 40.29
N ALA B 114 -10.58 46.39 39.75
CA ALA B 114 -9.68 45.28 39.96
C ALA B 114 -10.05 44.12 39.02
N LEU B 115 -9.14 43.17 38.88
CA LEU B 115 -9.36 42.02 38.00
C LEU B 115 -9.12 40.78 38.80
N ILE B 116 -10.13 39.92 38.90
CA ILE B 116 -9.95 38.62 39.55
C ILE B 116 -9.85 37.58 38.45
N VAL B 117 -8.73 36.90 38.35
CA VAL B 117 -8.58 35.78 37.42
C VAL B 117 -8.84 34.45 38.14
N VAL B 118 -9.79 33.68 37.65
CA VAL B 118 -10.13 32.42 38.34
C VAL B 118 -9.22 31.27 37.88
N GLU B 119 -8.41 30.75 38.80
CA GLU B 119 -7.55 29.56 38.59
C GLU B 119 -6.16 29.75 37.96
N ARG B 120 -6.08 30.13 36.70
CA ARG B 120 -4.75 30.09 36.11
C ARG B 120 -4.45 31.08 34.99
N GLU B 121 -5.28 31.03 33.97
CA GLU B 121 -5.07 31.77 32.73
C GLU B 121 -3.97 32.84 32.65
N PHE B 122 -2.74 32.39 32.48
CA PHE B 122 -1.61 33.26 32.29
C PHE B 122 -1.58 33.79 30.86
N TRP B 123 -2.42 34.78 30.61
CA TRP B 123 -2.36 35.50 29.36
C TRP B 123 -1.30 36.64 29.45
N PRO B 124 -0.15 36.48 28.79
CA PRO B 124 0.95 37.45 28.93
C PRO B 124 0.58 38.92 28.69
N SER B 125 0.05 39.24 27.52
CA SER B 125 -0.28 40.63 27.21
C SER B 125 -1.27 41.20 28.20
N LEU B 126 -2.27 40.39 28.54
CA LEU B 126 -3.29 40.84 29.46
C LEU B 126 -2.65 41.21 30.78
N ILE B 127 -1.75 40.36 31.24
CA ILE B 127 -1.12 40.55 32.52
C ILE B 127 -0.07 41.68 32.49
N ILE B 128 0.75 41.70 31.45
CA ILE B 128 1.86 42.64 31.33
C ILE B 128 1.41 44.07 31.03
N PHE B 129 0.41 44.19 30.18
CA PHE B 129 -0.01 45.50 29.69
C PHE B 129 -1.28 46.11 30.28
N THR B 130 -1.87 45.51 31.33
CA THR B 130 -2.93 46.22 32.01
C THR B 130 -2.37 46.82 33.29
N LYS B 131 -2.94 47.95 33.71
CA LYS B 131 -2.57 48.57 34.98
C LYS B 131 -3.50 48.16 36.12
N VAL B 132 -4.69 47.66 35.77
CA VAL B 132 -5.65 47.18 36.77
C VAL B 132 -4.99 46.26 37.81
N PRO B 133 -5.31 46.48 39.11
CA PRO B 133 -4.80 45.59 40.18
C PRO B 133 -5.33 44.17 39.91
N LYS B 134 -4.45 43.18 40.03
CA LYS B 134 -4.79 41.82 39.58
C LYS B 134 -4.73 40.84 40.70
N ILE B 135 -5.74 39.95 40.73
CA ILE B 135 -5.88 38.99 41.80
C ILE B 135 -6.03 37.61 41.17
N LEU B 136 -5.29 36.63 41.70
CA LEU B 136 -5.40 35.27 41.20
C LEU B 136 -5.99 34.36 42.27
N VAL B 137 -7.00 33.56 41.92
CA VAL B 137 -7.69 32.72 42.92
C VAL B 137 -7.74 31.23 42.58
N ASN B 138 -7.68 30.41 43.63
CA ASN B 138 -7.66 28.95 43.52
C ASN B 138 -6.51 28.43 42.69
N ALA B 139 -5.40 29.16 42.73
CA ALA B 139 -4.23 28.83 41.92
C ALA B 139 -3.45 27.70 42.56
N TYR B 140 -2.64 27.02 41.73
CA TYR B 140 -1.75 25.97 42.21
C TYR B 140 -0.43 26.18 41.49
N ALA B 141 0.65 25.58 41.98
CA ALA B 141 1.96 25.77 41.38
C ALA B 141 2.37 24.60 40.49
N LYS B 142 2.84 24.90 39.28
CA LYS B 142 3.38 23.88 38.39
C LYS B 142 4.86 24.08 38.14
N GLY B 143 5.44 25.11 38.75
CA GLY B 143 6.85 25.39 38.64
C GLY B 143 7.33 25.75 37.25
N SER B 144 6.41 26.07 36.34
CA SER B 144 6.78 26.46 34.98
C SER B 144 7.44 27.84 34.93
N LEU B 145 8.22 28.09 33.90
CA LEU B 145 8.89 29.39 33.79
C LEU B 145 7.90 30.53 33.65
N ILE B 146 6.79 30.29 32.95
CA ILE B 146 5.79 31.33 32.78
C ILE B 146 5.26 31.77 34.16
N GLU B 147 5.16 30.82 35.09
CA GLU B 147 4.81 31.14 36.48
C GLU B 147 5.86 32.04 37.12
N LYS B 148 7.13 31.64 36.99
CA LYS B 148 8.22 32.38 37.60
C LYS B 148 8.22 33.81 37.11
N ILE B 149 7.68 34.02 35.92
CA ILE B 149 7.73 35.32 35.26
C ILE B 149 6.50 36.19 35.55
N LEU B 150 5.32 35.60 35.47
CA LEU B 150 4.11 36.41 35.57
C LEU B 150 3.46 36.42 36.95
N SER B 151 3.87 35.53 37.84
CA SER B 151 3.22 35.51 39.16
C SER B 151 3.48 36.79 39.98
N LYS B 152 4.68 37.35 39.87
CA LYS B 152 4.99 38.56 40.61
C LYS B 152 4.11 39.73 40.15
N LYS B 153 3.44 39.57 39.02
CA LYS B 153 2.63 40.65 38.46
C LYS B 153 1.25 40.76 39.09
N PHE B 154 0.88 39.77 39.91
CA PHE B 154 -0.39 39.83 40.61
C PHE B 154 -0.19 40.56 41.93
N ASP B 155 -1.12 41.47 42.25
CA ASP B 155 -1.12 42.18 43.53
C ASP B 155 -1.57 41.27 44.68
N LEU B 156 -2.41 40.29 44.36
CA LEU B 156 -2.86 39.34 45.36
C LEU B 156 -3.08 37.97 44.72
N ILE B 157 -2.59 36.92 45.39
CA ILE B 157 -2.74 35.55 44.93
C ILE B 157 -3.25 34.66 46.05
N ILE B 158 -4.30 33.90 45.77
CA ILE B 158 -4.85 33.00 46.78
C ILE B 158 -4.79 31.56 46.24
N MET B 159 -4.17 30.67 47.00
CA MET B 159 -3.76 29.38 46.48
C MET B 159 -4.41 28.25 47.28
N ARG B 160 -4.38 27.05 46.73
CA ARG B 160 -5.04 25.90 47.34
C ARG B 160 -4.31 25.34 48.54
N THR B 161 -2.99 25.37 48.52
CA THR B 161 -2.21 24.83 49.64
C THR B 161 -1.13 25.78 50.12
N GLN B 162 -0.64 25.54 51.33
CA GLN B 162 0.48 26.29 51.85
C GLN B 162 1.75 25.90 51.09
N GLU B 163 1.76 24.67 50.60
CA GLU B 163 2.84 24.17 49.75
C GLU B 163 3.06 25.07 48.53
N ASP B 164 1.99 25.40 47.81
CA ASP B 164 2.07 26.29 46.64
C ASP B 164 2.48 27.71 47.04
N VAL B 165 1.86 28.21 48.11
CA VAL B 165 2.15 29.54 48.62
C VAL B 165 3.66 29.74 48.78
N GLU B 166 4.34 28.72 49.30
CA GLU B 166 5.79 28.77 49.48
C GLU B 166 6.48 29.00 48.15
N LYS B 167 6.21 28.13 47.18
CA LYS B 167 6.83 28.25 45.86
C LYS B 167 6.64 29.63 45.22
N PHE B 168 5.40 30.13 45.19
CA PHE B 168 5.13 31.43 44.58
C PHE B 168 5.80 32.61 45.27
N LYS B 169 5.99 32.53 46.58
CA LYS B 169 6.65 33.61 47.30
C LYS B 169 8.10 33.73 46.83
N THR B 170 8.71 32.58 46.53
CA THR B 170 10.07 32.57 46.03
C THR B 170 10.15 33.08 44.59
N PHE B 171 9.00 33.15 43.91
CA PHE B 171 8.99 33.75 42.59
C PHE B 171 8.84 35.25 42.68
N GLY B 172 8.91 35.76 43.90
CA GLY B 172 8.84 37.18 44.13
C GLY B 172 7.42 37.69 44.27
N ALA B 173 6.45 36.78 44.28
CA ALA B 173 5.09 37.19 44.58
C ALA B 173 5.05 37.67 46.02
N LYS B 174 4.33 38.77 46.26
CA LYS B 174 4.15 39.31 47.60
C LYS B 174 2.66 39.54 47.81
N ARG B 175 2.13 38.98 48.89
CA ARG B 175 0.68 38.89 49.10
C ARG B 175 0.19 37.58 48.49
N VAL B 176 0.57 36.48 49.13
CA VAL B 176 0.17 35.15 48.72
C VAL B 176 -0.32 34.42 49.96
N PHE B 177 -1.54 33.90 49.89
CA PHE B 177 -2.19 33.18 50.99
C PHE B 177 -2.77 31.87 50.50
N SER B 178 -2.85 30.90 51.40
CA SER B 178 -3.48 29.63 51.11
C SER B 178 -4.88 29.66 51.73
N CYS B 179 -5.91 29.54 50.91
CA CYS B 179 -7.26 29.52 51.44
C CYS B 179 -7.98 28.19 51.21
N GLY B 180 -7.34 27.28 50.48
CA GLY B 180 -7.95 26.00 50.19
C GLY B 180 -8.53 25.99 48.80
N ASN B 181 -9.13 24.87 48.43
CA ASN B 181 -9.60 24.65 47.07
C ASN B 181 -11.08 25.03 46.90
N LEU B 182 -11.36 26.04 46.08
CA LEU B 182 -12.73 26.48 45.84
C LEU B 182 -13.67 25.34 45.45
N LYS B 183 -13.12 24.32 44.80
CA LYS B 183 -13.93 23.22 44.27
C LYS B 183 -14.59 22.45 45.40
N PHE B 184 -14.12 22.67 46.64
CA PHE B 184 -14.65 21.95 47.78
C PHE B 184 -15.70 22.73 48.54
N ILE B 185 -16.17 23.83 47.99
CA ILE B 185 -17.24 24.58 48.63
C ILE B 185 -18.58 23.97 48.29
N CYS B 186 -19.39 23.69 49.30
CA CYS B 186 -20.69 23.05 49.12
C CYS B 186 -21.71 24.05 48.59
N GLN B 187 -22.55 23.60 47.69
CA GLN B 187 -23.70 24.36 47.24
C GLN B 187 -24.87 23.38 47.35
N LYS B 188 -25.39 23.25 48.58
CA LYS B 188 -26.28 22.14 48.94
C LYS B 188 -27.71 22.31 48.43
N GLY B 189 -28.22 23.54 48.51
CA GLY B 189 -29.59 23.78 48.13
C GLY B 189 -30.52 23.52 49.30
N LYS B 190 -31.82 23.42 49.01
CA LYS B 190 -32.82 23.29 50.06
C LYS B 190 -32.80 21.91 50.72
N GLY B 191 -32.94 20.86 49.92
CA GLY B 191 -32.93 19.51 50.45
C GLY B 191 -34.29 19.04 50.93
N ILE B 192 -34.72 17.90 50.42
CA ILE B 192 -36.04 17.36 50.76
C ILE B 192 -35.97 16.46 51.98
N LYS B 193 -37.10 16.28 52.66
CA LYS B 193 -37.19 15.28 53.73
C LYS B 193 -38.17 14.18 53.36
N LEU B 194 -37.85 12.94 53.74
CA LEU B 194 -38.71 11.81 53.42
C LEU B 194 -38.81 10.86 54.59
N LYS B 195 -39.97 10.23 54.72
CA LYS B 195 -40.18 9.28 55.78
C LYS B 195 -39.56 7.96 55.37
N GLY B 196 -38.73 7.40 56.25
CA GLY B 196 -38.13 6.10 56.00
C GLY B 196 -36.62 6.07 56.01
N GLU B 197 -36.07 4.96 55.55
CA GLU B 197 -34.64 4.71 55.62
C GLU B 197 -34.12 4.41 54.20
N PHE B 198 -33.28 5.31 53.67
CA PHE B 198 -32.84 5.16 52.28
C PHE B 198 -31.34 5.17 52.06
N ILE B 199 -30.93 4.46 51.01
CA ILE B 199 -29.67 4.67 50.32
C ILE B 199 -29.97 5.46 49.04
N VAL B 200 -29.11 6.40 48.68
CA VAL B 200 -29.32 7.20 47.49
C VAL B 200 -28.16 6.99 46.54
N ALA B 201 -28.46 6.48 45.36
CA ALA B 201 -27.46 6.22 44.33
C ALA B 201 -27.70 7.19 43.19
N GLY B 202 -26.78 8.13 43.01
CA GLY B 202 -26.94 9.17 42.00
C GLY B 202 -25.94 9.09 40.87
N SER B 203 -26.38 9.52 39.67
CA SER B 203 -25.52 9.55 38.50
C SER B 203 -25.07 8.16 38.09
N ILE B 204 -25.99 7.21 38.17
CA ILE B 204 -25.66 5.84 37.87
C ILE B 204 -25.75 5.59 36.38
N HIS B 205 -24.71 4.98 35.80
CA HIS B 205 -24.76 4.58 34.39
C HIS B 205 -25.36 3.20 34.22
N THR B 206 -25.91 2.95 33.04
CA THR B 206 -26.50 1.65 32.72
C THR B 206 -25.58 0.52 33.16
N GLY B 207 -24.28 0.71 32.93
CA GLY B 207 -23.27 -0.27 33.26
C GLY B 207 -22.94 -0.38 34.74
N GLU B 208 -23.60 0.41 35.57
CA GLU B 208 -23.41 0.29 37.02
C GLU B 208 -24.64 -0.24 37.74
N VAL B 209 -25.79 -0.24 37.06
CA VAL B 209 -27.04 -0.61 37.72
C VAL B 209 -27.01 -1.97 38.41
N GLU B 210 -26.40 -2.94 37.75
CA GLU B 210 -26.37 -4.30 38.22
C GLU B 210 -25.55 -4.52 39.49
N ILE B 211 -24.31 -4.05 39.51
CA ILE B 211 -23.50 -4.24 40.71
C ILE B 211 -24.14 -3.59 41.95
N ILE B 212 -24.75 -2.42 41.77
CA ILE B 212 -25.49 -1.75 42.84
C ILE B 212 -26.75 -2.54 43.26
N LEU B 213 -27.44 -3.13 42.30
CA LEU B 213 -28.65 -3.87 42.61
C LEU B 213 -28.34 -5.16 43.36
N LYS B 214 -27.28 -5.84 42.94
CA LYS B 214 -26.86 -7.08 43.61
C LYS B 214 -26.33 -6.85 45.04
N ALA B 215 -25.60 -5.76 45.27
CA ALA B 215 -25.16 -5.45 46.62
C ALA B 215 -26.37 -5.10 47.48
N PHE B 216 -27.26 -4.26 46.96
CA PHE B 216 -28.46 -3.88 47.69
C PHE B 216 -29.33 -5.09 48.03
N LYS B 217 -29.43 -6.04 47.10
CA LYS B 217 -30.15 -7.28 47.34
C LYS B 217 -29.58 -8.02 48.55
N GLU B 218 -28.27 -8.17 48.61
CA GLU B 218 -27.62 -8.77 49.75
C GLU B 218 -27.91 -7.99 51.06
N ILE B 219 -27.84 -6.66 51.00
CA ILE B 219 -28.08 -5.80 52.17
C ILE B 219 -29.52 -5.89 52.71
N LYS B 220 -30.49 -5.98 51.81
CA LYS B 220 -31.88 -6.07 52.23
C LYS B 220 -32.24 -7.36 52.95
N LYS B 221 -31.37 -8.37 52.87
CA LYS B 221 -31.58 -9.60 53.63
C LYS B 221 -31.55 -9.30 55.13
N THR B 222 -30.66 -8.39 55.49
CA THR B 222 -30.44 -7.97 56.87
C THR B 222 -31.23 -6.73 57.21
N TYR B 223 -31.10 -5.71 56.37
CA TYR B 223 -31.80 -4.46 56.60
C TYR B 223 -33.09 -4.37 55.78
N SER B 224 -34.13 -5.01 56.30
CA SER B 224 -35.38 -5.25 55.55
C SER B 224 -36.17 -3.98 55.30
N SER B 225 -35.90 -2.95 56.08
CA SER B 225 -36.63 -1.70 55.96
C SER B 225 -36.01 -0.73 54.92
N LEU B 226 -34.71 -0.85 54.66
CA LEU B 226 -34.02 0.02 53.70
C LEU B 226 -34.69 0.12 52.32
N LYS B 227 -34.68 1.32 51.76
CA LYS B 227 -35.11 1.54 50.38
C LYS B 227 -33.99 2.20 49.60
N LEU B 228 -33.84 1.83 48.33
CA LEU B 228 -32.81 2.41 47.47
C LEU B 228 -33.39 3.41 46.49
N ILE B 229 -32.93 4.65 46.61
CA ILE B 229 -33.31 5.70 45.69
C ILE B 229 -32.29 5.75 44.56
N LEU B 230 -32.79 5.59 43.34
CA LEU B 230 -31.92 5.36 42.20
C LEU B 230 -32.14 6.45 41.15
N VAL B 231 -31.10 7.22 40.89
CA VAL B 231 -31.17 8.33 39.96
C VAL B 231 -30.20 8.09 38.81
N PRO B 232 -30.72 7.80 37.61
CA PRO B 232 -29.83 7.47 36.49
C PRO B 232 -29.06 8.72 36.03
N ARG B 233 -27.91 8.53 35.39
CA ARG B 233 -27.16 9.65 34.82
C ARG B 233 -28.08 10.37 33.85
N HIS B 234 -28.78 9.58 33.05
CA HIS B 234 -29.73 10.10 32.08
C HIS B 234 -31.13 9.67 32.46
N ILE B 235 -31.90 10.64 32.96
CA ILE B 235 -33.21 10.43 33.56
C ILE B 235 -34.20 9.69 32.68
N GLU B 236 -33.89 9.57 31.39
CA GLU B 236 -34.74 8.82 30.47
C GLU B 236 -34.58 7.32 30.70
N ASN B 237 -33.44 6.94 31.26
CA ASN B 237 -33.10 5.54 31.44
C ASN B 237 -33.86 4.87 32.60
N ALA B 238 -34.69 5.67 33.27
CA ALA B 238 -35.37 5.23 34.50
C ALA B 238 -36.34 4.11 34.21
N LYS B 239 -36.57 3.87 32.92
CA LYS B 239 -37.45 2.81 32.51
C LYS B 239 -36.69 1.49 32.45
N ILE B 240 -35.54 1.49 31.78
CA ILE B 240 -34.74 0.28 31.71
C ILE B 240 -34.27 -0.09 33.10
N PHE B 241 -33.89 0.93 33.87
CA PHE B 241 -33.47 0.73 35.25
C PHE B 241 -34.57 0.06 36.07
N GLU B 242 -35.79 0.60 35.97
CA GLU B 242 -36.94 0.04 36.65
C GLU B 242 -37.10 -1.43 36.31
N LYS B 243 -37.15 -1.72 35.02
CA LYS B 243 -37.35 -3.07 34.54
C LYS B 243 -36.26 -4.00 35.07
N LYS B 244 -35.03 -3.51 35.09
CA LYS B 244 -33.90 -4.20 35.69
C LYS B 244 -34.16 -4.53 37.16
N ALA B 245 -34.59 -3.54 37.95
CA ALA B 245 -34.89 -3.78 39.37
C ALA B 245 -35.93 -4.88 39.54
N ARG B 246 -36.97 -4.83 38.70
CA ARG B 246 -37.98 -5.86 38.68
C ARG B 246 -37.40 -7.25 38.42
N ASP B 247 -36.54 -7.37 37.42
CA ASP B 247 -35.91 -8.66 37.12
C ASP B 247 -35.13 -9.22 38.32
N PHE B 248 -34.79 -8.33 39.25
CA PHE B 248 -34.07 -8.74 40.46
C PHE B 248 -35.02 -9.09 41.61
N GLY B 249 -36.32 -8.86 41.37
CA GLY B 249 -37.34 -9.24 42.33
C GLY B 249 -37.81 -8.09 43.18
N PHE B 250 -37.28 -6.90 42.92
CA PHE B 250 -37.64 -5.74 43.72
C PHE B 250 -39.01 -5.19 43.36
N LYS B 251 -39.81 -4.85 44.37
CA LYS B 251 -40.96 -3.98 44.17
C LYS B 251 -40.44 -2.59 43.80
N THR B 252 -41.13 -1.93 42.88
CA THR B 252 -40.64 -0.67 42.30
C THR B 252 -41.69 0.44 42.35
N SER B 253 -41.20 1.68 42.43
CA SER B 253 -42.02 2.88 42.29
C SER B 253 -41.19 4.02 41.70
N PHE B 254 -41.87 4.99 41.12
CA PHE B 254 -41.21 6.17 40.60
C PHE B 254 -41.34 7.33 41.59
N PHE B 255 -40.28 8.11 41.70
CA PHE B 255 -40.23 9.18 42.69
C PHE B 255 -41.52 9.96 42.76
N GLU B 256 -41.86 10.34 43.99
CA GLU B 256 -43.17 10.82 44.40
C GLU B 256 -43.58 9.85 45.49
N ASN B 257 -44.11 8.68 45.08
CA ASN B 257 -44.38 7.62 46.03
C ASN B 257 -43.16 6.71 46.23
N LEU B 258 -42.88 6.39 47.49
CA LEU B 258 -41.77 5.51 47.84
C LEU B 258 -42.32 4.13 48.17
N GLU B 259 -43.32 3.73 47.40
CA GLU B 259 -43.95 2.43 47.55
C GLU B 259 -42.91 1.32 47.41
N GLY B 260 -42.00 1.49 46.45
CA GLY B 260 -41.07 0.44 46.09
C GLY B 260 -39.88 0.22 47.01
N ASP B 261 -39.25 -0.94 46.85
CA ASP B 261 -37.97 -1.23 47.49
C ASP B 261 -36.86 -0.44 46.78
N VAL B 262 -37.04 -0.28 45.47
CA VAL B 262 -36.25 0.63 44.68
C VAL B 262 -37.20 1.73 44.25
N ILE B 263 -36.80 2.98 44.46
CA ILE B 263 -37.57 4.12 44.01
C ILE B 263 -36.78 4.80 42.92
N LEU B 264 -37.34 4.87 41.72
CA LEU B 264 -36.61 5.48 40.62
C LEU B 264 -36.95 6.95 40.44
N VAL B 265 -35.93 7.76 40.20
CA VAL B 265 -36.11 9.19 39.96
C VAL B 265 -36.39 9.49 38.50
N ASP B 266 -37.49 10.20 38.27
CA ASP B 266 -38.08 10.33 36.94
C ASP B 266 -37.64 11.58 36.18
N ARG B 267 -37.60 12.72 36.86
CA ARG B 267 -37.40 14.01 36.18
C ARG B 267 -36.02 14.66 36.42
N PHE B 268 -35.69 15.61 35.55
CA PHE B 268 -34.39 16.32 35.56
C PHE B 268 -34.00 16.86 36.93
N GLY B 269 -32.69 17.05 37.10
CA GLY B 269 -32.15 17.59 38.34
C GLY B 269 -32.54 16.73 39.54
N ILE B 270 -33.10 17.37 40.56
CA ILE B 270 -33.63 16.67 41.73
C ILE B 270 -32.56 16.04 42.62
N LEU B 271 -31.55 15.43 42.00
CA LEU B 271 -30.53 14.65 42.72
C LEU B 271 -29.95 15.31 43.98
N LYS B 272 -29.29 16.46 43.81
CA LYS B 272 -28.58 17.07 44.92
C LYS B 272 -29.48 17.21 46.14
N GLU B 273 -30.78 17.35 45.91
CA GLU B 273 -31.76 17.56 46.95
C GLU B 273 -32.17 16.28 47.70
N LEU B 274 -31.97 15.12 47.06
CA LEU B 274 -32.37 13.84 47.64
C LEU B 274 -31.40 13.30 48.69
N TYR B 275 -30.12 13.61 48.53
CA TYR B 275 -29.08 13.01 49.34
C TYR B 275 -29.32 12.99 50.85
N PRO B 276 -29.64 14.15 51.45
CA PRO B 276 -29.86 14.25 52.90
C PRO B 276 -30.89 13.25 53.40
N VAL B 277 -31.71 12.75 52.47
CA VAL B 277 -32.76 11.81 52.84
C VAL B 277 -32.16 10.43 53.16
N GLY B 278 -31.07 10.09 52.47
CA GLY B 278 -30.43 8.79 52.65
C GLY B 278 -29.44 8.79 53.79
N LYS B 279 -29.04 7.60 54.24
CA LYS B 279 -28.00 7.50 55.27
C LYS B 279 -26.64 7.17 54.68
N ILE B 280 -26.63 6.68 53.44
CA ILE B 280 -25.41 6.47 52.68
C ILE B 280 -25.71 6.85 51.24
N ALA B 281 -24.73 7.39 50.54
CA ALA B 281 -24.88 7.68 49.12
C ALA B 281 -23.92 6.82 48.31
N ILE B 282 -24.29 6.58 47.05
CA ILE B 282 -23.38 5.96 46.11
C ILE B 282 -23.38 6.87 44.89
N VAL B 283 -22.19 7.24 44.42
CA VAL B 283 -22.12 8.10 43.25
C VAL B 283 -21.46 7.38 42.08
N GLY B 284 -22.13 7.44 40.92
CA GLY B 284 -21.74 6.67 39.75
C GLY B 284 -20.74 7.36 38.84
N GLY B 285 -20.65 6.86 37.61
CA GLY B 285 -19.58 7.25 36.72
C GLY B 285 -18.28 6.71 37.26
N THR B 286 -18.37 5.76 38.18
CA THR B 286 -17.19 5.31 38.91
C THR B 286 -16.97 3.83 38.90
N PHE B 287 -18.04 3.06 38.72
CA PHE B 287 -17.94 1.61 38.57
C PHE B 287 -17.73 1.22 37.10
N VAL B 288 -18.03 2.14 36.19
CA VAL B 288 -17.64 1.98 34.79
C VAL B 288 -16.57 3.01 34.54
N ASN B 289 -15.70 2.77 33.56
CA ASN B 289 -14.59 3.68 33.28
C ASN B 289 -15.05 5.03 32.75
N ILE B 290 -15.68 5.84 33.60
CA ILE B 290 -16.21 7.14 33.20
C ILE B 290 -15.48 8.28 33.90
N GLY B 291 -14.83 7.97 35.01
CA GLY B 291 -13.98 8.95 35.66
C GLY B 291 -14.57 9.60 36.89
N GLY B 292 -15.85 9.35 37.17
CA GLY B 292 -16.47 9.80 38.40
C GLY B 292 -17.34 11.04 38.26
N HIS B 293 -18.54 11.02 38.85
CA HIS B 293 -19.34 12.24 38.88
C HIS B 293 -19.11 13.01 40.20
N ASN B 294 -20.06 13.83 40.65
CA ASN B 294 -19.83 14.71 41.81
C ASN B 294 -19.91 13.99 43.16
N LEU B 295 -18.79 13.45 43.62
CA LEU B 295 -18.75 12.74 44.90
C LEU B 295 -19.02 13.66 46.08
N LEU B 296 -18.80 14.96 45.89
CA LEU B 296 -18.84 15.94 46.97
C LEU B 296 -20.25 16.11 47.54
N GLU B 297 -21.23 16.24 46.65
CA GLU B 297 -22.58 16.62 47.04
C GLU B 297 -23.15 15.95 48.30
N PRO B 298 -23.14 14.59 48.37
CA PRO B 298 -23.74 13.94 49.54
C PRO B 298 -22.99 14.23 50.83
N THR B 299 -21.66 14.34 50.75
CA THR B 299 -20.86 14.56 51.94
C THR B 299 -21.12 15.93 52.55
N CYS B 300 -21.53 16.91 51.74
CA CYS B 300 -21.89 18.23 52.27
C CYS B 300 -22.99 18.14 53.31
N TRP B 301 -23.77 17.07 53.23
CA TRP B 301 -24.86 16.81 54.16
C TRP B 301 -24.41 15.93 55.33
N GLY B 302 -23.12 15.60 55.36
CA GLY B 302 -22.57 14.74 56.41
C GLY B 302 -22.80 13.27 56.13
N ILE B 303 -23.14 12.96 54.90
CA ILE B 303 -23.45 11.58 54.48
C ILE B 303 -22.25 10.96 53.78
N PRO B 304 -21.86 9.75 54.20
CA PRO B 304 -20.68 9.11 53.59
C PRO B 304 -21.02 8.68 52.16
N VAL B 305 -20.04 8.65 51.27
CA VAL B 305 -20.27 8.26 49.89
C VAL B 305 -19.36 7.10 49.50
N ILE B 306 -19.89 6.17 48.72
CA ILE B 306 -19.13 5.05 48.18
C ILE B 306 -19.04 5.22 46.68
N TYR B 307 -17.92 4.83 46.08
CA TYR B 307 -17.76 4.90 44.64
C TYR B 307 -16.85 3.76 44.19
N GLY B 308 -16.88 3.41 42.91
CA GLY B 308 -15.99 2.42 42.36
C GLY B 308 -14.63 3.01 42.04
N PRO B 309 -13.77 2.26 41.34
CA PRO B 309 -12.35 2.62 41.24
C PRO B 309 -12.07 3.68 40.17
N TYR B 310 -13.02 3.94 39.28
CA TYR B 310 -12.78 4.87 38.16
C TYR B 310 -13.08 6.33 38.52
N THR B 311 -12.17 6.91 39.28
CA THR B 311 -12.35 8.26 39.80
C THR B 311 -11.27 9.18 39.26
N HIS B 312 -10.75 8.85 38.08
CA HIS B 312 -9.60 9.55 37.49
C HIS B 312 -9.86 11.00 37.08
N LYS B 313 -11.10 11.32 36.73
CA LYS B 313 -11.45 12.69 36.40
C LYS B 313 -11.72 13.50 37.66
N VAL B 314 -11.86 12.82 38.78
CA VAL B 314 -12.28 13.53 39.98
C VAL B 314 -11.29 13.29 41.12
N ASN B 315 -10.02 13.07 40.78
CA ASN B 315 -9.03 12.59 41.73
C ASN B 315 -8.72 13.48 42.95
N ASP B 316 -8.55 14.79 42.73
CA ASP B 316 -8.31 15.71 43.86
C ASP B 316 -9.44 15.58 44.88
N LEU B 317 -10.68 15.59 44.37
CA LEU B 317 -11.87 15.45 45.19
C LEU B 317 -11.83 14.16 46.01
N LYS B 318 -11.50 13.07 45.33
CA LYS B 318 -11.42 11.76 45.94
C LYS B 318 -10.41 11.73 47.08
N GLU B 319 -9.25 12.33 46.85
CA GLU B 319 -8.19 12.33 47.86
C GLU B 319 -8.61 13.15 49.09
N PHE B 320 -9.26 14.28 48.81
CA PHE B 320 -9.83 15.12 49.86
C PHE B 320 -10.80 14.31 50.73
N LEU B 321 -11.73 13.61 50.08
CA LEU B 321 -12.79 12.91 50.81
C LEU B 321 -12.26 11.78 51.67
N GLU B 322 -11.31 11.02 51.13
CA GLU B 322 -10.74 9.93 51.89
C GLU B 322 -9.97 10.46 53.08
N LYS B 323 -9.24 11.54 52.87
CA LYS B 323 -8.57 12.22 53.96
C LYS B 323 -9.58 12.57 55.05
N GLU B 324 -10.78 12.98 54.63
CA GLU B 324 -11.80 13.42 55.57
C GLU B 324 -12.64 12.27 56.11
N GLY B 325 -12.30 11.04 55.73
CA GLY B 325 -13.07 9.87 56.16
C GLY B 325 -14.51 9.87 55.70
N ALA B 326 -14.74 10.50 54.55
CA ALA B 326 -16.10 10.69 54.05
C ALA B 326 -16.36 9.88 52.78
N GLY B 327 -15.28 9.40 52.16
CA GLY B 327 -15.35 8.71 50.88
C GLY B 327 -14.68 7.35 50.87
N PHE B 328 -15.35 6.37 50.29
CA PHE B 328 -14.87 5.00 50.32
C PHE B 328 -14.92 4.32 48.95
N GLU B 329 -13.75 3.95 48.46
CA GLU B 329 -13.58 3.23 47.22
C GLU B 329 -13.89 1.73 47.39
N VAL B 330 -14.64 1.19 46.44
CA VAL B 330 -14.97 -0.24 46.41
C VAL B 330 -14.60 -0.81 45.05
N LYS B 331 -14.03 -2.02 45.04
CA LYS B 331 -13.52 -2.64 43.81
C LYS B 331 -14.53 -3.56 43.13
N ASN B 332 -15.41 -4.18 43.91
CA ASN B 332 -16.35 -5.15 43.38
C ASN B 332 -17.63 -5.25 44.21
N GLU B 333 -18.51 -6.15 43.80
CA GLU B 333 -19.81 -6.32 44.44
C GLU B 333 -19.75 -6.70 45.93
N THR B 334 -18.76 -7.52 46.30
CA THR B 334 -18.66 -7.96 47.69
C THR B 334 -18.02 -6.88 48.58
N GLU B 335 -17.06 -6.14 48.03
CA GLU B 335 -16.50 -5.00 48.75
C GLU B 335 -17.60 -3.97 48.99
N LEU B 336 -18.44 -3.80 47.98
CA LEU B 336 -19.61 -2.92 48.11
C LEU B 336 -20.51 -3.36 49.25
N VAL B 337 -20.84 -4.64 49.32
CA VAL B 337 -21.70 -5.13 50.39
C VAL B 337 -21.03 -4.90 51.74
N THR B 338 -19.76 -5.27 51.84
CA THR B 338 -19.00 -5.09 53.08
C THR B 338 -19.06 -3.65 53.55
N LYS B 339 -18.62 -2.74 52.68
CA LYS B 339 -18.62 -1.32 52.96
C LYS B 339 -20.00 -0.81 53.37
N LEU B 340 -21.03 -1.15 52.60
CA LEU B 340 -22.40 -0.80 52.98
C LEU B 340 -22.80 -1.30 54.38
N THR B 341 -22.40 -2.51 54.72
CA THR B 341 -22.79 -3.06 56.03
C THR B 341 -22.02 -2.34 57.13
N GLU B 342 -20.77 -1.97 56.88
CA GLU B 342 -20.02 -1.21 57.88
C GLU B 342 -20.65 0.15 58.09
N LEU B 343 -20.95 0.85 57.00
CA LEU B 343 -21.48 2.22 57.09
C LEU B 343 -22.89 2.23 57.68
N LEU B 344 -23.58 1.09 57.63
CA LEU B 344 -24.89 1.00 58.27
C LEU B 344 -24.79 0.84 59.79
N SER B 345 -23.63 0.40 60.27
CA SER B 345 -23.46 0.12 61.69
C SER B 345 -22.69 1.24 62.38
N VAL B 346 -22.39 2.29 61.62
CA VAL B 346 -21.68 3.43 62.18
C VAL B 346 -22.38 4.73 61.81
N LYS B 347 -22.19 5.75 62.65
CA LYS B 347 -22.51 7.10 62.25
C LYS B 347 -21.20 7.88 62.14
N LYS B 348 -20.85 8.26 60.92
CA LYS B 348 -19.61 8.96 60.65
C LYS B 348 -19.67 10.40 61.12
N GLU B 349 -18.52 10.97 61.42
CA GLU B 349 -18.46 12.38 61.75
C GLU B 349 -17.70 13.04 60.63
N ILE B 350 -18.45 13.53 59.66
CA ILE B 350 -17.87 14.02 58.43
C ILE B 350 -17.85 15.55 58.46
N LYS B 351 -16.67 16.11 58.22
CA LYS B 351 -16.43 17.54 58.48
C LYS B 351 -16.39 18.39 57.20
N VAL B 352 -16.90 17.84 56.10
CA VAL B 352 -16.79 18.52 54.81
C VAL B 352 -17.48 19.89 54.75
N GLU B 353 -18.69 19.98 55.27
CA GLU B 353 -19.40 21.27 55.28
C GLU B 353 -18.71 22.34 56.14
N GLU B 354 -18.08 21.93 57.25
CA GLU B 354 -17.37 22.91 58.06
C GLU B 354 -16.11 23.36 57.33
N LYS B 355 -15.48 22.42 56.63
CA LYS B 355 -14.31 22.70 55.81
C LYS B 355 -14.70 23.68 54.72
N SER B 356 -15.86 23.42 54.12
CA SER B 356 -16.42 24.31 53.09
C SER B 356 -16.53 25.74 53.61
N ARG B 357 -17.19 25.92 54.75
CA ARG B 357 -17.36 27.26 55.32
C ARG B 357 -16.04 27.96 55.61
N GLU B 358 -15.02 27.23 56.04
CA GLU B 358 -13.69 27.81 56.25
C GLU B 358 -13.08 28.29 54.93
N ILE B 359 -13.14 27.45 53.91
CA ILE B 359 -12.60 27.82 52.61
C ILE B 359 -13.31 29.07 52.10
N LYS B 360 -14.64 29.03 52.03
CA LYS B 360 -15.38 30.18 51.54
C LYS B 360 -15.11 31.45 52.37
N GLY B 361 -15.06 31.32 53.68
CA GLY B 361 -14.80 32.44 54.57
C GLY B 361 -13.42 33.04 54.31
N CYS B 362 -12.44 32.15 54.15
CA CYS B 362 -11.06 32.59 53.95
C CYS B 362 -10.95 33.43 52.68
N TYR B 363 -11.50 32.91 51.58
CA TYR B 363 -11.51 33.65 50.32
C TYR B 363 -12.19 35.01 50.45
N LEU B 364 -13.40 35.03 50.98
CA LEU B 364 -14.19 36.26 51.03
C LEU B 364 -13.52 37.31 51.90
N GLU B 365 -12.94 36.88 53.01
CA GLU B 365 -12.23 37.78 53.90
C GLU B 365 -11.08 38.44 53.15
N LYS B 366 -10.28 37.64 52.46
CA LYS B 366 -9.10 38.19 51.82
C LYS B 366 -9.49 39.09 50.65
N LEU B 367 -10.41 38.64 49.81
CA LEU B 367 -10.88 39.48 48.74
C LEU B 367 -11.44 40.81 49.25
N ARG B 368 -12.29 40.77 50.28
CA ARG B 368 -12.89 41.99 50.80
C ARG B 368 -11.84 42.96 51.34
N GLU B 369 -10.90 42.40 52.10
CA GLU B 369 -9.81 43.19 52.65
C GLU B 369 -9.06 43.89 51.54
N PHE B 370 -8.68 43.14 50.52
CA PHE B 370 -7.95 43.69 49.40
C PHE B 370 -8.78 44.72 48.64
N LEU B 371 -10.05 44.44 48.42
CA LEU B 371 -10.91 45.38 47.71
C LEU B 371 -11.36 46.58 48.56
N ARG B 372 -11.12 46.54 49.87
CA ARG B 372 -11.48 47.67 50.73
C ARG B 372 -10.74 48.92 50.25
N GLY B 373 -9.42 48.88 50.36
CA GLY B 373 -8.57 49.94 49.85
C GLY B 373 -7.18 49.42 49.51
N HIS C 21 29.19 -13.63 -13.13
CA HIS C 21 28.19 -14.09 -14.08
C HIS C 21 28.77 -14.32 -15.48
N MET C 22 28.23 -13.59 -16.46
CA MET C 22 28.70 -13.68 -17.83
C MET C 22 29.77 -12.62 -18.09
N GLN C 23 30.67 -12.87 -19.02
CA GLN C 23 31.70 -11.87 -19.32
C GLN C 23 31.26 -10.94 -20.45
N PHE C 24 31.07 -9.67 -20.12
CA PHE C 24 30.69 -8.69 -21.14
C PHE C 24 31.90 -8.13 -21.89
N GLU C 25 33.08 -8.26 -21.30
CA GLU C 25 34.33 -7.82 -21.94
C GLU C 25 34.29 -6.37 -22.42
N VAL C 26 33.78 -5.48 -21.58
CA VAL C 26 33.58 -4.11 -22.02
C VAL C 26 34.91 -3.41 -22.27
N LEU C 27 35.89 -3.68 -21.41
CA LEU C 27 37.18 -3.05 -21.55
C LEU C 27 37.83 -3.47 -22.87
N LYS C 28 37.70 -4.74 -23.21
CA LYS C 28 38.31 -5.29 -24.44
C LYS C 28 37.70 -4.67 -25.67
N ARG C 29 36.38 -4.54 -25.67
CA ARG C 29 35.65 -3.88 -26.74
C ARG C 29 36.08 -2.40 -26.91
N PHE C 30 36.22 -1.71 -25.80
CA PHE C 30 36.49 -0.27 -25.83
C PHE C 30 37.93 -0.03 -26.23
N PHE C 31 38.81 -0.89 -25.73
CA PHE C 31 40.23 -0.77 -25.92
C PHE C 31 40.76 -2.13 -26.36
N PRO C 32 40.60 -2.46 -27.64
CA PRO C 32 40.96 -3.79 -28.12
C PRO C 32 42.34 -4.23 -27.66
N LYS C 33 42.48 -5.52 -27.39
CA LYS C 33 43.71 -6.06 -26.80
C LYS C 33 44.96 -5.85 -27.65
N GLU C 34 46.06 -5.52 -27.00
CA GLU C 34 47.31 -5.26 -27.70
C GLU C 34 47.77 -6.48 -28.47
N SER C 35 47.45 -7.66 -27.93
CA SER C 35 47.90 -8.92 -28.51
C SER C 35 47.28 -9.24 -29.87
N LEU C 36 46.31 -8.44 -30.30
CA LEU C 36 45.80 -8.55 -31.67
C LEU C 36 46.95 -8.37 -32.66
N LYS C 37 48.00 -7.67 -32.23
CA LYS C 37 49.19 -7.46 -33.06
C LYS C 37 49.65 -8.79 -33.62
N ASN C 38 49.47 -9.85 -32.83
CA ASN C 38 49.97 -11.17 -33.17
C ASN C 38 49.14 -11.88 -34.24
N CYS C 39 48.14 -11.19 -34.77
CA CYS C 39 47.23 -11.78 -35.76
C CYS C 39 47.18 -10.94 -37.04
N LYS C 40 48.18 -10.10 -37.23
CA LYS C 40 48.17 -9.18 -38.36
C LYS C 40 48.05 -9.91 -39.70
N GLY C 41 47.34 -9.31 -40.64
CA GLY C 41 47.18 -9.90 -41.96
C GLY C 41 46.12 -10.98 -42.07
N ALA C 42 45.47 -11.31 -40.96
CA ALA C 42 44.44 -12.34 -40.99
C ALA C 42 43.21 -11.90 -41.76
N LEU C 43 42.40 -12.89 -42.14
CA LEU C 43 41.05 -12.65 -42.59
C LEU C 43 40.15 -12.51 -41.36
N TRP C 44 39.42 -11.40 -41.32
CA TRP C 44 38.57 -11.04 -40.18
C TRP C 44 37.14 -11.49 -40.50
N VAL C 45 36.61 -12.36 -39.64
CA VAL C 45 35.27 -12.89 -39.82
C VAL C 45 34.46 -12.51 -38.60
N HIS C 46 33.30 -11.90 -38.83
CA HIS C 46 32.48 -11.48 -37.72
C HIS C 46 31.15 -12.22 -37.68
N THR C 47 30.94 -12.95 -36.60
CA THR C 47 29.70 -13.69 -36.39
C THR C 47 29.05 -13.18 -35.11
N ALA C 48 27.95 -12.45 -35.25
CA ALA C 48 27.37 -11.76 -34.11
C ALA C 48 27.17 -12.68 -32.92
N SER C 49 26.68 -13.91 -33.19
CA SER C 49 26.43 -14.88 -32.13
C SER C 49 26.46 -16.30 -32.65
N ILE C 50 26.07 -17.25 -31.81
CA ILE C 50 26.20 -18.65 -32.15
C ILE C 50 25.51 -19.01 -33.48
N GLY C 51 24.31 -18.48 -33.71
CA GLY C 51 23.59 -18.77 -34.93
C GLY C 51 24.40 -18.40 -36.17
N GLU C 52 24.86 -17.16 -36.21
CA GLU C 52 25.65 -16.70 -37.33
C GLU C 52 26.88 -17.58 -37.52
N PHE C 53 27.53 -17.96 -36.42
CA PHE C 53 28.74 -18.78 -36.57
C PHE C 53 28.41 -20.14 -37.22
N ASN C 54 27.35 -20.78 -36.73
CA ASN C 54 26.96 -22.07 -37.28
C ASN C 54 26.58 -21.95 -38.76
N THR C 55 25.81 -20.92 -39.10
CA THR C 55 25.41 -20.67 -40.48
C THR C 55 26.62 -20.53 -41.42
N PHE C 56 27.65 -19.85 -40.96
CA PHE C 56 28.81 -19.58 -41.82
C PHE C 56 29.86 -20.70 -41.77
N LEU C 57 29.74 -21.59 -40.78
CA LEU C 57 30.80 -22.56 -40.50
C LEU C 57 31.28 -23.37 -41.72
N PRO C 58 30.36 -23.83 -42.58
CA PRO C 58 30.84 -24.66 -43.70
C PRO C 58 31.76 -23.86 -44.61
N ILE C 59 31.47 -22.58 -44.76
CA ILE C 59 32.34 -21.70 -45.55
C ILE C 59 33.65 -21.47 -44.80
N LEU C 60 33.54 -21.27 -43.48
CA LEU C 60 34.72 -20.99 -42.64
C LEU C 60 35.71 -22.15 -42.68
N LYS C 61 35.21 -23.38 -42.64
CA LYS C 61 36.07 -24.55 -42.72
C LYS C 61 36.99 -24.50 -43.93
N GLU C 62 36.45 -24.09 -45.08
CA GLU C 62 37.27 -24.00 -46.28
C GLU C 62 38.23 -22.80 -46.26
N LEU C 63 37.70 -21.63 -45.89
CA LEU C 63 38.53 -20.42 -45.85
C LEU C 63 39.67 -20.57 -44.85
N LYS C 64 39.41 -21.23 -43.73
CA LYS C 64 40.41 -21.45 -42.69
C LYS C 64 41.63 -22.18 -43.22
N ARG C 65 41.45 -22.87 -44.34
CA ARG C 65 42.53 -23.61 -44.96
C ARG C 65 43.50 -22.69 -45.71
N GLU C 66 42.99 -21.58 -46.24
CA GLU C 66 43.81 -20.68 -47.06
C GLU C 66 44.14 -19.35 -46.39
N HIS C 67 43.60 -19.11 -45.20
CA HIS C 67 43.82 -17.86 -44.47
C HIS C 67 43.96 -18.09 -42.98
N ARG C 68 44.74 -17.24 -42.34
CA ARG C 68 44.67 -17.17 -40.89
C ARG C 68 43.37 -16.45 -40.58
N ILE C 69 42.73 -16.85 -39.49
CA ILE C 69 41.41 -16.34 -39.18
C ILE C 69 41.38 -15.52 -37.89
N LEU C 70 40.83 -14.32 -37.99
CA LEU C 70 40.52 -13.53 -36.81
C LEU C 70 39.01 -13.50 -36.66
N LEU C 71 38.51 -14.08 -35.56
CA LEU C 71 37.07 -14.23 -35.38
C LEU C 71 36.55 -13.31 -34.30
N THR C 72 35.53 -12.52 -34.63
CA THR C 72 34.90 -11.67 -33.64
C THR C 72 33.42 -11.99 -33.51
N TYR C 73 32.83 -11.60 -32.38
CA TYR C 73 31.41 -11.85 -32.10
C TYR C 73 30.90 -10.68 -31.30
N PHE C 74 29.58 -10.47 -31.33
CA PHE C 74 29.00 -9.42 -30.50
C PHE C 74 28.41 -9.92 -29.17
N SER C 75 27.56 -10.96 -29.23
CA SER C 75 26.84 -11.41 -28.03
C SER C 75 27.77 -12.06 -27.02
N PRO C 76 27.73 -11.58 -25.77
CA PRO C 76 28.47 -12.20 -24.67
C PRO C 76 28.06 -13.67 -24.51
N ARG C 77 26.87 -14.01 -24.97
CA ARG C 77 26.41 -15.40 -24.90
C ARG C 77 27.19 -16.32 -25.86
N ALA C 78 27.98 -15.75 -26.75
CA ALA C 78 28.67 -16.57 -27.74
C ALA C 78 30.10 -16.92 -27.31
N ARG C 79 30.67 -16.14 -26.40
CA ARG C 79 32.06 -16.37 -25.99
C ARG C 79 32.33 -17.84 -25.65
N GLU C 80 31.67 -18.34 -24.61
CA GLU C 80 31.95 -19.70 -24.14
C GLU C 80 31.81 -20.75 -25.25
N TYR C 81 30.73 -20.66 -26.00
CA TYR C 81 30.53 -21.56 -27.13
C TYR C 81 31.70 -21.46 -28.12
N LEU C 82 32.04 -20.24 -28.54
CA LEU C 82 33.09 -20.04 -29.55
C LEU C 82 34.45 -20.54 -29.07
N LYS C 83 34.73 -20.40 -27.78
CA LYS C 83 35.99 -20.93 -27.24
C LYS C 83 36.14 -22.43 -27.52
N THR C 84 35.03 -23.11 -27.75
CA THR C 84 35.09 -24.55 -27.96
C THR C 84 35.32 -24.86 -29.43
N LYS C 85 35.49 -23.81 -30.24
CA LYS C 85 35.62 -23.96 -31.68
C LYS C 85 36.98 -23.46 -32.14
N SER C 86 37.97 -23.52 -31.25
CA SER C 86 39.30 -22.99 -31.54
C SER C 86 39.94 -23.63 -32.76
N ASP C 87 39.40 -24.77 -33.20
CA ASP C 87 39.89 -25.43 -34.40
C ASP C 87 39.61 -24.60 -35.65
N PHE C 88 38.61 -23.73 -35.57
CA PHE C 88 38.16 -23.02 -36.78
C PHE C 88 38.64 -21.56 -36.88
N TYR C 89 39.52 -21.15 -35.98
CA TYR C 89 40.07 -19.79 -36.01
C TYR C 89 41.42 -19.73 -35.30
N ASP C 90 42.14 -18.63 -35.51
CA ASP C 90 43.46 -18.49 -34.93
C ASP C 90 43.39 -17.53 -33.74
N CYS C 91 42.55 -16.51 -33.87
CA CYS C 91 42.36 -15.54 -32.81
C CYS C 91 40.88 -15.28 -32.61
N LEU C 92 40.50 -15.03 -31.37
CA LEU C 92 39.12 -14.75 -31.00
C LEU C 92 39.08 -13.46 -30.15
N HIS C 93 38.19 -12.53 -30.50
CA HIS C 93 38.10 -11.26 -29.80
C HIS C 93 36.69 -10.71 -30.00
N PRO C 94 36.10 -10.10 -28.95
CA PRO C 94 34.81 -9.45 -29.23
C PRO C 94 34.92 -8.28 -30.19
N LEU C 95 33.82 -7.96 -30.86
CA LEU C 95 33.77 -6.84 -31.78
C LEU C 95 34.07 -5.56 -31.01
N PRO C 96 34.80 -4.60 -31.63
CA PRO C 96 35.03 -3.34 -30.90
C PRO C 96 33.73 -2.58 -30.71
N LEU C 97 33.62 -1.83 -29.61
CA LEU C 97 32.50 -0.90 -29.41
C LEU C 97 32.38 0.03 -30.61
N ASP C 98 31.17 0.53 -30.87
CA ASP C 98 30.98 1.24 -32.12
C ASP C 98 31.31 2.75 -32.07
N ASN C 99 32.55 3.07 -31.74
CA ASN C 99 33.02 4.44 -31.88
C ASN C 99 34.26 4.47 -32.75
N PRO C 100 34.51 5.62 -33.42
CA PRO C 100 35.62 5.65 -34.39
C PRO C 100 36.91 5.17 -33.78
N PHE C 101 37.19 5.54 -32.54
CA PHE C 101 38.49 5.20 -31.97
C PHE C 101 38.69 3.73 -31.61
N SER C 102 37.68 3.09 -31.02
CA SER C 102 37.84 1.67 -30.69
C SER C 102 37.97 0.84 -31.95
N VAL C 103 37.16 1.16 -32.93
CA VAL C 103 37.18 0.46 -34.20
C VAL C 103 38.49 0.65 -34.96
N LYS C 104 39.01 1.88 -34.99
CA LYS C 104 40.27 2.15 -35.64
C LYS C 104 41.40 1.44 -34.89
N ARG C 105 41.37 1.46 -33.56
CA ARG C 105 42.45 0.77 -32.84
C ARG C 105 42.45 -0.73 -33.15
N PHE C 106 41.26 -1.32 -33.23
CA PHE C 106 41.14 -2.73 -33.62
C PHE C 106 41.80 -3.00 -34.99
N GLU C 107 41.46 -2.18 -35.98
CA GLU C 107 41.97 -2.36 -37.33
C GLU C 107 43.49 -2.10 -37.42
N GLU C 108 43.99 -1.21 -36.58
CA GLU C 108 45.40 -0.81 -36.64
C GLU C 108 46.28 -1.83 -35.95
N LEU C 109 45.73 -2.51 -34.96
CA LEU C 109 46.43 -3.58 -34.27
C LEU C 109 46.47 -4.84 -35.12
N SER C 110 45.35 -5.15 -35.79
CA SER C 110 45.22 -6.44 -36.46
C SER C 110 45.53 -6.40 -37.95
N LYS C 111 45.55 -5.21 -38.53
CA LYS C 111 45.80 -5.05 -39.95
C LYS C 111 45.23 -6.22 -40.77
N PRO C 112 43.89 -6.40 -40.72
CA PRO C 112 43.22 -7.52 -41.38
C PRO C 112 43.22 -7.34 -42.89
N LYS C 113 43.32 -8.42 -43.64
CA LYS C 113 43.31 -8.32 -45.10
C LYS C 113 41.90 -8.03 -45.63
N ALA C 114 40.90 -8.38 -44.84
CA ALA C 114 39.51 -8.16 -45.21
C ALA C 114 38.60 -8.54 -44.06
N LEU C 115 37.35 -8.13 -44.14
CA LEU C 115 36.37 -8.41 -43.11
C LEU C 115 35.13 -8.95 -43.78
N ILE C 116 34.68 -10.12 -43.31
CA ILE C 116 33.46 -10.72 -43.82
C ILE C 116 32.42 -10.61 -42.77
N VAL C 117 31.31 -9.95 -43.07
CA VAL C 117 30.26 -9.78 -42.08
C VAL C 117 29.12 -10.79 -42.38
N VAL C 118 28.85 -11.66 -41.44
CA VAL C 118 27.81 -12.68 -41.66
C VAL C 118 26.42 -12.12 -41.38
N GLU C 119 25.62 -12.07 -42.44
CA GLU C 119 24.21 -11.63 -42.43
C GLU C 119 23.85 -10.11 -42.41
N ARG C 120 24.24 -9.35 -41.40
CA ARG C 120 23.74 -7.97 -41.38
C ARG C 120 24.13 -7.14 -40.18
N GLU C 121 25.34 -7.30 -39.71
CA GLU C 121 25.76 -6.52 -38.57
C GLU C 121 26.06 -5.09 -39.04
N PHE C 122 25.02 -4.29 -39.27
CA PHE C 122 25.24 -2.90 -39.71
C PHE C 122 25.63 -2.00 -38.56
N TRP C 123 26.89 -2.11 -38.14
CA TRP C 123 27.46 -1.21 -37.16
C TRP C 123 28.10 0.01 -37.88
N PRO C 124 27.44 1.18 -37.83
CA PRO C 124 27.89 2.35 -38.61
C PRO C 124 29.36 2.72 -38.39
N SER C 125 29.84 2.89 -37.17
CA SER C 125 31.23 3.32 -37.03
C SER C 125 32.18 2.29 -37.59
N LEU C 126 31.85 1.01 -37.35
CA LEU C 126 32.61 -0.11 -37.88
C LEU C 126 32.69 -0.05 -39.40
N ILE C 127 31.55 0.21 -40.03
CA ILE C 127 31.49 0.24 -41.49
C ILE C 127 32.09 1.52 -42.08
N ILE C 128 31.83 2.64 -41.41
CA ILE C 128 32.30 3.96 -41.89
C ILE C 128 33.78 4.24 -41.64
N PHE C 129 34.28 3.89 -40.46
CA PHE C 129 35.62 4.30 -40.05
C PHE C 129 36.74 3.27 -40.14
N THR C 130 36.47 2.10 -40.72
CA THR C 130 37.57 1.19 -41.02
C THR C 130 37.85 1.25 -42.50
N LYS C 131 39.08 0.93 -42.88
CA LYS C 131 39.47 0.94 -44.29
C LYS C 131 39.48 -0.46 -44.88
N VAL C 132 39.55 -1.48 -44.01
CA VAL C 132 39.49 -2.88 -44.42
C VAL C 132 38.46 -3.10 -45.53
N PRO C 133 38.83 -3.87 -46.56
CA PRO C 133 37.82 -4.28 -47.55
C PRO C 133 36.74 -5.11 -46.84
N LYS C 134 35.48 -4.83 -47.15
CA LYS C 134 34.35 -5.36 -46.42
C LYS C 134 33.44 -6.15 -47.33
N ILE C 135 32.95 -7.27 -46.80
CA ILE C 135 32.13 -8.22 -47.53
C ILE C 135 30.96 -8.66 -46.66
N LEU C 136 29.75 -8.54 -47.19
CA LEU C 136 28.54 -8.94 -46.47
C LEU C 136 28.05 -10.22 -47.13
N VAL C 137 27.73 -11.25 -46.33
CA VAL C 137 27.26 -12.52 -46.88
C VAL C 137 25.93 -12.94 -46.29
N ASN C 138 25.13 -13.59 -47.11
CA ASN C 138 23.82 -14.11 -46.70
C ASN C 138 22.83 -13.02 -46.37
N ALA C 139 23.03 -11.87 -47.00
CA ALA C 139 22.24 -10.68 -46.71
C ALA C 139 20.93 -10.71 -47.45
N TYR C 140 19.97 -9.94 -46.96
CA TYR C 140 18.70 -9.78 -47.64
C TYR C 140 18.39 -8.31 -47.51
N ALA C 141 17.49 -7.82 -48.34
CA ALA C 141 17.19 -6.40 -48.37
C ALA C 141 15.88 -6.14 -47.66
N LYS C 142 15.82 -5.05 -46.90
CA LYS C 142 14.58 -4.66 -46.24
C LYS C 142 14.04 -3.36 -46.82
N GLY C 143 14.91 -2.62 -47.51
CA GLY C 143 14.54 -1.39 -48.18
C GLY C 143 14.67 -0.19 -47.27
N SER C 144 15.29 -0.39 -46.12
CA SER C 144 15.42 0.65 -45.11
C SER C 144 16.50 1.67 -45.47
N LEU C 145 16.44 2.83 -44.83
CA LEU C 145 17.35 3.92 -45.13
C LEU C 145 18.80 3.60 -44.74
N ILE C 146 18.98 2.79 -43.70
CA ILE C 146 20.33 2.44 -43.28
C ILE C 146 21.01 1.56 -44.33
N GLU C 147 20.20 0.79 -45.06
CA GLU C 147 20.68 -0.03 -46.18
C GLU C 147 21.12 0.86 -47.35
N LYS C 148 20.25 1.78 -47.74
CA LYS C 148 20.57 2.75 -48.76
C LYS C 148 21.94 3.35 -48.51
N ILE C 149 22.21 3.62 -47.24
CA ILE C 149 23.39 4.38 -46.84
C ILE C 149 24.63 3.54 -46.65
N LEU C 150 24.49 2.33 -46.11
CA LEU C 150 25.71 1.58 -45.80
C LEU C 150 26.03 0.50 -46.83
N SER C 151 25.04 0.09 -47.62
CA SER C 151 25.28 -1.02 -48.55
C SER C 151 26.40 -0.72 -49.53
N LYS C 152 26.40 0.51 -50.06
CA LYS C 152 27.44 0.95 -50.99
C LYS C 152 28.83 0.94 -50.36
N LYS C 153 28.91 0.87 -49.04
CA LYS C 153 30.20 0.86 -48.36
C LYS C 153 30.90 -0.50 -48.33
N PHE C 154 30.21 -1.54 -48.81
CA PHE C 154 30.80 -2.88 -48.89
C PHE C 154 31.41 -3.09 -50.27
N ASP C 155 32.57 -3.75 -50.31
CA ASP C 155 33.25 -4.05 -51.58
C ASP C 155 32.62 -5.22 -52.33
N LEU C 156 31.86 -6.02 -51.60
CA LEU C 156 31.22 -7.20 -52.17
C LEU C 156 30.03 -7.60 -51.28
N ILE C 157 28.87 -7.78 -51.90
CA ILE C 157 27.71 -8.28 -51.17
C ILE C 157 27.15 -9.54 -51.84
N ILE C 158 26.98 -10.61 -51.05
CA ILE C 158 26.37 -11.85 -51.52
C ILE C 158 25.04 -12.05 -50.81
N MET C 159 23.97 -12.09 -51.59
CA MET C 159 22.62 -12.09 -51.05
C MET C 159 21.91 -13.42 -51.27
N ARG C 160 20.75 -13.60 -50.65
CA ARG C 160 20.03 -14.88 -50.69
C ARG C 160 19.16 -15.02 -51.93
N THR C 161 18.70 -13.88 -52.43
CA THR C 161 17.83 -13.90 -53.60
C THR C 161 18.19 -12.83 -54.61
N GLN C 162 17.91 -13.14 -55.86
CA GLN C 162 18.12 -12.21 -56.96
C GLN C 162 17.26 -10.97 -56.75
N GLU C 163 16.12 -11.13 -56.09
CA GLU C 163 15.27 -10.02 -55.71
C GLU C 163 16.00 -9.04 -54.79
N ASP C 164 16.68 -9.58 -53.77
CA ASP C 164 17.46 -8.75 -52.86
C ASP C 164 18.58 -8.03 -53.65
N VAL C 165 19.17 -8.73 -54.62
CA VAL C 165 20.20 -8.14 -55.46
C VAL C 165 19.67 -6.90 -56.15
N GLU C 166 18.52 -7.03 -56.80
CA GLU C 166 17.90 -5.91 -57.50
C GLU C 166 17.79 -4.68 -56.60
N LYS C 167 17.17 -4.85 -55.45
CA LYS C 167 17.02 -3.75 -54.51
C LYS C 167 18.34 -3.08 -54.14
N PHE C 168 19.36 -3.89 -53.84
CA PHE C 168 20.65 -3.32 -53.46
C PHE C 168 21.35 -2.63 -54.62
N LYS C 169 21.12 -3.12 -55.84
CA LYS C 169 21.72 -2.47 -56.99
C LYS C 169 21.13 -1.08 -57.21
N THR C 170 19.83 -0.93 -56.95
CA THR C 170 19.21 0.39 -57.00
C THR C 170 19.72 1.27 -55.85
N PHE C 171 20.42 0.67 -54.90
CA PHE C 171 21.04 1.44 -53.82
C PHE C 171 22.45 1.86 -54.17
N GLY C 172 22.83 1.63 -55.42
CA GLY C 172 24.16 2.00 -55.88
C GLY C 172 25.24 1.08 -55.35
N ALA C 173 24.86 -0.10 -54.87
CA ALA C 173 25.87 -1.09 -54.54
C ALA C 173 26.40 -1.70 -55.82
N LYS C 174 27.72 -1.72 -55.99
CA LYS C 174 28.32 -2.50 -57.06
C LYS C 174 28.87 -3.78 -56.42
N ARG C 175 29.20 -4.75 -57.25
CA ARG C 175 29.66 -6.05 -56.76
C ARG C 175 28.65 -6.71 -55.83
N VAL C 176 27.45 -6.96 -56.34
CA VAL C 176 26.41 -7.66 -55.58
C VAL C 176 25.85 -8.85 -56.37
N PHE C 177 25.79 -9.99 -55.71
CA PHE C 177 25.35 -11.22 -56.35
C PHE C 177 24.43 -12.02 -55.45
N SER C 178 23.69 -12.95 -56.05
CA SER C 178 22.87 -13.89 -55.30
C SER C 178 23.51 -15.28 -55.32
N CYS C 179 23.66 -15.89 -54.15
CA CYS C 179 24.20 -17.24 -54.09
C CYS C 179 23.29 -18.21 -53.35
N GLY C 180 22.21 -17.70 -52.78
CA GLY C 180 21.26 -18.53 -52.06
C GLY C 180 21.47 -18.33 -50.58
N ASN C 181 20.72 -19.10 -49.78
CA ASN C 181 20.74 -18.95 -48.34
C ASN C 181 21.75 -19.91 -47.71
N LEU C 182 22.72 -19.39 -46.97
CA LEU C 182 23.74 -20.24 -46.34
C LEU C 182 23.17 -21.24 -45.36
N LYS C 183 22.00 -20.92 -44.80
CA LYS C 183 21.34 -21.78 -43.81
C LYS C 183 20.88 -23.09 -44.45
N PHE C 184 20.80 -23.11 -45.77
CA PHE C 184 20.32 -24.32 -46.45
C PHE C 184 21.44 -25.27 -46.86
N ILE C 185 22.64 -25.08 -46.30
CA ILE C 185 23.75 -25.96 -46.60
C ILE C 185 23.71 -27.22 -45.74
N CYS C 186 23.81 -28.38 -46.38
CA CYS C 186 23.77 -29.65 -45.66
C CYS C 186 25.04 -29.82 -44.82
N GLN C 187 24.87 -30.21 -43.57
CA GLN C 187 25.99 -30.59 -42.71
C GLN C 187 25.60 -31.94 -42.11
N LYS C 188 25.87 -33.01 -42.86
CA LYS C 188 25.24 -34.31 -42.65
C LYS C 188 25.82 -35.18 -41.54
N GLY C 189 27.13 -35.42 -41.60
CA GLY C 189 27.76 -36.35 -40.68
C GLY C 189 27.78 -37.77 -41.24
N LYS C 190 28.35 -38.69 -40.48
CA LYS C 190 28.55 -40.07 -40.94
C LYS C 190 27.24 -40.79 -41.25
N GLY C 191 26.33 -40.82 -40.28
CA GLY C 191 25.07 -41.53 -40.47
C GLY C 191 25.16 -42.99 -40.06
N ILE C 192 24.01 -43.67 -40.04
CA ILE C 192 23.94 -45.05 -39.56
C ILE C 192 23.24 -45.95 -40.58
N LYS C 193 23.61 -47.23 -40.57
CA LYS C 193 22.92 -48.22 -41.40
C LYS C 193 22.17 -49.21 -40.52
N LEU C 194 20.90 -49.45 -40.86
CA LEU C 194 20.09 -50.43 -40.15
C LEU C 194 19.24 -51.20 -41.15
N LYS C 195 19.11 -52.50 -40.93
CA LYS C 195 18.27 -53.30 -41.82
C LYS C 195 16.83 -53.35 -41.33
N GLY C 196 15.91 -53.06 -42.24
CA GLY C 196 14.50 -52.98 -41.94
C GLY C 196 14.00 -51.75 -42.67
N GLU C 197 12.69 -51.57 -42.76
CA GLU C 197 12.19 -50.29 -43.25
C GLU C 197 11.64 -49.44 -42.09
N PHE C 198 12.06 -48.18 -42.07
CA PHE C 198 11.78 -47.30 -40.95
C PHE C 198 11.18 -45.97 -41.36
N ILE C 199 10.35 -45.42 -40.48
CA ILE C 199 10.05 -44.00 -40.49
C ILE C 199 10.83 -43.45 -39.31
N VAL C 200 11.38 -42.24 -39.46
CA VAL C 200 12.14 -41.61 -38.39
C VAL C 200 11.50 -40.31 -37.91
N ALA C 201 11.02 -40.31 -36.67
CA ALA C 201 10.41 -39.13 -36.11
C ALA C 201 11.38 -38.53 -35.09
N GLY C 202 11.83 -37.30 -35.37
CA GLY C 202 12.86 -36.67 -34.57
C GLY C 202 12.41 -35.38 -33.90
N SER C 203 12.99 -35.09 -32.74
CA SER C 203 12.73 -33.84 -32.02
C SER C 203 11.25 -33.75 -31.69
N ILE C 204 10.71 -34.83 -31.16
CA ILE C 204 9.29 -34.92 -30.92
C ILE C 204 9.03 -34.48 -29.48
N HIS C 205 8.03 -33.63 -29.29
CA HIS C 205 7.64 -33.23 -27.94
C HIS C 205 6.54 -34.12 -27.43
N THR C 206 6.40 -34.15 -26.11
CA THR C 206 5.36 -34.88 -25.42
C THR C 206 3.98 -34.65 -26.04
N GLY C 207 3.67 -33.41 -26.39
CA GLY C 207 2.36 -33.09 -26.96
C GLY C 207 2.22 -33.49 -28.41
N GLU C 208 3.30 -33.98 -29.01
CA GLU C 208 3.24 -34.47 -30.40
C GLU C 208 3.17 -35.99 -30.49
N VAL C 209 3.50 -36.67 -29.39
CA VAL C 209 3.72 -38.11 -29.46
C VAL C 209 2.47 -38.91 -29.83
N GLU C 210 1.34 -38.55 -29.24
CA GLU C 210 0.12 -39.32 -29.46
C GLU C 210 -0.38 -39.25 -30.92
N ILE C 211 -0.25 -38.08 -31.55
CA ILE C 211 -0.77 -37.95 -32.90
C ILE C 211 0.05 -38.80 -33.88
N ILE C 212 1.36 -38.83 -33.66
CA ILE C 212 2.26 -39.64 -34.46
C ILE C 212 2.00 -41.15 -34.25
N LEU C 213 1.82 -41.58 -33.01
CA LEU C 213 1.51 -42.99 -32.74
C LEU C 213 0.21 -43.41 -33.39
N LYS C 214 -0.80 -42.55 -33.29
CA LYS C 214 -2.11 -42.84 -33.88
C LYS C 214 -2.04 -42.87 -35.40
N ALA C 215 -1.13 -42.10 -35.97
CA ALA C 215 -0.97 -42.11 -37.42
C ALA C 215 -0.24 -43.38 -37.85
N PHE C 216 0.80 -43.73 -37.10
CA PHE C 216 1.62 -44.90 -37.40
C PHE C 216 0.79 -46.16 -37.16
N LYS C 217 -0.10 -46.10 -36.17
CA LYS C 217 -1.01 -47.22 -35.94
C LYS C 217 -1.93 -47.43 -37.16
N GLU C 218 -2.44 -46.34 -37.72
CA GLU C 218 -3.30 -46.46 -38.90
C GLU C 218 -2.52 -47.00 -40.10
N ILE C 219 -1.26 -46.58 -40.21
CA ILE C 219 -0.38 -47.00 -41.30
C ILE C 219 -0.02 -48.48 -41.24
N LYS C 220 0.33 -48.96 -40.04
CA LYS C 220 0.74 -50.36 -39.91
C LYS C 220 -0.33 -51.36 -40.32
N LYS C 221 -1.58 -50.93 -40.44
CA LYS C 221 -2.61 -51.79 -40.99
C LYS C 221 -2.20 -52.25 -42.39
N THR C 222 -1.41 -51.40 -43.06
CA THR C 222 -1.06 -51.62 -44.45
C THR C 222 0.39 -52.10 -44.60
N TYR C 223 1.30 -51.46 -43.88
CA TYR C 223 2.71 -51.77 -43.96
C TYR C 223 3.17 -52.50 -42.70
N SER C 224 3.01 -53.83 -42.70
CA SER C 224 3.18 -54.61 -41.49
C SER C 224 4.62 -54.68 -40.99
N SER C 225 5.58 -54.60 -41.90
CA SER C 225 6.99 -54.64 -41.52
C SER C 225 7.55 -53.26 -41.09
N LEU C 226 6.83 -52.20 -41.38
CA LEU C 226 7.32 -50.84 -41.13
C LEU C 226 7.52 -50.58 -39.64
N LYS C 227 8.66 -50.00 -39.28
CA LYS C 227 8.94 -49.62 -37.89
C LYS C 227 9.14 -48.13 -37.75
N LEU C 228 8.74 -47.60 -36.60
CA LEU C 228 8.93 -46.20 -36.27
C LEU C 228 10.09 -46.06 -35.31
N ILE C 229 11.08 -45.28 -35.70
CA ILE C 229 12.14 -44.87 -34.78
C ILE C 229 11.75 -43.50 -34.24
N LEU C 230 11.67 -43.40 -32.92
CA LEU C 230 11.08 -42.23 -32.28
C LEU C 230 12.11 -41.59 -31.37
N VAL C 231 12.47 -40.35 -31.68
CA VAL C 231 13.53 -39.68 -30.96
C VAL C 231 12.98 -38.44 -30.29
N PRO C 232 12.81 -38.51 -28.95
CA PRO C 232 12.26 -37.39 -28.20
C PRO C 232 13.18 -36.14 -28.26
N ARG C 233 12.56 -34.96 -28.30
CA ARG C 233 13.28 -33.68 -28.19
C ARG C 233 14.15 -33.71 -26.92
N HIS C 234 13.60 -34.23 -25.83
CA HIS C 234 14.39 -34.48 -24.63
C HIS C 234 14.50 -35.97 -24.34
N ILE C 235 15.71 -36.49 -24.51
CA ILE C 235 15.97 -37.92 -24.47
C ILE C 235 15.57 -38.49 -23.13
N GLU C 236 15.45 -37.61 -22.15
CA GLU C 236 14.99 -38.01 -20.84
C GLU C 236 13.59 -38.58 -20.90
N ASN C 237 12.78 -38.13 -21.86
CA ASN C 237 11.39 -38.59 -21.93
C ASN C 237 11.26 -39.93 -22.66
N ALA C 238 12.40 -40.59 -22.91
CA ALA C 238 12.43 -41.84 -23.66
C ALA C 238 11.60 -42.93 -23.00
N LYS C 239 11.39 -42.83 -21.69
CA LYS C 239 10.63 -43.84 -20.96
C LYS C 239 9.13 -43.52 -20.92
N ILE C 240 8.79 -42.26 -20.71
CA ILE C 240 7.38 -41.88 -20.83
C ILE C 240 6.88 -42.20 -22.24
N PHE C 241 7.70 -41.91 -23.24
CA PHE C 241 7.31 -42.17 -24.63
C PHE C 241 7.05 -43.65 -24.83
N GLU C 242 7.97 -44.49 -24.35
CA GLU C 242 7.84 -45.93 -24.47
C GLU C 242 6.52 -46.42 -23.91
N LYS C 243 6.22 -46.02 -22.67
CA LYS C 243 5.02 -46.49 -21.99
C LYS C 243 3.76 -46.10 -22.76
N LYS C 244 3.75 -44.90 -23.31
CA LYS C 244 2.66 -44.42 -24.14
C LYS C 244 2.45 -45.37 -25.32
N ALA C 245 3.52 -45.59 -26.07
CA ALA C 245 3.44 -46.43 -27.26
C ALA C 245 2.98 -47.85 -26.92
N ARG C 246 3.47 -48.35 -25.77
CA ARG C 246 2.99 -49.61 -25.21
C ARG C 246 1.50 -49.60 -24.89
N ASP C 247 1.04 -48.52 -24.26
CA ASP C 247 -0.37 -48.34 -23.93
C ASP C 247 -1.22 -48.39 -25.20
N PHE C 248 -0.59 -48.01 -26.32
CA PHE C 248 -1.25 -47.96 -27.62
C PHE C 248 -1.31 -49.32 -28.28
N GLY C 249 -0.55 -50.27 -27.73
CA GLY C 249 -0.53 -51.62 -28.24
C GLY C 249 0.64 -51.96 -29.14
N PHE C 250 1.68 -51.12 -29.13
CA PHE C 250 2.87 -51.42 -29.93
C PHE C 250 3.84 -52.32 -29.15
N LYS C 251 4.42 -53.31 -29.82
CA LYS C 251 5.64 -53.90 -29.30
C LYS C 251 6.63 -52.73 -29.29
N THR C 252 7.49 -52.66 -28.29
CA THR C 252 8.44 -51.57 -28.21
C THR C 252 9.82 -52.11 -27.85
N SER C 253 10.84 -51.31 -28.17
CA SER C 253 12.22 -51.60 -27.84
C SER C 253 12.99 -50.29 -27.70
N PHE C 254 14.18 -50.36 -27.13
CA PHE C 254 15.04 -49.19 -27.03
C PHE C 254 16.22 -49.33 -27.97
N PHE C 255 16.60 -48.23 -28.62
CA PHE C 255 17.57 -48.26 -29.71
C PHE C 255 18.77 -49.17 -29.46
N GLU C 256 19.30 -49.67 -30.57
CA GLU C 256 20.25 -50.77 -30.59
C GLU C 256 19.39 -52.02 -30.78
N ASN C 257 18.42 -52.19 -29.89
CA ASN C 257 17.41 -53.24 -30.03
C ASN C 257 16.29 -52.80 -30.96
N LEU C 258 16.16 -53.49 -32.08
CA LEU C 258 15.25 -53.07 -33.14
C LEU C 258 13.97 -53.90 -33.20
N GLU C 259 13.73 -54.70 -32.16
CA GLU C 259 12.63 -55.66 -32.14
C GLU C 259 11.24 -55.03 -32.21
N GLY C 260 11.12 -53.82 -31.71
CA GLY C 260 9.80 -53.19 -31.58
C GLY C 260 9.22 -52.63 -32.87
N ASP C 261 7.91 -52.43 -32.87
CA ASP C 261 7.24 -51.68 -33.91
C ASP C 261 7.57 -50.20 -33.71
N VAL C 262 7.64 -49.79 -32.45
CA VAL C 262 8.11 -48.45 -32.13
C VAL C 262 9.44 -48.58 -31.41
N ILE C 263 10.47 -47.98 -31.98
CA ILE C 263 11.82 -48.08 -31.43
C ILE C 263 12.19 -46.74 -30.81
N LEU C 264 12.40 -46.73 -29.50
CA LEU C 264 12.75 -45.47 -28.83
C LEU C 264 14.25 -45.25 -28.72
N VAL C 265 14.68 -44.02 -28.97
CA VAL C 265 16.07 -43.64 -28.78
C VAL C 265 16.25 -42.87 -27.47
N ASP C 266 17.15 -43.36 -26.61
CA ASP C 266 17.41 -42.70 -25.33
C ASP C 266 18.81 -42.06 -25.21
N ARG C 267 19.64 -42.23 -26.23
CA ARG C 267 20.98 -41.63 -26.18
C ARG C 267 21.07 -40.28 -26.92
N PHE C 268 21.67 -39.29 -26.25
CA PHE C 268 21.85 -37.95 -26.83
C PHE C 268 22.59 -37.98 -28.16
N GLY C 269 22.50 -36.88 -28.90
CA GLY C 269 23.03 -36.82 -30.25
C GLY C 269 22.32 -37.88 -31.07
N ILE C 270 23.03 -38.50 -32.00
CA ILE C 270 22.50 -39.67 -32.71
C ILE C 270 21.41 -39.35 -33.74
N LEU C 271 20.54 -38.39 -33.43
CA LEU C 271 19.38 -38.12 -34.29
C LEU C 271 19.73 -37.80 -35.75
N LYS C 272 20.72 -36.96 -35.97
CA LYS C 272 21.09 -36.62 -37.34
C LYS C 272 21.65 -37.84 -38.05
N GLU C 273 22.28 -38.73 -37.30
CA GLU C 273 22.85 -39.95 -37.88
C GLU C 273 21.82 -41.04 -38.19
N LEU C 274 20.61 -40.90 -37.66
CA LEU C 274 19.57 -41.91 -37.82
C LEU C 274 18.74 -41.75 -39.09
N TYR C 275 18.56 -40.51 -39.52
CA TYR C 275 17.72 -40.20 -40.67
C TYR C 275 17.90 -41.08 -41.92
N PRO C 276 19.15 -41.39 -42.30
CA PRO C 276 19.36 -42.12 -43.56
C PRO C 276 18.72 -43.51 -43.54
N VAL C 277 18.33 -43.94 -42.35
CA VAL C 277 17.78 -45.27 -42.13
C VAL C 277 16.34 -45.36 -42.62
N GLY C 278 15.69 -44.21 -42.72
CA GLY C 278 14.26 -44.17 -43.01
C GLY C 278 13.86 -43.81 -44.43
N LYS C 279 12.59 -44.04 -44.73
CA LYS C 279 12.04 -43.69 -46.03
C LYS C 279 11.42 -42.30 -45.95
N ILE C 280 10.91 -41.96 -44.77
CA ILE C 280 10.23 -40.71 -44.56
C ILE C 280 10.59 -40.20 -43.17
N ALA C 281 10.75 -38.90 -43.04
CA ALA C 281 11.01 -38.34 -41.72
C ALA C 281 9.88 -37.44 -41.28
N ILE C 282 9.73 -37.35 -39.96
CA ILE C 282 8.76 -36.47 -39.35
C ILE C 282 9.56 -35.66 -38.33
N VAL C 283 9.40 -34.35 -38.34
CA VAL C 283 10.19 -33.52 -37.44
C VAL C 283 9.27 -32.73 -36.53
N GLY C 284 9.52 -32.81 -35.23
CA GLY C 284 8.62 -32.20 -34.26
C GLY C 284 8.84 -30.70 -34.00
N GLY C 285 8.37 -30.26 -32.85
CA GLY C 285 8.31 -28.84 -32.56
C GLY C 285 7.31 -28.19 -33.49
N THR C 286 6.54 -29.01 -34.21
CA THR C 286 5.68 -28.50 -35.26
C THR C 286 4.22 -28.82 -35.07
N PHE C 287 3.93 -29.88 -34.33
CA PHE C 287 2.55 -30.27 -34.07
C PHE C 287 2.03 -29.60 -32.80
N VAL C 288 2.96 -29.13 -31.98
CA VAL C 288 2.63 -28.27 -30.86
C VAL C 288 3.15 -26.90 -31.25
N ASN C 289 2.75 -25.88 -30.50
CA ASN C 289 3.14 -24.51 -30.85
C ASN C 289 4.56 -24.16 -30.40
N ILE C 290 5.54 -24.79 -31.03
CA ILE C 290 6.93 -24.56 -30.66
C ILE C 290 7.67 -23.74 -31.71
N GLY C 291 7.31 -23.94 -32.97
CA GLY C 291 7.90 -23.13 -34.03
C GLY C 291 8.77 -23.93 -34.98
N GLY C 292 8.93 -25.21 -34.70
CA GLY C 292 9.61 -26.13 -35.61
C GLY C 292 11.06 -26.32 -35.26
N HIS C 293 11.52 -27.56 -35.30
CA HIS C 293 12.94 -27.83 -35.17
C HIS C 293 13.62 -27.98 -36.55
N ASN C 294 14.63 -28.83 -36.68
CA ASN C 294 15.47 -28.79 -37.87
C ASN C 294 14.96 -29.64 -39.05
N LEU C 295 14.11 -29.03 -39.89
CA LEU C 295 13.48 -29.71 -41.02
C LEU C 295 14.46 -30.17 -42.08
N LEU C 296 15.55 -29.42 -42.24
CA LEU C 296 16.56 -29.62 -43.27
C LEU C 296 17.26 -30.97 -43.18
N GLU C 297 17.63 -31.36 -41.97
CA GLU C 297 18.46 -32.54 -41.73
C GLU C 297 18.08 -33.79 -42.54
N PRO C 298 16.83 -34.27 -42.43
CA PRO C 298 16.47 -35.52 -43.12
C PRO C 298 16.59 -35.34 -44.63
N THR C 299 16.21 -34.17 -45.13
CA THR C 299 16.18 -33.98 -46.57
C THR C 299 17.56 -33.98 -47.19
N CYS C 300 18.59 -33.73 -46.38
CA CYS C 300 19.95 -33.75 -46.94
C CYS C 300 20.32 -35.16 -47.31
N TRP C 301 19.49 -36.11 -46.91
CA TRP C 301 19.77 -37.50 -47.18
C TRP C 301 18.90 -38.03 -48.31
N GLY C 302 18.15 -37.15 -48.96
CA GLY C 302 17.27 -37.55 -50.06
C GLY C 302 15.93 -38.10 -49.58
N ILE C 303 15.57 -37.80 -48.33
CA ILE C 303 14.34 -38.29 -47.71
C ILE C 303 13.35 -37.15 -47.51
N PRO C 304 12.06 -37.39 -47.78
CA PRO C 304 11.10 -36.29 -47.60
C PRO C 304 10.77 -36.09 -46.13
N VAL C 305 10.43 -34.87 -45.73
CA VAL C 305 10.11 -34.59 -44.35
C VAL C 305 8.66 -34.12 -44.21
N ILE C 306 7.98 -34.65 -43.20
CA ILE C 306 6.63 -34.20 -42.85
C ILE C 306 6.67 -33.43 -41.52
N TYR C 307 5.88 -32.36 -41.41
CA TYR C 307 5.83 -31.53 -40.20
C TYR C 307 4.42 -30.94 -39.99
N GLY C 308 4.13 -30.51 -38.76
CA GLY C 308 2.85 -29.90 -38.46
C GLY C 308 2.84 -28.41 -38.78
N PRO C 309 1.74 -27.72 -38.44
CA PRO C 309 1.42 -26.35 -38.85
C PRO C 309 2.28 -25.29 -38.18
N TYR C 310 2.95 -25.64 -37.09
CA TYR C 310 3.67 -24.65 -36.30
C TYR C 310 5.13 -24.54 -36.69
N THR C 311 5.37 -23.86 -37.80
CA THR C 311 6.72 -23.70 -38.35
C THR C 311 7.22 -22.25 -38.33
N HIS C 312 6.60 -21.41 -37.50
CA HIS C 312 6.92 -19.97 -37.52
C HIS C 312 8.38 -19.62 -37.21
N LYS C 313 9.08 -20.46 -36.45
CA LYS C 313 10.47 -20.19 -36.14
C LYS C 313 11.45 -20.65 -37.22
N VAL C 314 10.95 -21.41 -38.19
CA VAL C 314 11.78 -21.94 -39.26
C VAL C 314 11.11 -21.69 -40.62
N ASN C 315 10.51 -20.51 -40.77
CA ASN C 315 9.63 -20.24 -41.90
C ASN C 315 10.35 -20.23 -43.26
N ASP C 316 11.50 -19.57 -43.33
CA ASP C 316 12.27 -19.57 -44.59
C ASP C 316 12.61 -21.00 -45.03
N LEU C 317 12.88 -21.85 -44.05
CA LEU C 317 13.30 -23.20 -44.30
C LEU C 317 12.09 -23.99 -44.81
N LYS C 318 10.97 -23.81 -44.12
CA LYS C 318 9.70 -24.31 -44.59
C LYS C 318 9.40 -23.97 -46.06
N GLU C 319 9.44 -22.69 -46.40
CA GLU C 319 9.11 -22.27 -47.76
C GLU C 319 10.09 -22.84 -48.79
N PHE C 320 11.34 -22.96 -48.36
CA PHE C 320 12.38 -23.58 -49.19
C PHE C 320 12.04 -25.06 -49.46
N LEU C 321 11.74 -25.81 -48.41
CA LEU C 321 11.47 -27.23 -48.59
C LEU C 321 10.24 -27.49 -49.46
N GLU C 322 9.20 -26.68 -49.28
CA GLU C 322 8.00 -26.82 -50.08
C GLU C 322 8.29 -26.59 -51.55
N LYS C 323 9.13 -25.60 -51.84
CA LYS C 323 9.53 -25.30 -53.19
C LYS C 323 10.40 -26.42 -53.77
N GLU C 324 11.26 -27.00 -52.95
CA GLU C 324 12.11 -28.11 -53.40
C GLU C 324 11.35 -29.45 -53.57
N GLY C 325 10.09 -29.47 -53.16
CA GLY C 325 9.26 -30.66 -53.21
C GLY C 325 9.68 -31.69 -52.16
N ALA C 326 10.28 -31.20 -51.07
CA ALA C 326 10.88 -32.08 -50.06
C ALA C 326 10.21 -31.99 -48.68
N GLY C 327 9.39 -30.97 -48.48
CA GLY C 327 8.71 -30.79 -47.21
C GLY C 327 7.21 -30.79 -47.37
N PHE C 328 6.52 -31.28 -46.35
CA PHE C 328 5.09 -31.46 -46.42
C PHE C 328 4.41 -31.15 -45.11
N GLU C 329 3.53 -30.15 -45.14
CA GLU C 329 2.80 -29.74 -43.96
C GLU C 329 1.51 -30.54 -43.79
N VAL C 330 1.30 -31.03 -42.58
CA VAL C 330 0.11 -31.78 -42.26
C VAL C 330 -0.62 -31.11 -41.09
N LYS C 331 -1.94 -31.05 -41.15
CA LYS C 331 -2.72 -30.31 -40.17
C LYS C 331 -3.22 -31.16 -39.00
N ASN C 332 -3.30 -32.47 -39.22
CA ASN C 332 -3.93 -33.37 -38.26
C ASN C 332 -3.57 -34.82 -38.51
N GLU C 333 -3.92 -35.69 -37.55
CA GLU C 333 -3.66 -37.13 -37.68
C GLU C 333 -4.04 -37.66 -39.05
N THR C 334 -5.21 -37.25 -39.55
CA THR C 334 -5.69 -37.78 -40.84
C THR C 334 -4.81 -37.37 -42.01
N GLU C 335 -4.51 -36.08 -42.12
CA GLU C 335 -3.62 -35.62 -43.18
C GLU C 335 -2.27 -36.35 -43.07
N LEU C 336 -1.81 -36.58 -41.85
CA LEU C 336 -0.55 -37.28 -41.64
C LEU C 336 -0.60 -38.69 -42.23
N VAL C 337 -1.66 -39.43 -41.89
CA VAL C 337 -1.85 -40.74 -42.49
C VAL C 337 -1.80 -40.63 -44.02
N THR C 338 -2.65 -39.77 -44.56
CA THR C 338 -2.71 -39.56 -46.01
C THR C 338 -1.35 -39.22 -46.62
N LYS C 339 -0.59 -38.32 -45.99
CA LYS C 339 0.69 -37.95 -46.59
C LYS C 339 1.70 -39.11 -46.51
N LEU C 340 1.75 -39.79 -45.36
CA LEU C 340 2.63 -40.93 -45.19
C LEU C 340 2.37 -42.01 -46.24
N THR C 341 1.09 -42.29 -46.49
CA THR C 341 0.74 -43.29 -47.47
C THR C 341 1.21 -42.87 -48.88
N GLU C 342 1.03 -41.61 -49.23
CA GLU C 342 1.46 -41.13 -50.53
C GLU C 342 2.95 -41.36 -50.75
N LEU C 343 3.75 -40.99 -49.75
CA LEU C 343 5.20 -41.15 -49.82
C LEU C 343 5.70 -42.58 -49.69
N LEU C 344 4.91 -43.48 -49.11
CA LEU C 344 5.33 -44.88 -49.03
C LEU C 344 5.07 -45.63 -50.32
N SER C 345 4.09 -45.17 -51.08
CA SER C 345 3.71 -45.89 -52.29
C SER C 345 4.45 -45.31 -53.50
N VAL C 346 4.77 -44.02 -53.45
CA VAL C 346 5.50 -43.39 -54.54
C VAL C 346 6.75 -42.70 -53.99
N LYS C 347 7.92 -43.20 -54.35
CA LYS C 347 9.15 -42.61 -53.82
C LYS C 347 9.40 -41.19 -54.36
N LYS C 348 9.37 -40.21 -53.46
CA LYS C 348 9.54 -38.82 -53.84
C LYS C 348 11.01 -38.46 -53.99
N GLU C 349 11.39 -38.04 -55.20
CA GLU C 349 12.77 -37.64 -55.44
C GLU C 349 13.13 -36.35 -54.75
N ILE C 350 14.28 -36.33 -54.08
CA ILE C 350 14.71 -35.16 -53.31
C ILE C 350 16.09 -34.67 -53.74
N LYS C 351 16.21 -33.37 -54.02
CA LYS C 351 17.45 -32.81 -54.55
C LYS C 351 18.02 -31.65 -53.72
N VAL C 352 17.72 -31.67 -52.43
CA VAL C 352 18.17 -30.65 -51.49
C VAL C 352 19.68 -30.61 -51.43
N GLU C 353 20.29 -31.80 -51.39
CA GLU C 353 21.74 -31.92 -51.27
C GLU C 353 22.51 -31.32 -52.45
N GLU C 354 21.97 -31.44 -53.67
CA GLU C 354 22.60 -30.81 -54.82
C GLU C 354 22.50 -29.29 -54.70
N LYS C 355 21.35 -28.81 -54.26
CA LYS C 355 21.20 -27.38 -54.01
C LYS C 355 22.23 -26.91 -52.98
N SER C 356 22.45 -27.73 -51.95
CA SER C 356 23.41 -27.43 -50.90
C SER C 356 24.83 -27.27 -51.46
N ARG C 357 25.26 -28.20 -52.30
CA ARG C 357 26.60 -28.15 -52.90
C ARG C 357 26.76 -26.90 -53.77
N GLU C 358 25.65 -26.49 -54.36
CA GLU C 358 25.49 -25.37 -55.26
C GLU C 358 25.59 -24.02 -54.53
N ILE C 359 24.92 -23.90 -53.40
CA ILE C 359 25.00 -22.67 -52.64
C ILE C 359 26.40 -22.54 -52.07
N LYS C 360 26.85 -23.60 -51.41
CA LYS C 360 28.19 -23.63 -50.83
C LYS C 360 29.25 -23.29 -51.87
N GLY C 361 29.13 -23.92 -53.03
CA GLY C 361 30.05 -23.68 -54.12
C GLY C 361 30.07 -22.24 -54.59
N CYS C 362 28.89 -21.67 -54.83
CA CYS C 362 28.83 -20.28 -55.24
C CYS C 362 29.51 -19.35 -54.21
N TYR C 363 29.09 -19.44 -52.94
CA TYR C 363 29.69 -18.59 -51.90
C TYR C 363 31.20 -18.73 -51.88
N LEU C 364 31.68 -19.96 -51.84
CA LEU C 364 33.10 -20.20 -51.70
C LEU C 364 33.88 -19.71 -52.92
N GLU C 365 33.26 -19.76 -54.10
CA GLU C 365 33.89 -19.31 -55.35
C GLU C 365 34.13 -17.82 -55.31
N LYS C 366 33.06 -17.05 -55.14
CA LYS C 366 33.13 -15.60 -55.11
C LYS C 366 34.12 -15.12 -54.05
N LEU C 367 34.11 -15.78 -52.89
CA LEU C 367 34.95 -15.32 -51.78
C LEU C 367 36.42 -15.55 -52.08
N ARG C 368 36.74 -16.73 -52.61
CA ARG C 368 38.11 -17.08 -52.99
C ARG C 368 38.66 -16.12 -54.04
N GLU C 369 37.81 -15.78 -55.01
CA GLU C 369 38.14 -14.85 -56.07
C GLU C 369 38.38 -13.47 -55.50
N PHE C 370 37.43 -12.99 -54.70
CA PHE C 370 37.58 -11.67 -54.10
C PHE C 370 38.90 -11.61 -53.32
N LEU C 371 39.14 -12.63 -52.51
CA LEU C 371 40.31 -12.67 -51.65
C LEU C 371 41.63 -12.82 -52.40
N ARG C 372 41.54 -13.35 -53.62
CA ARG C 372 42.72 -13.61 -54.41
C ARG C 372 43.49 -12.31 -54.65
N GLY C 373 42.75 -11.24 -55.00
CA GLY C 373 43.36 -9.94 -55.21
C GLY C 373 42.36 -8.80 -55.29
N MET D 22 -1.91 19.07 32.32
CA MET D 22 -1.88 19.47 30.91
C MET D 22 -1.03 20.72 30.67
N GLN D 23 -0.41 20.78 29.51
CA GLN D 23 0.55 21.83 29.21
C GLN D 23 -0.05 22.91 28.33
N PHE D 24 -0.21 24.11 28.88
CA PHE D 24 -0.68 25.25 28.08
C PHE D 24 0.41 25.88 27.18
N GLU D 25 1.67 25.63 27.49
CA GLU D 25 2.77 26.05 26.64
C GLU D 25 2.70 27.54 26.35
N VAL D 26 2.40 28.33 27.39
CA VAL D 26 2.20 29.76 27.22
C VAL D 26 3.50 30.44 26.77
N LEU D 27 4.62 30.05 27.37
CA LEU D 27 5.89 30.69 27.06
C LEU D 27 6.28 30.47 25.60
N LYS D 28 6.04 29.27 25.08
CA LYS D 28 6.34 28.94 23.70
C LYS D 28 5.47 29.69 22.72
N ARG D 29 4.19 29.87 23.06
CA ARG D 29 3.28 30.61 22.18
C ARG D 29 3.69 32.10 22.12
N PHE D 30 4.19 32.59 23.25
CA PHE D 30 4.60 33.99 23.37
C PHE D 30 5.95 34.25 22.68
N PHE D 31 6.89 33.34 22.95
CA PHE D 31 8.25 33.41 22.45
C PHE D 31 8.57 32.11 21.72
N PRO D 32 8.14 31.99 20.46
CA PRO D 32 8.29 30.73 19.70
C PRO D 32 9.70 30.14 19.75
N LYS D 33 9.76 28.81 19.79
CA LYS D 33 11.02 28.11 20.00
C LYS D 33 12.05 28.39 18.92
N GLU D 34 13.28 28.64 19.36
CA GLU D 34 14.36 28.95 18.44
C GLU D 34 14.55 27.82 17.43
N SER D 35 14.27 26.60 17.86
CA SER D 35 14.50 25.45 17.01
C SER D 35 13.51 25.37 15.83
N LEU D 36 12.61 26.34 15.72
CA LEU D 36 11.75 26.41 14.56
C LEU D 36 12.58 26.67 13.31
N LYS D 37 13.83 27.08 13.51
CA LYS D 37 14.75 27.33 12.40
C LYS D 37 14.99 26.07 11.58
N ASN D 38 14.74 24.92 12.18
CA ASN D 38 14.95 23.64 11.52
C ASN D 38 13.94 23.35 10.42
N CYS D 39 12.75 23.93 10.54
CA CYS D 39 11.67 23.72 9.56
C CYS D 39 11.60 24.83 8.53
N LYS D 40 12.75 25.44 8.28
CA LYS D 40 12.81 26.57 7.37
C LYS D 40 12.30 26.17 5.99
N GLY D 41 11.38 26.95 5.44
CA GLY D 41 10.86 26.70 4.11
C GLY D 41 9.80 25.60 4.06
N ALA D 42 9.29 25.20 5.22
CA ALA D 42 8.28 24.14 5.22
C ALA D 42 6.90 24.67 4.90
N LEU D 43 5.99 23.74 4.68
CA LEU D 43 4.59 24.05 4.52
C LEU D 43 3.97 24.05 5.91
N TRP D 44 3.40 25.19 6.29
CA TRP D 44 2.81 25.39 7.61
C TRP D 44 1.33 25.03 7.58
N VAL D 45 0.98 24.04 8.39
CA VAL D 45 -0.40 23.58 8.46
C VAL D 45 -0.92 23.83 9.87
N HIS D 46 -2.02 24.56 9.97
CA HIS D 46 -2.58 24.85 11.28
C HIS D 46 -3.91 24.14 11.49
N THR D 47 -3.92 23.23 12.46
CA THR D 47 -5.15 22.53 12.82
C THR D 47 -5.47 22.89 14.25
N ALA D 48 -6.52 23.67 14.47
CA ALA D 48 -6.80 24.19 15.81
C ALA D 48 -6.82 23.09 16.87
N SER D 49 -7.46 21.96 16.55
CA SER D 49 -7.54 20.86 17.50
C SER D 49 -7.68 19.50 16.81
N ILE D 50 -7.89 18.47 17.58
CA ILE D 50 -7.95 17.10 17.06
C ILE D 50 -8.92 16.95 15.89
N GLY D 51 -10.09 17.58 15.97
CA GLY D 51 -11.10 17.43 14.94
C GLY D 51 -10.62 17.97 13.60
N GLU D 52 -10.12 19.22 13.61
CA GLU D 52 -9.54 19.80 12.41
C GLU D 52 -8.44 18.93 11.86
N PHE D 53 -7.56 18.39 12.72
CA PHE D 53 -6.48 17.56 12.20
C PHE D 53 -7.02 16.30 11.50
N ASN D 54 -7.97 15.64 12.13
CA ASN D 54 -8.55 14.46 11.51
C ASN D 54 -9.21 14.80 10.18
N THR D 55 -9.89 15.94 10.12
CA THR D 55 -10.59 16.34 8.90
C THR D 55 -9.62 16.51 7.73
N PHE D 56 -8.44 17.02 8.02
CA PHE D 56 -7.47 17.37 6.98
C PHE D 56 -6.52 16.22 6.68
N LEU D 57 -6.46 15.24 7.58
CA LEU D 57 -5.51 14.14 7.45
C LEU D 57 -5.39 13.52 6.05
N PRO D 58 -6.52 13.32 5.34
CA PRO D 58 -6.41 12.72 4.01
C PRO D 58 -5.58 13.58 3.04
N ILE D 59 -5.71 14.91 3.15
CA ILE D 59 -4.90 15.81 2.33
C ILE D 59 -3.48 15.89 2.87
N LEU D 60 -3.36 16.07 4.17
CA LEU D 60 -2.04 16.09 4.78
C LEU D 60 -1.18 14.90 4.39
N LYS D 61 -1.74 13.69 4.46
CA LYS D 61 -1.03 12.48 4.03
C LYS D 61 -0.35 12.64 2.68
N GLU D 62 -1.02 13.29 1.75
CA GLU D 62 -0.48 13.44 0.40
C GLU D 62 0.49 14.61 0.33
N LEU D 63 0.15 15.70 1.01
CA LEU D 63 1.05 16.85 0.95
C LEU D 63 2.41 16.49 1.58
N LYS D 64 2.37 15.68 2.63
CA LYS D 64 3.59 15.31 3.35
C LYS D 64 4.63 14.60 2.47
N ARG D 65 4.16 14.02 1.37
CA ARG D 65 5.05 13.33 0.43
C ARG D 65 5.85 14.28 -0.46
N GLU D 66 5.45 15.55 -0.49
CA GLU D 66 6.09 16.53 -1.37
C GLU D 66 6.75 17.69 -0.61
N HIS D 67 6.28 17.93 0.62
CA HIS D 67 6.74 19.06 1.43
C HIS D 67 7.16 18.64 2.83
N ARG D 68 8.11 19.37 3.40
CA ARG D 68 8.34 19.30 4.83
C ARG D 68 7.12 19.93 5.49
N ILE D 69 6.73 19.44 6.65
CA ILE D 69 5.52 19.93 7.31
C ILE D 69 5.80 20.51 8.70
N LEU D 70 5.37 21.74 8.89
CA LEU D 70 5.35 22.36 10.21
C LEU D 70 3.90 22.42 10.62
N LEU D 71 3.54 21.64 11.63
CA LEU D 71 2.17 21.55 12.10
C LEU D 71 2.01 22.39 13.37
N THR D 72 1.00 23.27 13.40
CA THR D 72 0.63 23.92 14.65
C THR D 72 -0.81 23.62 15.07
N TYR D 73 -1.11 23.88 16.34
CA TYR D 73 -2.44 23.59 16.88
C TYR D 73 -2.72 24.68 17.93
N PHE D 74 -3.99 24.94 18.21
CA PHE D 74 -4.31 25.91 19.25
C PHE D 74 -4.65 25.27 20.59
N SER D 75 -5.53 24.28 20.59
CA SER D 75 -6.00 23.71 21.87
C SER D 75 -4.93 22.87 22.59
N PRO D 76 -4.74 23.12 23.88
CA PRO D 76 -3.81 22.30 24.68
C PRO D 76 -4.21 20.83 24.66
N ARG D 77 -5.48 20.56 24.39
CA ARG D 77 -5.99 19.19 24.39
C ARG D 77 -5.54 18.38 23.16
N ALA D 78 -4.95 19.05 22.18
CA ALA D 78 -4.53 18.39 20.95
C ALA D 78 -3.07 17.92 21.02
N ARG D 79 -2.30 18.53 21.90
CA ARG D 79 -0.87 18.25 22.01
C ARG D 79 -0.56 16.74 22.07
N GLU D 80 -1.07 16.06 23.09
CA GLU D 80 -0.74 14.65 23.27
C GLU D 80 -1.17 13.79 22.07
N TYR D 81 -2.38 14.02 21.58
CA TYR D 81 -2.84 13.33 20.40
C TYR D 81 -1.88 13.56 19.23
N LEU D 82 -1.62 14.84 18.92
CA LEU D 82 -0.78 15.16 17.75
C LEU D 82 0.61 14.57 17.89
N LYS D 83 1.09 14.49 19.12
CA LYS D 83 2.39 13.87 19.35
C LYS D 83 2.45 12.44 18.83
N THR D 84 1.31 11.75 18.87
CA THR D 84 1.25 10.37 18.34
C THR D 84 1.08 10.35 16.83
N LYS D 85 0.85 11.52 16.22
CA LYS D 85 0.68 11.55 14.77
C LYS D 85 1.97 11.99 14.09
N SER D 86 3.09 11.79 14.76
CA SER D 86 4.39 12.26 14.29
C SER D 86 4.74 11.79 12.88
N ASP D 87 4.12 10.72 12.42
CA ASP D 87 4.34 10.23 11.06
C ASP D 87 3.98 11.28 10.01
N PHE D 88 3.10 12.21 10.35
CA PHE D 88 2.51 13.11 9.36
C PHE D 88 3.04 14.55 9.36
N TYR D 89 4.14 14.79 10.06
CA TYR D 89 4.70 16.13 10.12
C TYR D 89 6.17 16.04 10.52
N ASP D 90 6.92 17.12 10.30
CA ASP D 90 8.33 17.12 10.64
C ASP D 90 8.61 17.93 11.90
N CYS D 91 7.80 18.95 12.15
CA CYS D 91 7.91 19.74 13.37
C CYS D 91 6.53 20.05 13.90
N LEU D 92 6.41 20.11 15.22
CA LEU D 92 5.16 20.43 15.89
C LEU D 92 5.37 21.55 16.92
N HIS D 93 4.52 22.56 16.89
CA HIS D 93 4.65 23.72 17.76
C HIS D 93 3.27 24.32 17.94
N PRO D 94 2.96 24.79 19.16
CA PRO D 94 1.70 25.53 19.38
C PRO D 94 1.64 26.78 18.50
N LEU D 95 0.42 27.22 18.15
CA LEU D 95 0.25 28.45 17.43
C LEU D 95 0.76 29.61 18.29
N PRO D 96 1.45 30.58 17.68
CA PRO D 96 1.93 31.72 18.48
C PRO D 96 0.78 32.55 19.03
N LEU D 97 0.97 33.15 20.20
CA LEU D 97 -0.06 34.06 20.72
C LEU D 97 -0.38 35.11 19.68
N ASP D 98 -1.63 35.58 19.68
CA ASP D 98 -2.04 36.56 18.69
C ASP D 98 -1.60 38.03 18.97
N ASN D 99 -0.30 38.29 19.07
CA ASN D 99 0.19 39.67 19.04
C ASN D 99 1.22 39.81 17.92
N PRO D 100 1.36 41.03 17.34
CA PRO D 100 2.31 41.22 16.24
C PRO D 100 3.67 40.57 16.46
N PHE D 101 4.27 40.81 17.62
CA PHE D 101 5.62 40.31 17.86
C PHE D 101 5.79 38.78 17.91
N SER D 102 4.86 38.07 18.56
CA SER D 102 4.98 36.63 18.65
C SER D 102 4.76 36.01 17.28
N VAL D 103 3.76 36.50 16.58
CA VAL D 103 3.45 35.99 15.26
C VAL D 103 4.64 36.21 14.31
N LYS D 104 5.23 37.40 14.35
CA LYS D 104 6.34 37.69 13.42
C LYS D 104 7.56 36.87 13.79
N ARG D 105 7.87 36.77 15.07
CA ARG D 105 9.00 35.91 15.45
C ARG D 105 8.82 34.48 14.93
N PHE D 106 7.59 33.94 15.02
CA PHE D 106 7.33 32.58 14.55
C PHE D 106 7.69 32.45 13.07
N GLU D 107 7.15 33.36 12.27
CA GLU D 107 7.38 33.42 10.84
C GLU D 107 8.84 33.68 10.46
N GLU D 108 9.52 34.56 11.19
CA GLU D 108 10.92 34.86 10.87
C GLU D 108 11.81 33.67 11.21
N LEU D 109 11.47 32.91 12.25
CA LEU D 109 12.30 31.74 12.54
C LEU D 109 12.12 30.61 11.52
N SER D 110 10.87 30.37 11.12
CA SER D 110 10.51 29.17 10.35
C SER D 110 10.45 29.42 8.84
N LYS D 111 10.25 30.68 8.45
CA LYS D 111 10.22 31.05 7.04
C LYS D 111 9.38 30.05 6.23
N PRO D 112 8.11 29.84 6.61
CA PRO D 112 7.20 28.91 5.93
C PRO D 112 7.04 29.31 4.45
N LYS D 113 6.81 28.34 3.56
CA LYS D 113 6.57 28.69 2.16
C LYS D 113 5.11 29.13 1.98
N ALA D 114 4.26 28.68 2.91
CA ALA D 114 2.83 28.93 2.84
C ALA D 114 2.19 28.43 4.13
N LEU D 115 1.02 28.97 4.44
CA LEU D 115 0.29 28.56 5.64
C LEU D 115 -1.09 28.12 5.20
N ILE D 116 -1.46 26.89 5.58
CA ILE D 116 -2.81 26.40 5.33
C ILE D 116 -3.59 26.39 6.62
N VAL D 117 -4.68 27.14 6.65
CA VAL D 117 -5.51 27.17 7.84
C VAL D 117 -6.71 26.26 7.61
N VAL D 118 -6.89 25.30 8.49
CA VAL D 118 -7.98 24.35 8.33
C VAL D 118 -9.27 24.93 8.92
N GLU D 119 -10.22 25.19 8.04
CA GLU D 119 -11.59 25.58 8.38
C GLU D 119 -11.85 27.04 8.74
N ARG D 120 -11.27 27.53 9.80
CA ARG D 120 -11.58 28.90 10.16
C ARG D 120 -10.41 29.60 10.84
N GLU D 121 -10.43 29.59 12.17
CA GLU D 121 -9.32 30.15 12.93
C GLU D 121 -8.95 31.55 12.44
N PHE D 122 -9.91 32.48 12.50
CA PHE D 122 -9.68 33.85 12.09
C PHE D 122 -8.95 34.63 13.19
N TRP D 123 -7.65 34.36 13.34
CA TRP D 123 -6.85 35.06 14.32
C TRP D 123 -6.31 36.36 13.67
N PRO D 124 -6.77 37.53 14.13
CA PRO D 124 -6.40 38.77 13.41
C PRO D 124 -4.89 39.04 13.34
N SER D 125 -4.16 38.99 14.43
CA SER D 125 -2.73 39.32 14.34
C SER D 125 -2.02 38.35 13.42
N LEU D 126 -2.41 37.09 13.50
CA LEU D 126 -1.80 36.06 12.71
C LEU D 126 -1.96 36.37 11.24
N ILE D 127 -3.17 36.74 10.85
CA ILE D 127 -3.51 36.98 9.46
C ILE D 127 -2.93 38.30 8.93
N ILE D 128 -3.01 39.33 9.78
CA ILE D 128 -2.65 40.69 9.39
C ILE D 128 -1.15 40.90 9.33
N PHE D 129 -0.42 40.32 10.29
CA PHE D 129 0.99 40.64 10.47
C PHE D 129 1.97 39.58 9.98
N THR D 130 1.48 38.57 9.27
CA THR D 130 2.42 37.66 8.63
C THR D 130 2.40 37.89 7.14
N LYS D 131 3.55 37.66 6.52
CA LYS D 131 3.71 37.86 5.09
C LYS D 131 3.48 36.55 4.33
N VAL D 132 3.68 35.43 5.01
CA VAL D 132 3.50 34.11 4.40
C VAL D 132 2.22 34.04 3.56
N PRO D 133 2.31 33.42 2.37
CA PRO D 133 1.09 33.23 1.58
C PRO D 133 0.13 32.37 2.41
N LYS D 134 -1.16 32.69 2.39
CA LYS D 134 -2.13 32.06 3.31
C LYS D 134 -3.27 31.36 2.55
N ILE D 135 -3.62 30.14 2.98
CA ILE D 135 -4.64 29.35 2.29
C ILE D 135 -5.67 28.92 3.31
N LEU D 136 -6.96 29.16 3.02
CA LEU D 136 -8.04 28.71 3.90
C LEU D 136 -8.72 27.46 3.27
N VAL D 137 -8.95 26.39 4.04
CA VAL D 137 -9.59 25.20 3.45
C VAL D 137 -10.81 24.72 4.23
N ASN D 138 -11.77 24.14 3.51
CA ASN D 138 -13.02 23.67 4.09
C ASN D 138 -13.79 24.76 4.82
N ALA D 139 -13.71 25.97 4.31
CA ALA D 139 -14.31 27.12 4.96
C ALA D 139 -15.75 27.28 4.51
N TYR D 140 -16.55 27.98 5.31
CA TYR D 140 -17.91 28.32 4.94
C TYR D 140 -18.16 29.76 5.39
N ALA D 141 -19.17 30.41 4.84
CA ALA D 141 -19.46 31.81 5.15
C ALA D 141 -20.53 31.95 6.22
N LYS D 142 -20.27 32.84 7.18
CA LYS D 142 -21.29 33.21 8.17
C LYS D 142 -21.75 34.64 7.98
N GLY D 143 -21.06 35.38 7.12
CA GLY D 143 -21.44 36.74 6.78
C GLY D 143 -21.07 37.79 7.82
N SER D 144 -20.21 37.44 8.76
CA SER D 144 -19.82 38.37 9.82
C SER D 144 -18.81 39.41 9.33
N LEU D 145 -18.68 40.50 10.08
CA LEU D 145 -17.79 41.58 9.67
C LEU D 145 -16.33 41.13 9.70
N ILE D 146 -16.01 40.19 10.58
CA ILE D 146 -14.64 39.71 10.63
C ILE D 146 -14.27 38.98 9.33
N GLU D 147 -15.25 38.26 8.75
CA GLU D 147 -15.06 37.63 7.44
C GLU D 147 -14.82 38.66 6.35
N LYS D 148 -15.66 39.68 6.29
CA LYS D 148 -15.51 40.73 5.28
C LYS D 148 -14.11 41.31 5.35
N ILE D 149 -13.57 41.36 6.55
CA ILE D 149 -12.32 42.04 6.79
C ILE D 149 -11.12 41.16 6.48
N LEU D 150 -11.13 39.93 6.99
CA LEU D 150 -9.94 39.11 6.93
C LEU D 150 -9.89 38.17 5.72
N SER D 151 -11.03 37.92 5.10
CA SER D 151 -11.07 36.92 4.04
C SER D 151 -10.26 37.38 2.83
N LYS D 152 -10.31 38.66 2.52
CA LYS D 152 -9.53 39.21 1.42
C LYS D 152 -8.03 39.02 1.64
N LYS D 153 -7.63 38.75 2.89
CA LYS D 153 -6.21 38.59 3.22
C LYS D 153 -5.65 37.20 2.89
N PHE D 154 -6.53 36.28 2.51
CA PHE D 154 -6.10 34.95 2.07
C PHE D 154 -5.78 34.95 0.58
N ASP D 155 -4.64 34.36 0.24
CA ASP D 155 -4.24 34.16 -1.16
C ASP D 155 -5.09 33.10 -1.89
N LEU D 156 -5.53 32.09 -1.16
CA LEU D 156 -6.38 31.07 -1.75
C LEU D 156 -7.38 30.60 -0.73
N ILE D 157 -8.65 30.50 -1.13
CA ILE D 157 -9.70 29.98 -0.26
C ILE D 157 -10.49 28.87 -0.94
N ILE D 158 -10.61 27.73 -0.26
CA ILE D 158 -11.37 26.59 -0.77
C ILE D 158 -12.51 26.30 0.18
N MET D 159 -13.72 26.39 -0.36
CA MET D 159 -14.91 26.36 0.47
C MET D 159 -15.76 25.12 0.18
N ARG D 160 -16.82 24.96 0.97
CA ARG D 160 -17.64 23.75 0.89
C ARG D 160 -18.69 23.76 -0.20
N THR D 161 -19.24 24.93 -0.51
CA THR D 161 -20.29 25.02 -1.53
C THR D 161 -20.09 26.22 -2.44
N GLN D 162 -20.57 26.11 -3.67
CA GLN D 162 -20.45 27.24 -4.59
C GLN D 162 -21.12 28.48 -4.03
N GLU D 163 -22.10 28.27 -3.15
CA GLU D 163 -22.81 29.38 -2.53
C GLU D 163 -21.90 30.23 -1.63
N ASP D 164 -21.09 29.56 -0.81
CA ASP D 164 -20.14 30.26 0.04
C ASP D 164 -19.12 31.01 -0.81
N VAL D 165 -18.67 30.39 -1.90
CA VAL D 165 -17.73 31.01 -2.84
C VAL D 165 -18.23 32.37 -3.32
N GLU D 166 -19.53 32.44 -3.62
CA GLU D 166 -20.17 33.67 -4.08
C GLU D 166 -20.03 34.77 -3.05
N LYS D 167 -20.40 34.46 -1.80
CA LYS D 167 -20.32 35.42 -0.71
C LYS D 167 -18.90 35.94 -0.48
N PHE D 168 -17.92 35.04 -0.48
CA PHE D 168 -16.54 35.44 -0.23
C PHE D 168 -15.89 36.25 -1.36
N LYS D 169 -16.37 36.08 -2.58
CA LYS D 169 -15.84 36.83 -3.71
C LYS D 169 -16.23 38.30 -3.59
N THR D 170 -17.46 38.54 -3.15
CA THR D 170 -17.95 39.89 -2.90
C THR D 170 -17.14 40.55 -1.78
N PHE D 171 -16.58 39.76 -0.87
CA PHE D 171 -15.74 40.33 0.18
C PHE D 171 -14.38 40.76 -0.38
N GLY D 172 -14.19 40.54 -1.69
CA GLY D 172 -12.94 40.85 -2.34
C GLY D 172 -11.89 39.76 -2.25
N ALA D 173 -12.30 38.52 -1.97
CA ALA D 173 -11.34 37.44 -2.08
C ALA D 173 -11.20 37.09 -3.55
N LYS D 174 -9.98 37.04 -4.05
CA LYS D 174 -9.75 36.52 -5.40
C LYS D 174 -8.91 35.26 -5.29
N ARG D 175 -9.39 34.21 -5.94
CA ARG D 175 -8.85 32.86 -5.74
C ARG D 175 -9.67 32.14 -4.68
N VAL D 176 -10.96 31.98 -4.98
CA VAL D 176 -11.89 31.23 -4.14
C VAL D 176 -12.53 30.14 -4.98
N PHE D 177 -12.48 28.89 -4.51
CA PHE D 177 -13.06 27.76 -5.22
C PHE D 177 -13.87 26.91 -4.25
N SER D 178 -14.90 26.23 -4.76
CA SER D 178 -15.68 25.32 -3.93
C SER D 178 -15.29 23.89 -4.25
N CYS D 179 -14.78 23.16 -3.27
CA CYS D 179 -14.38 21.78 -3.54
C CYS D 179 -15.22 20.76 -2.78
N GLY D 180 -16.15 21.21 -1.97
CA GLY D 180 -16.93 20.30 -1.17
C GLY D 180 -16.34 20.16 0.21
N ASN D 181 -16.99 19.37 1.05
CA ASN D 181 -16.71 19.32 2.47
C ASN D 181 -15.75 18.18 2.79
N LEU D 182 -14.56 18.53 3.29
CA LEU D 182 -13.57 17.54 3.66
C LEU D 182 -14.12 16.49 4.62
N LYS D 183 -15.13 16.87 5.40
CA LYS D 183 -15.72 15.94 6.37
C LYS D 183 -16.40 14.75 5.69
N PHE D 184 -16.57 14.82 4.37
CA PHE D 184 -17.25 13.77 3.62
C PHE D 184 -16.30 12.82 2.91
N ILE D 185 -15.01 12.95 3.20
CA ILE D 185 -14.04 12.01 2.64
C ILE D 185 -14.07 10.69 3.42
N CYS D 186 -14.24 9.57 2.72
CA CYS D 186 -14.29 8.27 3.36
C CYS D 186 -12.89 7.86 3.78
N GLN D 187 -12.80 7.14 4.89
CA GLN D 187 -11.54 6.47 5.23
C GLN D 187 -11.83 5.04 5.66
N LYS D 188 -12.65 4.39 4.85
CA LYS D 188 -13.08 3.01 5.09
C LYS D 188 -11.89 2.09 5.28
N GLY D 189 -11.92 1.30 6.35
CA GLY D 189 -10.83 0.41 6.68
C GLY D 189 -10.71 -0.79 5.76
N LYS D 190 -9.99 -1.81 6.21
CA LYS D 190 -9.91 -3.05 5.46
C LYS D 190 -11.30 -3.65 5.27
N GLY D 191 -12.05 -3.78 6.34
CA GLY D 191 -13.39 -4.34 6.27
C GLY D 191 -13.40 -5.84 6.48
N ILE D 192 -14.50 -6.33 7.04
CA ILE D 192 -14.63 -7.75 7.38
C ILE D 192 -15.59 -8.45 6.42
N LYS D 193 -15.37 -9.74 6.19
CA LYS D 193 -16.19 -10.53 5.30
C LYS D 193 -16.82 -11.68 6.08
N LEU D 194 -18.14 -11.86 5.93
CA LEU D 194 -18.84 -12.92 6.66
C LEU D 194 -19.91 -13.63 5.83
N LYS D 195 -20.00 -14.95 5.97
CA LYS D 195 -21.12 -15.67 5.38
C LYS D 195 -22.38 -15.30 6.16
N GLY D 196 -23.48 -15.12 5.44
CA GLY D 196 -24.74 -14.75 6.06
C GLY D 196 -25.34 -13.46 5.53
N GLU D 197 -26.51 -13.12 6.09
CA GLU D 197 -27.29 -11.96 5.69
C GLU D 197 -27.49 -11.09 6.92
N PHE D 198 -26.97 -9.86 6.89
CA PHE D 198 -26.94 -9.04 8.10
C PHE D 198 -27.51 -7.64 7.97
N ILE D 199 -28.04 -7.15 9.09
CA ILE D 199 -28.21 -5.72 9.33
C ILE D 199 -27.21 -5.33 10.42
N VAL D 200 -26.56 -4.18 10.26
CA VAL D 200 -25.59 -3.72 11.24
C VAL D 200 -26.04 -2.44 11.95
N ALA D 201 -26.08 -2.52 13.28
CA ALA D 201 -26.53 -1.43 14.11
C ALA D 201 -25.34 -1.00 14.98
N GLY D 202 -24.82 0.19 14.70
CA GLY D 202 -23.59 0.66 15.35
C GLY D 202 -23.78 1.87 16.24
N SER D 203 -22.95 1.97 17.27
CA SER D 203 -23.01 3.11 18.18
C SER D 203 -24.41 3.24 18.78
N ILE D 204 -24.95 2.12 19.24
CA ILE D 204 -26.31 2.07 19.75
C ILE D 204 -26.28 2.36 21.24
N HIS D 205 -27.10 3.30 21.69
CA HIS D 205 -27.18 3.61 23.13
C HIS D 205 -28.24 2.73 23.78
N THR D 206 -28.11 2.52 25.09
CA THR D 206 -29.03 1.68 25.85
C THR D 206 -30.48 1.98 25.49
N GLY D 207 -30.79 3.27 25.33
CA GLY D 207 -32.16 3.73 25.17
C GLY D 207 -32.70 3.52 23.77
N GLU D 208 -31.84 3.03 22.88
CA GLU D 208 -32.23 2.75 21.50
C GLU D 208 -32.42 1.26 21.21
N VAL D 209 -31.98 0.42 22.14
CA VAL D 209 -31.97 -1.02 21.89
C VAL D 209 -33.36 -1.58 21.62
N GLU D 210 -34.33 -1.14 22.41
CA GLU D 210 -35.65 -1.72 22.34
C GLU D 210 -36.41 -1.37 21.06
N ILE D 211 -36.18 -0.18 20.52
CA ILE D 211 -36.88 0.17 19.30
C ILE D 211 -36.34 -0.65 18.13
N ILE D 212 -35.02 -0.83 18.10
CA ILE D 212 -34.40 -1.62 17.05
C ILE D 212 -34.75 -3.11 17.14
N LEU D 213 -34.81 -3.65 18.36
CA LEU D 213 -35.18 -5.07 18.52
C LEU D 213 -36.66 -5.35 18.16
N LYS D 214 -37.53 -4.42 18.53
CA LYS D 214 -38.94 -4.54 18.19
C LYS D 214 -39.13 -4.52 16.68
N ALA D 215 -38.35 -3.70 15.99
CA ALA D 215 -38.43 -3.65 14.54
C ALA D 215 -37.86 -4.91 13.93
N PHE D 216 -36.72 -5.35 14.46
CA PHE D 216 -36.05 -6.53 13.92
C PHE D 216 -36.93 -7.76 14.07
N LYS D 217 -37.56 -7.89 15.23
CA LYS D 217 -38.44 -9.01 15.44
C LYS D 217 -39.52 -9.04 14.34
N GLU D 218 -40.07 -7.88 14.03
CA GLU D 218 -41.12 -7.80 13.01
C GLU D 218 -40.58 -8.21 11.64
N ILE D 219 -39.38 -7.75 11.33
CA ILE D 219 -38.71 -8.07 10.08
C ILE D 219 -38.51 -9.59 9.96
N LYS D 220 -38.08 -10.20 11.05
CA LYS D 220 -37.72 -11.62 10.97
C LYS D 220 -38.91 -12.52 10.67
N LYS D 221 -40.13 -11.98 10.76
CA LYS D 221 -41.30 -12.76 10.39
C LYS D 221 -41.33 -12.99 8.88
N THR D 222 -40.64 -12.12 8.14
CA THR D 222 -40.56 -12.26 6.69
C THR D 222 -39.21 -12.81 6.26
N TYR D 223 -38.15 -12.29 6.88
CA TYR D 223 -36.79 -12.65 6.52
C TYR D 223 -36.19 -13.49 7.63
N SER D 224 -36.59 -14.77 7.65
CA SER D 224 -36.27 -15.69 8.74
C SER D 224 -34.76 -15.90 8.90
N SER D 225 -34.01 -15.63 7.84
CA SER D 225 -32.57 -15.83 7.86
C SER D 225 -31.76 -14.61 8.35
N LEU D 226 -32.35 -13.41 8.24
CA LEU D 226 -31.66 -12.16 8.60
C LEU D 226 -31.02 -12.18 9.99
N LYS D 227 -29.80 -11.65 10.10
CA LYS D 227 -29.15 -11.54 11.40
C LYS D 227 -28.86 -10.08 11.70
N LEU D 228 -28.92 -9.72 12.97
CA LEU D 228 -28.60 -8.34 13.38
C LEU D 228 -27.29 -8.31 14.14
N ILE D 229 -26.33 -7.57 13.65
CA ILE D 229 -25.09 -7.34 14.39
C ILE D 229 -25.27 -6.06 15.18
N LEU D 230 -25.12 -6.16 16.50
CA LEU D 230 -25.49 -5.05 17.38
C LEU D 230 -24.28 -4.57 18.17
N VAL D 231 -23.86 -3.34 17.89
CA VAL D 231 -22.63 -2.78 18.45
C VAL D 231 -22.88 -1.58 19.39
N PRO D 232 -22.89 -1.83 20.71
CA PRO D 232 -23.20 -0.80 21.70
C PRO D 232 -22.25 0.40 21.57
N ARG D 233 -22.78 1.59 21.79
CA ARG D 233 -21.97 2.79 21.98
C ARG D 233 -20.87 2.46 22.98
N HIS D 234 -21.28 1.94 24.13
CA HIS D 234 -20.34 1.57 25.18
C HIS D 234 -20.37 0.08 25.43
N ILE D 235 -19.19 -0.52 25.39
CA ILE D 235 -19.03 -1.94 25.68
C ILE D 235 -19.63 -2.35 27.03
N GLU D 236 -19.55 -1.46 28.04
CA GLU D 236 -20.05 -1.73 29.39
C GLU D 236 -21.51 -2.16 29.39
N ASN D 237 -22.24 -1.81 28.33
CA ASN D 237 -23.66 -2.12 28.20
C ASN D 237 -23.95 -3.42 27.42
N ALA D 238 -22.90 -4.08 26.93
CA ALA D 238 -23.04 -5.19 25.99
C ALA D 238 -23.75 -6.43 26.55
N LYS D 239 -23.56 -6.68 27.83
CA LYS D 239 -24.21 -7.82 28.46
C LYS D 239 -25.64 -7.43 28.80
N ILE D 240 -25.82 -6.16 29.15
CA ILE D 240 -27.17 -5.60 29.28
C ILE D 240 -27.94 -5.75 27.96
N PHE D 241 -27.29 -5.40 26.86
CA PHE D 241 -27.91 -5.50 25.53
C PHE D 241 -28.28 -6.98 25.25
N GLU D 242 -27.36 -7.89 25.53
CA GLU D 242 -27.58 -9.32 25.29
C GLU D 242 -28.84 -9.80 25.98
N LYS D 243 -28.99 -9.41 27.25
CA LYS D 243 -30.12 -9.88 28.05
C LYS D 243 -31.45 -9.36 27.48
N LYS D 244 -31.46 -8.10 27.03
CA LYS D 244 -32.67 -7.53 26.45
C LYS D 244 -33.10 -8.28 25.19
N ALA D 245 -32.16 -8.57 24.30
CA ALA D 245 -32.43 -9.33 23.08
C ALA D 245 -33.02 -10.73 23.41
N ARG D 246 -32.43 -11.38 24.41
CA ARG D 246 -32.91 -12.68 24.90
C ARG D 246 -34.32 -12.59 25.46
N ASP D 247 -34.62 -11.47 26.11
CA ASP D 247 -35.94 -11.21 26.67
C ASP D 247 -36.95 -11.14 25.54
N PHE D 248 -36.48 -10.64 24.40
CA PHE D 248 -37.32 -10.55 23.21
C PHE D 248 -37.44 -11.91 22.54
N GLY D 249 -36.75 -12.90 23.09
CA GLY D 249 -36.80 -14.24 22.54
C GLY D 249 -35.96 -14.37 21.28
N PHE D 250 -34.73 -13.87 21.33
CA PHE D 250 -33.81 -14.08 20.21
C PHE D 250 -32.72 -15.05 20.64
N LYS D 251 -32.20 -15.82 19.69
CA LYS D 251 -30.95 -16.53 19.91
C LYS D 251 -29.85 -15.48 19.96
N THR D 252 -29.05 -15.46 21.04
CA THR D 252 -27.97 -14.48 21.14
C THR D 252 -26.58 -15.11 21.19
N SER D 253 -25.59 -14.37 20.71
CA SER D 253 -24.19 -14.78 20.76
C SER D 253 -23.29 -13.56 20.58
N PHE D 254 -22.07 -13.64 21.13
CA PHE D 254 -21.13 -12.54 21.06
C PHE D 254 -20.15 -12.72 19.89
N PHE D 255 -19.67 -11.58 19.37
CA PHE D 255 -19.03 -11.57 18.05
C PHE D 255 -17.86 -12.53 17.83
N GLU D 256 -17.81 -13.02 16.60
CA GLU D 256 -17.03 -14.18 16.19
C GLU D 256 -18.02 -15.33 16.12
N ASN D 257 -18.72 -15.55 17.23
CA ASN D 257 -19.82 -16.51 17.26
C ASN D 257 -21.06 -15.91 16.61
N LEU D 258 -21.41 -16.44 15.45
CA LEU D 258 -22.48 -15.89 14.64
C LEU D 258 -23.78 -16.67 14.79
N GLU D 259 -23.86 -17.51 15.81
CA GLU D 259 -25.00 -18.41 15.95
C GLU D 259 -26.34 -17.68 16.13
N GLY D 260 -26.31 -16.58 16.87
CA GLY D 260 -27.52 -15.92 17.31
C GLY D 260 -28.28 -15.17 16.22
N ASP D 261 -29.54 -14.87 16.49
CA ASP D 261 -30.32 -13.99 15.62
C ASP D 261 -29.83 -12.55 15.82
N VAL D 262 -29.42 -12.24 17.04
CA VAL D 262 -28.76 -10.98 17.38
C VAL D 262 -27.33 -11.29 17.81
N ILE D 263 -26.36 -10.71 17.13
CA ILE D 263 -24.97 -10.89 17.51
C ILE D 263 -24.43 -9.60 18.11
N LEU D 264 -23.96 -9.68 19.35
CA LEU D 264 -23.44 -8.51 20.05
C LEU D 264 -21.93 -8.42 19.94
N VAL D 265 -21.44 -7.20 19.73
CA VAL D 265 -20.00 -6.94 19.66
C VAL D 265 -19.51 -6.47 21.02
N ASP D 266 -18.58 -7.23 21.59
CA ASP D 266 -18.20 -7.02 22.98
C ASP D 266 -16.87 -6.29 23.14
N ARG D 267 -16.15 -6.09 22.03
CA ARG D 267 -14.83 -5.46 22.12
C ARG D 267 -14.72 -4.13 21.35
N PHE D 268 -14.25 -3.10 22.04
CA PHE D 268 -14.21 -1.75 21.47
C PHE D 268 -13.31 -1.65 20.24
N GLY D 269 -13.71 -0.79 19.31
CA GLY D 269 -13.09 -0.73 18.00
C GLY D 269 -13.81 -1.69 17.08
N ILE D 270 -13.25 -1.91 15.90
CA ILE D 270 -13.77 -2.94 15.01
C ILE D 270 -15.04 -2.52 14.26
N LEU D 271 -15.86 -1.66 14.86
CA LEU D 271 -17.15 -1.30 14.29
C LEU D 271 -17.13 -0.96 12.80
N LYS D 272 -16.27 -0.02 12.40
CA LYS D 272 -16.23 0.43 11.01
C LYS D 272 -16.00 -0.71 10.01
N GLU D 273 -15.35 -1.78 10.47
CA GLU D 273 -15.01 -2.90 9.61
C GLU D 273 -16.19 -3.86 9.43
N LEU D 274 -17.21 -3.71 10.24
CA LEU D 274 -18.35 -4.63 10.21
C LEU D 274 -19.42 -4.22 9.20
N TYR D 275 -19.51 -2.91 8.95
CA TYR D 275 -20.53 -2.37 8.05
C TYR D 275 -20.67 -3.07 6.68
N PRO D 276 -19.55 -3.36 6.00
CA PRO D 276 -19.63 -3.96 4.66
C PRO D 276 -20.33 -5.33 4.65
N VAL D 277 -20.22 -6.04 5.76
CA VAL D 277 -20.88 -7.32 5.95
C VAL D 277 -22.40 -7.20 5.79
N GLY D 278 -22.94 -6.00 5.89
CA GLY D 278 -24.39 -5.83 5.94
C GLY D 278 -25.08 -5.22 4.74
N LYS D 279 -26.36 -5.56 4.59
CA LYS D 279 -27.20 -5.01 3.51
C LYS D 279 -27.77 -3.65 3.90
N ILE D 280 -27.81 -3.36 5.18
CA ILE D 280 -28.36 -2.10 5.66
C ILE D 280 -27.69 -1.79 6.97
N ALA D 281 -27.50 -0.51 7.26
CA ALA D 281 -26.89 -0.11 8.51
C ALA D 281 -27.89 0.73 9.27
N ILE D 282 -27.79 0.67 10.60
CA ILE D 282 -28.47 1.60 11.51
C ILE D 282 -27.42 2.26 12.39
N VAL D 283 -27.44 3.59 12.45
CA VAL D 283 -26.45 4.29 13.25
C VAL D 283 -27.14 4.97 14.44
N GLY D 284 -26.66 4.67 15.63
CA GLY D 284 -27.24 5.19 16.87
C GLY D 284 -26.89 6.62 17.25
N GLY D 285 -27.31 6.98 18.47
CA GLY D 285 -27.17 8.33 18.97
C GLY D 285 -28.20 9.24 18.33
N THR D 286 -29.29 8.64 17.82
CA THR D 286 -30.20 9.35 16.93
C THR D 286 -31.64 9.01 17.27
N PHE D 287 -31.82 7.89 17.96
CA PHE D 287 -33.14 7.50 18.44
C PHE D 287 -33.37 8.05 19.84
N VAL D 288 -32.27 8.35 20.53
CA VAL D 288 -32.34 9.08 21.78
C VAL D 288 -31.70 10.43 21.48
N ASN D 289 -31.88 11.39 22.37
CA ASN D 289 -31.51 12.78 22.09
C ASN D 289 -30.02 13.04 22.28
N ILE D 290 -29.21 12.55 21.35
CA ILE D 290 -27.76 12.66 21.48
C ILE D 290 -27.14 13.46 20.34
N GLY D 291 -27.83 13.55 19.21
CA GLY D 291 -27.37 14.37 18.11
C GLY D 291 -26.78 13.59 16.96
N GLY D 292 -26.65 12.27 17.13
CA GLY D 292 -26.15 11.40 16.07
C GLY D 292 -24.67 11.07 16.11
N HIS D 293 -24.33 9.83 15.74
CA HIS D 293 -22.93 9.43 15.57
C HIS D 293 -22.53 9.39 14.08
N ASN D 294 -21.53 8.61 13.72
CA ASN D 294 -20.98 8.67 12.37
C ASN D 294 -21.82 8.03 11.25
N LEU D 295 -22.80 8.77 10.74
CA LEU D 295 -23.67 8.22 9.68
C LEU D 295 -22.92 7.89 8.39
N LEU D 296 -21.79 8.56 8.17
CA LEU D 296 -21.05 8.41 6.92
C LEU D 296 -20.50 6.99 6.69
N GLU D 297 -19.93 6.41 7.75
CA GLU D 297 -19.14 5.18 7.62
C GLU D 297 -19.78 4.08 6.76
N PRO D 298 -21.04 3.70 7.05
CA PRO D 298 -21.58 2.62 6.20
C PRO D 298 -21.78 3.04 4.74
N THR D 299 -22.18 4.28 4.50
CA THR D 299 -22.45 4.72 3.13
C THR D 299 -21.22 4.67 2.25
N CYS D 300 -20.03 4.75 2.85
CA CYS D 300 -18.80 4.67 2.07
C CYS D 300 -18.69 3.33 1.38
N TRP D 301 -19.39 2.34 1.93
CA TRP D 301 -19.35 1.02 1.36
C TRP D 301 -20.51 0.77 0.41
N GLY D 302 -21.29 1.81 0.14
CA GLY D 302 -22.43 1.69 -0.76
C GLY D 302 -23.66 1.17 -0.02
N ILE D 303 -23.65 1.25 1.30
CA ILE D 303 -24.74 0.68 2.11
C ILE D 303 -25.65 1.78 2.65
N PRO D 304 -26.98 1.64 2.47
CA PRO D 304 -27.87 2.69 3.00
C PRO D 304 -27.88 2.71 4.52
N VAL D 305 -28.07 3.89 5.12
CA VAL D 305 -28.09 3.97 6.57
C VAL D 305 -29.39 4.55 7.11
N ILE D 306 -29.89 3.95 8.21
CA ILE D 306 -31.08 4.43 8.89
C ILE D 306 -30.71 5.06 10.23
N TYR D 307 -31.40 6.15 10.57
CA TYR D 307 -31.18 6.86 11.83
C TYR D 307 -32.46 7.48 12.38
N GLY D 308 -32.45 7.81 13.67
CA GLY D 308 -33.59 8.44 14.32
C GLY D 308 -33.61 9.94 14.12
N PRO D 309 -34.55 10.62 14.78
CA PRO D 309 -34.77 12.07 14.55
C PRO D 309 -33.67 12.95 15.14
N TYR D 310 -32.93 12.47 16.13
CA TYR D 310 -31.94 13.31 16.82
C TYR D 310 -30.59 13.31 16.16
N THR D 311 -30.47 14.13 15.12
CA THR D 311 -29.24 14.21 14.38
C THR D 311 -28.72 15.64 14.38
N HIS D 312 -29.07 16.39 15.41
CA HIS D 312 -28.73 17.81 15.46
C HIS D 312 -27.22 18.09 15.47
N LYS D 313 -26.43 17.15 15.98
CA LYS D 313 -24.97 17.27 15.92
C LYS D 313 -24.32 16.84 14.61
N VAL D 314 -25.08 16.24 13.71
CA VAL D 314 -24.52 15.87 12.39
C VAL D 314 -25.42 16.34 11.25
N ASN D 315 -26.05 17.49 11.44
CA ASN D 315 -27.02 17.95 10.44
C ASN D 315 -26.47 18.07 9.00
N ASP D 316 -25.26 18.61 8.85
CA ASP D 316 -24.66 18.76 7.53
C ASP D 316 -24.50 17.41 6.84
N LEU D 317 -24.10 16.41 7.63
CA LEU D 317 -23.81 15.08 7.11
C LEU D 317 -25.11 14.38 6.76
N LYS D 318 -26.10 14.50 7.63
CA LYS D 318 -27.44 14.02 7.34
C LYS D 318 -28.00 14.62 6.05
N GLU D 319 -27.89 15.93 5.90
CA GLU D 319 -28.44 16.58 4.71
C GLU D 319 -27.74 16.11 3.43
N PHE D 320 -26.44 15.86 3.53
CA PHE D 320 -25.65 15.30 2.43
C PHE D 320 -26.12 13.87 2.10
N LEU D 321 -26.25 13.05 3.12
CA LEU D 321 -26.67 11.66 2.91
C LEU D 321 -28.06 11.63 2.31
N GLU D 322 -28.94 12.48 2.79
CA GLU D 322 -30.31 12.50 2.28
C GLU D 322 -30.36 12.90 0.82
N LYS D 323 -29.63 13.95 0.46
CA LYS D 323 -29.56 14.36 -0.94
C LYS D 323 -28.99 13.22 -1.79
N GLU D 324 -28.06 12.45 -1.23
CA GLU D 324 -27.43 11.36 -1.97
C GLU D 324 -28.25 10.06 -1.95
N GLY D 325 -29.44 10.10 -1.35
CA GLY D 325 -30.30 8.93 -1.32
C GLY D 325 -29.72 7.76 -0.51
N ALA D 326 -28.87 8.09 0.47
CA ALA D 326 -28.13 7.09 1.23
C ALA D 326 -28.52 7.05 2.71
N GLY D 327 -29.15 8.12 3.19
CA GLY D 327 -29.58 8.19 4.58
C GLY D 327 -31.08 8.31 4.69
N PHE D 328 -31.65 7.65 5.68
CA PHE D 328 -33.10 7.64 5.85
C PHE D 328 -33.52 7.90 7.29
N GLU D 329 -34.26 9.00 7.51
CA GLU D 329 -34.77 9.35 8.83
C GLU D 329 -36.04 8.59 9.18
N VAL D 330 -36.05 7.99 10.36
CA VAL D 330 -37.23 7.31 10.85
C VAL D 330 -37.58 7.87 12.23
N LYS D 331 -38.87 7.95 12.53
CA LYS D 331 -39.32 8.57 13.77
C LYS D 331 -39.85 7.58 14.82
N ASN D 332 -40.25 6.40 14.40
CA ASN D 332 -40.81 5.41 15.34
C ASN D 332 -40.68 3.98 14.85
N GLU D 333 -41.05 3.00 15.69
CA GLU D 333 -40.91 1.59 15.31
C GLU D 333 -41.54 1.28 13.96
N THR D 334 -42.75 1.77 13.73
CA THR D 334 -43.47 1.45 12.50
C THR D 334 -42.74 1.97 11.27
N GLU D 335 -42.25 3.20 11.37
CA GLU D 335 -41.43 3.76 10.31
C GLU D 335 -40.13 2.97 10.13
N LEU D 336 -39.50 2.59 11.24
CA LEU D 336 -38.29 1.79 11.15
C LEU D 336 -38.52 0.46 10.41
N VAL D 337 -39.55 -0.27 10.82
CA VAL D 337 -39.92 -1.52 10.15
C VAL D 337 -40.20 -1.29 8.66
N THR D 338 -41.00 -0.28 8.35
CA THR D 338 -41.33 0.04 6.96
C THR D 338 -40.09 0.34 6.12
N LYS D 339 -39.16 1.11 6.67
CA LYS D 339 -37.95 1.47 5.96
C LYS D 339 -37.04 0.26 5.78
N LEU D 340 -36.90 -0.55 6.84
CA LEU D 340 -36.11 -1.77 6.74
C LEU D 340 -36.63 -2.70 5.65
N THR D 341 -37.96 -2.80 5.53
CA THR D 341 -38.54 -3.71 4.54
C THR D 341 -38.27 -3.21 3.11
N GLU D 342 -38.40 -1.90 2.91
CA GLU D 342 -38.06 -1.27 1.64
C GLU D 342 -36.63 -1.58 1.22
N LEU D 343 -35.68 -1.21 2.08
CA LEU D 343 -34.26 -1.40 1.79
C LEU D 343 -33.88 -2.86 1.64
N LEU D 344 -34.72 -3.75 2.14
CA LEU D 344 -34.49 -5.17 1.90
C LEU D 344 -34.93 -5.54 0.48
N SER D 345 -35.90 -4.80 -0.04
CA SER D 345 -36.46 -5.09 -1.37
C SER D 345 -35.83 -4.28 -2.52
N VAL D 346 -34.94 -3.34 -2.20
CA VAL D 346 -34.25 -2.60 -3.23
C VAL D 346 -32.75 -2.59 -3.01
N LYS D 347 -32.00 -2.46 -4.09
CA LYS D 347 -30.56 -2.28 -3.98
C LYS D 347 -30.22 -0.84 -4.37
N LYS D 348 -30.03 0.03 -3.38
CA LYS D 348 -29.79 1.44 -3.63
C LYS D 348 -28.47 1.62 -4.38
N GLU D 349 -28.39 2.69 -5.16
CA GLU D 349 -27.15 3.06 -5.83
C GLU D 349 -26.56 4.25 -5.09
N ILE D 350 -25.57 3.98 -4.25
CA ILE D 350 -25.01 4.98 -3.34
C ILE D 350 -23.67 5.48 -3.85
N LYS D 351 -23.58 6.78 -4.11
CA LYS D 351 -22.41 7.38 -4.79
C LYS D 351 -21.47 8.14 -3.86
N VAL D 352 -21.53 7.82 -2.59
CA VAL D 352 -20.79 8.55 -1.58
C VAL D 352 -19.28 8.36 -1.75
N GLU D 353 -18.85 7.14 -2.05
CA GLU D 353 -17.42 6.88 -2.18
C GLU D 353 -16.83 7.68 -3.36
N GLU D 354 -17.61 7.81 -4.42
CA GLU D 354 -17.16 8.55 -5.58
C GLU D 354 -17.16 10.06 -5.32
N LYS D 355 -18.12 10.52 -4.53
CA LYS D 355 -18.10 11.90 -4.05
C LYS D 355 -16.86 12.18 -3.21
N SER D 356 -16.48 11.23 -2.37
CA SER D 356 -15.24 11.34 -1.59
C SER D 356 -14.03 11.59 -2.49
N ARG D 357 -13.77 10.67 -3.42
CA ARG D 357 -12.62 10.77 -4.30
C ARG D 357 -12.59 12.10 -5.03
N GLU D 358 -13.78 12.60 -5.36
CA GLU D 358 -14.00 13.84 -6.07
C GLU D 358 -13.59 15.04 -5.20
N ILE D 359 -14.14 15.09 -4.00
CA ILE D 359 -13.76 16.15 -3.05
C ILE D 359 -12.26 16.14 -2.81
N LYS D 360 -11.72 14.99 -2.41
CA LYS D 360 -10.29 14.90 -2.15
C LYS D 360 -9.45 15.32 -3.35
N GLY D 361 -9.82 14.84 -4.54
CA GLY D 361 -9.08 15.17 -5.74
C GLY D 361 -9.06 16.67 -6.02
N CYS D 362 -10.22 17.31 -5.86
CA CYS D 362 -10.34 18.73 -6.13
C CYS D 362 -9.46 19.54 -5.16
N TYR D 363 -9.53 19.24 -3.87
CA TYR D 363 -8.66 19.91 -2.91
C TYR D 363 -7.17 19.73 -3.26
N LEU D 364 -6.76 18.48 -3.49
CA LEU D 364 -5.36 18.23 -3.77
C LEU D 364 -4.92 18.98 -5.03
N GLU D 365 -5.86 19.19 -5.95
CA GLU D 365 -5.55 19.82 -7.22
C GLU D 365 -5.28 21.32 -7.07
N LYS D 366 -6.15 22.00 -6.34
CA LYS D 366 -5.98 23.43 -6.10
C LYS D 366 -4.73 23.69 -5.28
N LEU D 367 -4.55 22.91 -4.22
CA LEU D 367 -3.41 23.12 -3.34
C LEU D 367 -2.09 22.94 -4.10
N ARG D 368 -1.93 21.80 -4.77
CA ARG D 368 -0.69 21.49 -5.49
C ARG D 368 -0.37 22.53 -6.57
N GLU D 369 -1.40 23.05 -7.22
CA GLU D 369 -1.22 24.06 -8.24
C GLU D 369 -0.75 25.35 -7.58
N PHE D 370 -1.49 25.77 -6.55
CA PHE D 370 -1.08 26.94 -5.79
C PHE D 370 0.36 26.82 -5.25
N LEU D 371 0.68 25.67 -4.66
CA LEU D 371 2.04 25.46 -4.13
C LEU D 371 3.12 25.27 -5.21
N ARG D 372 2.70 24.95 -6.42
CA ARG D 372 3.64 24.75 -7.51
C ARG D 372 4.24 26.10 -7.89
N GLY D 373 3.35 27.06 -8.12
CA GLY D 373 3.73 28.39 -8.55
C GLY D 373 3.91 29.36 -7.41
O1 PG4 E . 21.80 -5.02 -31.56
C1 PG4 E . 21.21 -3.74 -31.49
C2 PG4 E . 21.99 -2.53 -31.99
O2 PG4 E . 22.08 -2.32 -33.37
C3 PG4 E . 23.28 -1.85 -33.91
C4 PG4 E . 23.83 -2.55 -35.14
O3 PG4 E . 23.21 -3.73 -35.58
O1 PG4 F . 24.57 -6.48 -24.26
C1 PG4 F . 25.51 -5.97 -25.18
C2 PG4 F . 26.73 -6.82 -25.46
O2 PG4 F . 27.89 -6.53 -24.76
C3 PG4 F . 28.69 -5.45 -25.18
C4 PG4 F . 29.20 -4.55 -24.05
O3 PG4 F . 28.32 -3.54 -23.67
C5 PG4 F . 28.25 -3.11 -22.35
C6 PG4 F . 26.97 -3.41 -21.59
O4 PG4 F . 27.09 -3.49 -20.20
C7 PG4 F . 27.96 -4.44 -19.66
C8 PG4 F . 28.69 -4.13 -18.36
C1 GOL G . 16.83 -1.64 -40.69
O1 GOL G . 16.10 -2.21 -41.74
C2 GOL G . 16.22 -2.06 -39.35
O2 GOL G . 16.36 -3.44 -39.13
C3 GOL G . 14.78 -1.61 -39.24
O3 GOL G . 14.64 -1.03 -37.95
C1 GOL H . 17.25 2.00 -40.79
O1 GOL H . 16.81 3.20 -41.40
C2 GOL H . 17.20 1.97 -39.26
O2 GOL H . 17.34 0.62 -38.88
C3 GOL H . 15.87 2.52 -38.72
O3 GOL H . 16.00 3.29 -37.53
C1 GOL I . 8.20 -30.42 -22.70
O1 GOL I . 6.89 -30.42 -23.20
C2 GOL I . 8.33 -31.49 -21.63
O2 GOL I . 9.63 -32.02 -21.66
C3 GOL I . 7.98 -30.87 -20.26
O3 GOL I . 7.21 -29.69 -20.40
NI NI J . 7.79 -22.91 -23.59
CL CL K . 25.31 12.24 -34.67
CL CL L . 26.06 17.16 -31.32
CL CL M . 29.61 16.21 -37.84
C1 GOL N . -17.20 36.85 15.03
O1 GOL N . -16.05 36.02 15.05
C2 GOL N . -16.84 38.30 15.37
O2 GOL N . -16.62 38.99 14.16
C3 GOL N . -18.00 38.95 16.12
O3 GOL N . -17.54 39.89 17.09
NI NI O . -25.12 13.23 28.95
CL CL P . 2.01 45.56 19.44
CL CL Q . 8.61 42.23 27.69
C1 GOL R . 34.34 -9.05 -17.39
O1 GOL R . 34.26 -9.27 -18.79
C2 GOL R . 33.23 -8.08 -16.97
O2 GOL R . 33.47 -7.54 -15.69
C3 GOL R . 31.90 -8.83 -16.97
O3 GOL R . 31.00 -8.24 -17.87
C1 GOL S . 36.60 -7.24 -19.41
O1 GOL S . 37.10 -6.61 -20.59
C2 GOL S . 35.87 -6.29 -18.45
O2 GOL S . 34.49 -6.16 -18.73
C3 GOL S . 36.58 -4.96 -18.24
O3 GOL S . 37.18 -4.84 -16.95
C1 BME T . 14.96 -32.94 -18.85
C2 BME T . 13.97 -32.77 -20.01
O1 BME T . 15.93 -31.91 -18.87
S2 BME T . 12.55 -31.70 -19.64
C1 BME U . 10.13 -34.44 -25.61
C2 BME U . 10.48 -33.14 -24.87
O1 BME U . 11.26 -35.28 -25.56
S2 BME U . 9.05 -32.03 -24.84
NI NI V . 15.82 -28.29 -24.16
CL CL W . 28.95 10.38 -41.34
O1 PG4 X . -11.33 29.04 20.42
C1 PG4 X . -10.85 30.30 20.03
C2 PG4 X . -11.11 31.50 20.95
O2 PG4 X . -10.71 32.76 20.44
C3 PG4 X . -11.59 33.37 19.55
C4 PG4 X . -11.04 34.20 18.40
O3 PG4 X . -10.06 33.64 17.55
C5 PG4 X . -10.23 32.40 16.91
C6 PG4 X . -11.52 32.11 16.14
O4 PG4 X . -11.46 31.90 14.75
C7 PG4 X . -12.61 31.95 13.94
C8 PG4 X . -13.74 32.92 14.29
O5 PG4 X . -14.67 33.33 13.32
O1 PG4 Y . -7.69 26.88 25.81
C1 PG4 Y . -7.33 28.24 25.65
C2 PG4 Y . -5.89 28.63 26.02
O2 PG4 Y . -4.88 27.97 25.31
C3 PG4 Y . -3.54 28.22 25.62
C4 PG4 Y . -3.04 29.64 25.45
O3 PG4 Y . -2.32 30.17 26.53
C5 PG4 Y . -2.97 30.87 27.56
C6 PG4 Y . -3.73 30.05 28.61
O4 PG4 Y . -3.63 30.43 29.95
C1 GOL Z . 3.77 26.76 30.05
O1 GOL Z . 2.48 27.34 30.00
C2 GOL Z . 4.82 27.59 29.31
O2 GOL Z . 5.52 28.31 30.30
C3 GOL Z . 5.81 26.65 28.63
O3 GOL Z . 6.03 26.96 27.25
C1 GOL AA . -24.76 5.89 29.56
O1 GOL AA . -25.47 5.65 30.78
C2 GOL AA . -25.24 4.96 28.43
O2 GOL AA . -26.62 5.21 28.25
C3 GOL AA . -24.55 5.26 27.08
O3 GOL AA . -24.75 4.24 26.09
CL CL BA . 8.18 38.17 21.11
NI NI CA . -17.97 7.32 26.01
CL CL DA . 11.43 44.42 22.13
#